data_4PWW
# 
_entry.id   4PWW 
# 
_audit_conform.dict_name       mmcif_pdbx.dic 
_audit_conform.dict_version    5.379 
_audit_conform.dict_location   http://mmcif.pdb.org/dictionaries/ascii/mmcif_pdbx.dic 
# 
loop_
_database_2.database_id 
_database_2.database_code 
_database_2.pdbx_database_accession 
_database_2.pdbx_DOI 
PDB   4PWW         pdb_00004pww 10.2210/pdb4pww/pdb 
RCSB  RCSB085320   ?            ?                   
WWPDB D_1000085320 ?            ?                   
# 
_pdbx_database_related.db_name        TargetTrack 
_pdbx_database_related.db_id          NESG-OR494 
_pdbx_database_related.details        . 
_pdbx_database_related.content_type   unspecified 
# 
_pdbx_database_status.entry_id                        4PWW 
_pdbx_database_status.status_code                     REL 
_pdbx_database_status.deposit_site                    RCSB 
_pdbx_database_status.process_site                    RCSB 
_pdbx_database_status.recvd_initial_deposition_date   2014-03-21 
_pdbx_database_status.status_code_sf                  REL 
_pdbx_database_status.status_code_mr                  ? 
_pdbx_database_status.SG_entry                        Y 
_pdbx_database_status.status_code_cs                  ? 
_pdbx_database_status.methods_development_category    ? 
_pdbx_database_status.pdb_format_compatible           Y 
_pdbx_database_status.status_code_nmr_data            ? 
# 
loop_
_audit_author.name 
_audit_author.pdbx_ordinal 
'Vorobiev, S.'                                    1  
'Lin, Y.-R.'                                      2  
'Seetharaman, J.'                                 3  
'Xiao, R.'                                        4  
'Everett, J.K.'                                   5  
'Acton, T.B.'                                     6  
'Baker, D.'                                       7  
'Montelione, G.T.'                                8  
'Tong, L.'                                        9  
'Hunt, J.F.'                                      10 
'Northeast Structural Genomics Consortium (NESG)' 11 
# 
_citation.id                        primary 
_citation.title                     'Crystal Structure of Engineered Protein OR494.' 
_citation.journal_abbrev            'To be Published' 
_citation.journal_volume            ? 
_citation.page_first                ? 
_citation.page_last                 ? 
_citation.year                      ? 
_citation.journal_id_ASTM           ? 
_citation.country                   ? 
_citation.journal_id_ISSN           ? 
_citation.journal_id_CSD            0353 
_citation.book_publisher            ? 
_citation.pdbx_database_id_PubMed   ? 
_citation.pdbx_database_id_DOI      ? 
# 
loop_
_citation_author.citation_id 
_citation_author.name 
_citation_author.ordinal 
_citation_author.identifier_ORCID 
primary 'Vorobiev, S.'     1  ? 
primary 'Lin, Y.-R.'       2  ? 
primary 'Seetharaman, J.'  3  ? 
primary 'Xiao, R.'         4  ? 
primary 'Everett, J.K.'    5  ? 
primary 'Acton, T.B.'      6  ? 
primary 'Baker, D.'        7  ? 
primary 'Montelione, G.T.' 8  ? 
primary 'Tong, L.'         9  ? 
primary 'Hunt, J.F.'       10 ? 
# 
_cell.entry_id           4PWW 
_cell.length_a           33.548 
_cell.length_b           69.645 
_cell.length_c           73.138 
_cell.angle_alpha        90.000 
_cell.angle_beta         90.000 
_cell.angle_gamma        90.000 
_cell.pdbx_unique_axis   ? 
_cell.Z_PDB              8 
_cell.length_a_esd       ? 
_cell.length_b_esd       ? 
_cell.length_c_esd       ? 
_cell.angle_alpha_esd    ? 
_cell.angle_beta_esd     ? 
_cell.angle_gamma_esd    ? 
# 
_symmetry.entry_id                         4PWW 
_symmetry.space_group_name_H-M             'I 21 21 21' 
_symmetry.Int_Tables_number                24 
_symmetry.pdbx_full_space_group_name_H-M   ? 
_symmetry.cell_setting                     ? 
_symmetry.space_group_name_Hall            ? 
# 
loop_
_entity.id 
_entity.type 
_entity.src_method 
_entity.pdbx_description 
_entity.formula_weight 
_entity.pdbx_number_of_molecules 
_entity.pdbx_ec 
_entity.pdbx_mutation 
_entity.pdbx_fragment 
_entity.details 
1 polymer     man OR494           10190.724 1  ? ? ? ? 
2 non-polymer syn 'PHOSPHATE ION' 94.971    1  ? ? ? ? 
3 non-polymer syn 'ACETIC ACID'   60.052    3  ? ? ? ? 
4 water       nat water           18.015    96 ? ? ? ? 
# 
_entity_poly.entity_id                      1 
_entity_poly.type                           'polypeptide(L)' 
_entity_poly.nstd_linkage                   no 
_entity_poly.nstd_monomer                   no 
_entity_poly.pdbx_seq_one_letter_code       
;MEMDIRFRGDDLEALLKAAIEMIKQALKFGATITLSLDGNDLEIRITGVPEQVRKELAKEAERLAKEFGITVTRTIRGSW
SLEHHHHHH
;
_entity_poly.pdbx_seq_one_letter_code_can   
;MEMDIRFRGDDLEALLKAAIEMIKQALKFGATITLSLDGNDLEIRITGVPEQVRKELAKEAERLAKEFGITVTRTIRGSW
SLEHHHHHH
;
_entity_poly.pdbx_strand_id                 A 
_entity_poly.pdbx_target_identifier         NESG-OR494 
# 
loop_
_entity_poly_seq.entity_id 
_entity_poly_seq.num 
_entity_poly_seq.mon_id 
_entity_poly_seq.hetero 
1 1  MET n 
1 2  GLU n 
1 3  MET n 
1 4  ASP n 
1 5  ILE n 
1 6  ARG n 
1 7  PHE n 
1 8  ARG n 
1 9  GLY n 
1 10 ASP n 
1 11 ASP n 
1 12 LEU n 
1 13 GLU n 
1 14 ALA n 
1 15 LEU n 
1 16 LEU n 
1 17 LYS n 
1 18 ALA n 
1 19 ALA n 
1 20 ILE n 
1 21 GLU n 
1 22 MET n 
1 23 ILE n 
1 24 LYS n 
1 25 GLN n 
1 26 ALA n 
1 27 LEU n 
1 28 LYS n 
1 29 PHE n 
1 30 GLY n 
1 31 ALA n 
1 32 THR n 
1 33 ILE n 
1 34 THR n 
1 35 LEU n 
1 36 SER n 
1 37 LEU n 
1 38 ASP n 
1 39 GLY n 
1 40 ASN n 
1 41 ASP n 
1 42 LEU n 
1 43 GLU n 
1 44 ILE n 
1 45 ARG n 
1 46 ILE n 
1 47 THR n 
1 48 GLY n 
1 49 VAL n 
1 50 PRO n 
1 51 GLU n 
1 52 GLN n 
1 53 VAL n 
1 54 ARG n 
1 55 LYS n 
1 56 GLU n 
1 57 LEU n 
1 58 ALA n 
1 59 LYS n 
1 60 GLU n 
1 61 ALA n 
1 62 GLU n 
1 63 ARG n 
1 64 LEU n 
1 65 ALA n 
1 66 LYS n 
1 67 GLU n 
1 68 PHE n 
1 69 GLY n 
1 70 ILE n 
1 71 THR n 
1 72 VAL n 
1 73 THR n 
1 74 ARG n 
1 75 THR n 
1 76 ILE n 
1 77 ARG n 
1 78 GLY n 
1 79 SER n 
1 80 TRP n 
1 81 SER n 
1 82 LEU n 
1 83 GLU n 
1 84 HIS n 
1 85 HIS n 
1 86 HIS n 
1 87 HIS n 
1 88 HIS n 
1 89 HIS n 
# 
_entity_src_gen.entity_id                          1 
_entity_src_gen.pdbx_src_id                        1 
_entity_src_gen.pdbx_alt_source_flag               sample 
_entity_src_gen.pdbx_seq_type                      ? 
_entity_src_gen.pdbx_beg_seq_num                   ? 
_entity_src_gen.pdbx_end_seq_num                   ? 
_entity_src_gen.gene_src_common_name               'artificial gene' 
_entity_src_gen.gene_src_genus                     ? 
_entity_src_gen.pdbx_gene_src_gene                 ? 
_entity_src_gen.gene_src_species                   ? 
_entity_src_gen.gene_src_strain                    ? 
_entity_src_gen.gene_src_tissue                    ? 
_entity_src_gen.gene_src_tissue_fraction           ? 
_entity_src_gen.gene_src_details                   ? 
_entity_src_gen.pdbx_gene_src_fragment             ? 
_entity_src_gen.pdbx_gene_src_scientific_name      'synthetic construct' 
_entity_src_gen.pdbx_gene_src_ncbi_taxonomy_id     32630 
_entity_src_gen.pdbx_gene_src_variant              ? 
_entity_src_gen.pdbx_gene_src_cell_line            ? 
_entity_src_gen.pdbx_gene_src_atcc                 ? 
_entity_src_gen.pdbx_gene_src_organ                ? 
_entity_src_gen.pdbx_gene_src_organelle            ? 
_entity_src_gen.pdbx_gene_src_cell                 ? 
_entity_src_gen.pdbx_gene_src_cellular_location    ? 
_entity_src_gen.host_org_common_name               ? 
_entity_src_gen.pdbx_host_org_scientific_name      'Escherichia coli' 
_entity_src_gen.pdbx_host_org_ncbi_taxonomy_id     469008 
_entity_src_gen.host_org_genus                     ? 
_entity_src_gen.pdbx_host_org_gene                 ? 
_entity_src_gen.pdbx_host_org_organ                ? 
_entity_src_gen.host_org_species                   ? 
_entity_src_gen.pdbx_host_org_tissue               ? 
_entity_src_gen.pdbx_host_org_tissue_fraction      ? 
_entity_src_gen.pdbx_host_org_strain               'BL21(DE3)' 
_entity_src_gen.pdbx_host_org_variant              ? 
_entity_src_gen.pdbx_host_org_cell_line            ? 
_entity_src_gen.pdbx_host_org_atcc                 ? 
_entity_src_gen.pdbx_host_org_culture_collection   ? 
_entity_src_gen.pdbx_host_org_cell                 ? 
_entity_src_gen.pdbx_host_org_organelle            ? 
_entity_src_gen.pdbx_host_org_cellular_location    ? 
_entity_src_gen.pdbx_host_org_vector_type          PET21_NESG 
_entity_src_gen.pdbx_host_org_vector               ? 
_entity_src_gen.host_org_details                   ? 
_entity_src_gen.expression_system_id               ? 
_entity_src_gen.plasmid_name                       OR494-21.1 
_entity_src_gen.plasmid_details                    ? 
_entity_src_gen.pdbx_description                   ? 
# 
_struct_ref.id                         1 
_struct_ref.db_name                    PDB 
_struct_ref.db_code                    4PWW 
_struct_ref.pdbx_db_accession          4PWW 
_struct_ref.entity_id                  1 
_struct_ref.pdbx_align_begin           1 
_struct_ref.pdbx_seq_one_letter_code   
;MEMDIRFRGDDLEALLKAAIEMIKQALKFGATITLSLDGNDLEIRITGVPEQVRKELAKEAERLAKEFGITVTRTIRGSW
SLEHHHHHH
;
_struct_ref.pdbx_db_isoform            ? 
# 
_struct_ref_seq.align_id                      1 
_struct_ref_seq.ref_id                        1 
_struct_ref_seq.pdbx_PDB_id_code              4PWW 
_struct_ref_seq.pdbx_strand_id                A 
_struct_ref_seq.seq_align_beg                 1 
_struct_ref_seq.pdbx_seq_align_beg_ins_code   ? 
_struct_ref_seq.seq_align_end                 89 
_struct_ref_seq.pdbx_seq_align_end_ins_code   ? 
_struct_ref_seq.pdbx_db_accession             4PWW 
_struct_ref_seq.db_align_beg                  1 
_struct_ref_seq.pdbx_db_align_beg_ins_code    ? 
_struct_ref_seq.db_align_end                  89 
_struct_ref_seq.pdbx_db_align_end_ins_code    ? 
_struct_ref_seq.pdbx_auth_seq_align_beg       1 
_struct_ref_seq.pdbx_auth_seq_align_end       89 
# 
loop_
_chem_comp.id 
_chem_comp.type 
_chem_comp.mon_nstd_flag 
_chem_comp.name 
_chem_comp.pdbx_synonyms 
_chem_comp.formula 
_chem_comp.formula_weight 
ACY non-polymer         . 'ACETIC ACID'   ? 'C2 H4 O2'       60.052  
ALA 'L-peptide linking' y ALANINE         ? 'C3 H7 N O2'     89.093  
ARG 'L-peptide linking' y ARGININE        ? 'C6 H15 N4 O2 1' 175.209 
ASN 'L-peptide linking' y ASPARAGINE      ? 'C4 H8 N2 O3'    132.118 
ASP 'L-peptide linking' y 'ASPARTIC ACID' ? 'C4 H7 N O4'     133.103 
GLN 'L-peptide linking' y GLUTAMINE       ? 'C5 H10 N2 O3'   146.144 
GLU 'L-peptide linking' y 'GLUTAMIC ACID' ? 'C5 H9 N O4'     147.129 
GLY 'peptide linking'   y GLYCINE         ? 'C2 H5 N O2'     75.067  
HIS 'L-peptide linking' y HISTIDINE       ? 'C6 H10 N3 O2 1' 156.162 
HOH non-polymer         . WATER           ? 'H2 O'           18.015  
ILE 'L-peptide linking' y ISOLEUCINE      ? 'C6 H13 N O2'    131.173 
LEU 'L-peptide linking' y LEUCINE         ? 'C6 H13 N O2'    131.173 
LYS 'L-peptide linking' y LYSINE          ? 'C6 H15 N2 O2 1' 147.195 
MET 'L-peptide linking' y METHIONINE      ? 'C5 H11 N O2 S'  149.211 
PHE 'L-peptide linking' y PHENYLALANINE   ? 'C9 H11 N O2'    165.189 
PO4 non-polymer         . 'PHOSPHATE ION' ? 'O4 P -3'        94.971  
PRO 'L-peptide linking' y PROLINE         ? 'C5 H9 N O2'     115.130 
SER 'L-peptide linking' y SERINE          ? 'C3 H7 N O3'     105.093 
THR 'L-peptide linking' y THREONINE       ? 'C4 H9 N O3'     119.119 
TRP 'L-peptide linking' y TRYPTOPHAN      ? 'C11 H12 N2 O2'  204.225 
VAL 'L-peptide linking' y VALINE          ? 'C5 H11 N O2'    117.146 
# 
_exptl.crystals_number   1 
_exptl.entry_id          4PWW 
_exptl.method            'X-RAY DIFFRACTION' 
# 
_exptl_crystal.id                    1 
_exptl_crystal.density_Matthews      2.10 
_exptl_crystal.density_meas          ? 
_exptl_crystal.density_percent_sol   41.32 
_exptl_crystal.description           ? 
_exptl_crystal.F_000                 ? 
_exptl_crystal.preparation           ? 
# 
_exptl_crystal_grow.crystal_id      1 
_exptl_crystal_grow.method          'Microbatch crystallization under oil' 
_exptl_crystal_grow.pH              3.5 
_exptl_crystal_grow.temp            291 
_exptl_crystal_grow.pdbx_details    
;Protein solution: 100mM NaCl, 5mM DTT, 0.02% NaN3, 10mM Tris-HCl (pH 7.5). Reservoir solution: 2.0M ammonium sulfate, 0.1M citric acid, pH 3.5, Microbatch crystallization under oil, temperature 291K
;
_exptl_crystal_grow.temp_details    ? 
_exptl_crystal_grow.pdbx_pH_range   ? 
# 
_diffrn.id                     1 
_diffrn.ambient_temp           100 
_diffrn.ambient_temp_details   ? 
_diffrn.crystal_id             1 
# 
_diffrn_detector.diffrn_id              1 
_diffrn_detector.detector               CCD 
_diffrn_detector.type                   'MAR CCD 165 mm' 
_diffrn_detector.pdbx_collection_date   2014-03-14 
_diffrn_detector.details                ? 
# 
_diffrn_radiation.diffrn_id                        1 
_diffrn_radiation.pdbx_diffrn_protocol             'SINGLE WAVELENGTH' 
_diffrn_radiation.monochromator                    'Si 111 CHANNEL' 
_diffrn_radiation.wavelength_id                    1 
_diffrn_radiation.pdbx_monochromatic_or_laue_m_l   M 
_diffrn_radiation.pdbx_scattering_type             x-ray 
# 
_diffrn_radiation_wavelength.id           1 
_diffrn_radiation_wavelength.wavelength   0.97907 
_diffrn_radiation_wavelength.wt           1.0 
# 
_diffrn_source.diffrn_id                   1 
_diffrn_source.source                      SYNCHROTRON 
_diffrn_source.type                        'NSLS BEAMLINE X4C' 
_diffrn_source.pdbx_wavelength_list        0.97907 
_diffrn_source.pdbx_wavelength             ? 
_diffrn_source.pdbx_synchrotron_site       NSLS 
_diffrn_source.pdbx_synchrotron_beamline   X4C 
# 
_reflns.entry_id                     4PWW 
_reflns.B_iso_Wilson_estimate        16.380 
_reflns.observed_criterion_sigma_F   0 
_reflns.observed_criterion_sigma_I   0 
_reflns.d_resolution_high            1.47 
_reflns.d_resolution_low             50.0 
_reflns.number_all                   28181 
_reflns.number_obs                   27476 
_reflns.percent_possible_obs         97.5 
_reflns.pdbx_Rmerge_I_obs            0.055 
_reflns.pdbx_Rsym_value              ? 
_reflns.pdbx_netI_over_sigmaI        33.25 
_reflns.pdbx_redundancy              4.5 
_reflns.R_free_details               ? 
_reflns.limit_h_max                  ? 
_reflns.limit_h_min                  ? 
_reflns.limit_k_max                  ? 
_reflns.limit_k_min                  ? 
_reflns.limit_l_max                  ? 
_reflns.limit_l_min                  ? 
_reflns.observed_criterion_F_max     ? 
_reflns.observed_criterion_F_min     ? 
_reflns.pdbx_chi_squared             ? 
_reflns.pdbx_scaling_rejects         ? 
_reflns.pdbx_ordinal                 1 
_reflns.pdbx_diffrn_id               1 
# 
_reflns_shell.d_res_high             1.47 
_reflns_shell.d_res_low              1.52 
_reflns_shell.percent_possible_obs   ? 
_reflns_shell.percent_possible_all   91.2 
_reflns_shell.Rmerge_I_obs           0.403 
_reflns_shell.meanI_over_sigI_obs    4.2 
_reflns_shell.pdbx_Rsym_value        ? 
_reflns_shell.pdbx_redundancy        3.7 
_reflns_shell.number_unique_all      2840 
_reflns_shell.number_measured_all    ? 
_reflns_shell.number_measured_obs    ? 
_reflns_shell.number_unique_obs      ? 
_reflns_shell.pdbx_chi_squared       ? 
_reflns_shell.pdbx_ordinal           1 
_reflns_shell.pdbx_diffrn_id         1 
# 
_refine.entry_id                                 4PWW 
_refine.ls_d_res_high                            1.471 
_refine.ls_d_res_low                             36.569 
_refine.pdbx_ls_sigma_F                          1.91 
_refine.pdbx_data_cutoff_high_absF               ? 
_refine.pdbx_data_cutoff_low_absF                ? 
_refine.ls_percent_reflns_obs                    97.470 
_refine.ls_number_reflns_obs                     27452 
_refine.ls_number_reflns_all                     ? 
_refine.pdbx_ls_cross_valid_method               THROUGHOUT 
_refine.pdbx_R_Free_selection_details            RANDOM 
_refine.details                                  
;Presence of phosphate and acetate ions were traced back to a purification procedure.   
There is unknown ligand in the structure which was modeled by water molecules (A593-596).
;
_refine.ls_R_factor_all                          ? 
_refine.ls_R_factor_obs                          0.181 
_refine.ls_R_factor_R_work                       0.179 
_refine.ls_wR_factor_R_work                      ? 
_refine.ls_R_factor_R_free                       0.216 
_refine.ls_wR_factor_R_free                      ? 
_refine.ls_percent_reflns_R_free                 5.060 
_refine.ls_number_reflns_R_free                  1390 
_refine.ls_R_factor_R_free_error                 ? 
_refine.B_iso_mean                               25.281 
_refine.solvent_model_param_bsol                 50.118 
_refine.solvent_model_param_ksol                 0.379 
_refine.pdbx_isotropic_thermal_model             ? 
_refine.aniso_B[1][1]                            -3.685 
_refine.aniso_B[2][2]                            9.324 
_refine.aniso_B[3][3]                            -5.639 
_refine.aniso_B[1][2]                            0.000 
_refine.aniso_B[1][3]                            -0.000 
_refine.aniso_B[2][3]                            -0.000 
_refine.correlation_coeff_Fo_to_Fc               ? 
_refine.correlation_coeff_Fo_to_Fc_free          ? 
_refine.overall_SU_R_Cruickshank_DPI             ? 
_refine.overall_SU_R_free                        ? 
_refine.pdbx_overall_ESU_R                       ? 
_refine.pdbx_overall_ESU_R_Free                  ? 
_refine.overall_SU_ML                            0.320 
_refine.overall_SU_B                             ? 
_refine.solvent_model_details                    'FLAT BULK SOLVENT MODEL' 
_refine.pdbx_solvent_vdw_probe_radii             1.110 
_refine.pdbx_solvent_ion_probe_radii             ? 
_refine.pdbx_solvent_shrinkage_radii             0.900 
_refine.ls_number_parameters                     ? 
_refine.ls_number_restraints                     ? 
_refine.pdbx_starting_model                      'PDB ENTRY 4KY3' 
_refine.pdbx_method_to_determine_struct          'MOLECULAR REPLACEMENT' 
_refine.pdbx_stereochemistry_target_values       ML 
_refine.pdbx_stereochem_target_val_spec_case     ? 
_refine.overall_FOM_work_R_set                   ? 
_refine.B_iso_max                                64.69 
_refine.B_iso_min                                11.00 
_refine.pdbx_overall_phase_error                 22.040 
_refine.occupancy_max                            1.00 
_refine.occupancy_min                            0.43 
_refine.pdbx_ls_sigma_I                          ? 
_refine.ls_redundancy_reflns_obs                 ? 
_refine.ls_R_factor_R_free_error_details         ? 
_refine.pdbx_data_cutoff_high_rms_absF           ? 
_refine.overall_FOM_free_R_set                   ? 
_refine.pdbx_diffrn_id                           1 
_refine.pdbx_refine_id                           'X-RAY DIFFRACTION' 
_refine.pdbx_TLS_residual_ADP_flag               ? 
_refine.pdbx_overall_SU_R_free_Cruickshank_DPI   ? 
_refine.pdbx_overall_SU_R_Blow_DPI               ? 
_refine.pdbx_overall_SU_R_free_Blow_DPI          ? 
# 
_refine_hist.pdbx_refine_id                   'X-RAY DIFFRACTION' 
_refine_hist.cycle_id                         LAST 
_refine_hist.pdbx_number_atoms_protein        674 
_refine_hist.pdbx_number_atoms_nucleic_acid   0 
_refine_hist.pdbx_number_atoms_ligand         17 
_refine_hist.number_atoms_solvent             96 
_refine_hist.number_atoms_total               787 
_refine_hist.d_res_high                       1.471 
_refine_hist.d_res_low                        36.569 
# 
loop_
_refine_ls_restr.type 
_refine_ls_restr.number 
_refine_ls_restr.dev_ideal 
_refine_ls_restr.dev_ideal_target 
_refine_ls_restr.weight 
_refine_ls_restr.pdbx_restraint_function 
_refine_ls_restr.pdbx_refine_id 
f_bond_d           694 0.006  ? ? ? 'X-RAY DIFFRACTION' 
f_angle_d          927 0.936  ? ? ? 'X-RAY DIFFRACTION' 
f_chiral_restr     106 0.057  ? ? ? 'X-RAY DIFFRACTION' 
f_plane_restr      119 0.003  ? ? ? 'X-RAY DIFFRACTION' 
f_dihedral_angle_d 263 11.540 ? ? ? 'X-RAY DIFFRACTION' 
# 
loop_
_refine_ls_shell.d_res_high 
_refine_ls_shell.d_res_low 
_refine_ls_shell.pdbx_total_number_of_bins_used 
_refine_ls_shell.percent_reflns_obs 
_refine_ls_shell.number_reflns_R_work 
_refine_ls_shell.R_factor_all 
_refine_ls_shell.R_factor_R_work 
_refine_ls_shell.R_factor_R_free 
_refine_ls_shell.percent_reflns_R_free 
_refine_ls_shell.number_reflns_R_free 
_refine_ls_shell.R_factor_R_free_error 
_refine_ls_shell.number_reflns_all 
_refine_ls_shell.number_reflns_obs 
_refine_ls_shell.redundancy_reflns_obs 
_refine_ls_shell.pdbx_refine_id 
1.471 1.523  10 92.000  2458 . 0.272 0.325 . 136 . 2594 . . 'X-RAY DIFFRACTION' 
1.523 1.584  10 96.000  2565 . 0.195 0.218 . 139 . 2704 . . 'X-RAY DIFFRACTION' 
1.584 1.656  10 97.000  2579 . 0.188 0.283 . 175 . 2754 . . 'X-RAY DIFFRACTION' 
1.656 1.743  10 97.000  2559 . 0.173 0.256 . 139 . 2698 . . 'X-RAY DIFFRACTION' 
1.743 1.853  10 97.000  2609 . 0.169 0.247 . 140 . 2749 . . 'X-RAY DIFFRACTION' 
1.853 1.996  10 98.000  2653 . 0.166 0.213 . 112 . 2765 . . 'X-RAY DIFFRACTION' 
1.996 2.197  10 99.000  2635 . 0.160 0.188 . 153 . 2788 . . 'X-RAY DIFFRACTION' 
2.197 2.514  10 99.000  2633 . 0.153 0.189 . 142 . 2775 . . 'X-RAY DIFFRACTION' 
2.514 3.168  10 99.000  2668 . 0.181 0.212 . 129 . 2797 . . 'X-RAY DIFFRACTION' 
3.168 36.580 10 100.000 2703 . 0.189 0.211 . 125 . 2828 . . 'X-RAY DIFFRACTION' 
# 
_struct.entry_id                  4PWW 
_struct.title                     'Crystal Structure of Engineered Protein. Northeast Structural Genomics Consortium Target OR494.' 
_struct.pdbx_model_details        ? 
_struct.pdbx_CASP_flag            ? 
_struct.pdbx_model_type_details   ? 
# 
_struct_keywords.entry_id        4PWW 
_struct_keywords.text            
;Structural Genomics, PSI-Biology, Protein Structure Initiative, Northeast Structural Genomics Consortium, NESG, De Novo, OR494, DE NOVO PROTEIN
;
_struct_keywords.pdbx_keywords   'DE NOVO PROTEIN' 
# 
loop_
_struct_asym.id 
_struct_asym.pdbx_blank_PDB_chainid_flag 
_struct_asym.pdbx_modified 
_struct_asym.entity_id 
_struct_asym.details 
A N N 1 ? 
B N N 2 ? 
C N N 3 ? 
D N N 3 ? 
E N N 3 ? 
F N N 4 ? 
# 
_struct_biol.id        1 
_struct_biol.details   'dimer as reported by HPLC+light scattering' 
# 
loop_
_struct_conf.conf_type_id 
_struct_conf.id 
_struct_conf.pdbx_PDB_helix_id 
_struct_conf.beg_label_comp_id 
_struct_conf.beg_label_asym_id 
_struct_conf.beg_label_seq_id 
_struct_conf.pdbx_beg_PDB_ins_code 
_struct_conf.end_label_comp_id 
_struct_conf.end_label_asym_id 
_struct_conf.end_label_seq_id 
_struct_conf.pdbx_end_PDB_ins_code 
_struct_conf.beg_auth_comp_id 
_struct_conf.beg_auth_asym_id 
_struct_conf.beg_auth_seq_id 
_struct_conf.end_auth_comp_id 
_struct_conf.end_auth_asym_id 
_struct_conf.end_auth_seq_id 
_struct_conf.pdbx_PDB_helix_class 
_struct_conf.details 
_struct_conf.pdbx_PDB_helix_length 
HELX_P HELX_P1 1 ASP A 11 ? PHE A 29 ? ASP A 11 PHE A 29 1 ? 19 
HELX_P HELX_P2 2 PRO A 50 ? GLY A 69 ? PRO A 50 GLY A 69 1 ? 20 
HELX_P HELX_P3 3 SER A 79 ? GLU A 83 ? SER A 79 GLU A 83 5 ? 5  
# 
_struct_conf_type.id          HELX_P 
_struct_conf_type.criteria    ? 
_struct_conf_type.reference   ? 
# 
_struct_sheet.id               A 
_struct_sheet.type             ? 
_struct_sheet.number_strands   4 
_struct_sheet.details          ? 
# 
loop_
_struct_sheet_order.sheet_id 
_struct_sheet_order.range_id_1 
_struct_sheet_order.range_id_2 
_struct_sheet_order.offset 
_struct_sheet_order.sense 
A 1 2 ? anti-parallel 
A 2 3 ? anti-parallel 
A 3 4 ? anti-parallel 
# 
loop_
_struct_sheet_range.sheet_id 
_struct_sheet_range.id 
_struct_sheet_range.beg_label_comp_id 
_struct_sheet_range.beg_label_asym_id 
_struct_sheet_range.beg_label_seq_id 
_struct_sheet_range.pdbx_beg_PDB_ins_code 
_struct_sheet_range.end_label_comp_id 
_struct_sheet_range.end_label_asym_id 
_struct_sheet_range.end_label_seq_id 
_struct_sheet_range.pdbx_end_PDB_ins_code 
_struct_sheet_range.beg_auth_comp_id 
_struct_sheet_range.beg_auth_asym_id 
_struct_sheet_range.beg_auth_seq_id 
_struct_sheet_range.end_auth_comp_id 
_struct_sheet_range.end_auth_asym_id 
_struct_sheet_range.end_auth_seq_id 
A 1 THR A 32 ? ASP A 38 ? THR A 32 ASP A 38 
A 2 ASP A 41 ? THR A 47 ? ASP A 41 THR A 47 
A 3 MET A 3  ? ARG A 8  ? MET A 3  ARG A 8  
A 4 THR A 71 ? ARG A 74 ? THR A 71 ARG A 74 
# 
loop_
_pdbx_struct_sheet_hbond.sheet_id 
_pdbx_struct_sheet_hbond.range_id_1 
_pdbx_struct_sheet_hbond.range_id_2 
_pdbx_struct_sheet_hbond.range_1_label_atom_id 
_pdbx_struct_sheet_hbond.range_1_label_comp_id 
_pdbx_struct_sheet_hbond.range_1_label_asym_id 
_pdbx_struct_sheet_hbond.range_1_label_seq_id 
_pdbx_struct_sheet_hbond.range_1_PDB_ins_code 
_pdbx_struct_sheet_hbond.range_1_auth_atom_id 
_pdbx_struct_sheet_hbond.range_1_auth_comp_id 
_pdbx_struct_sheet_hbond.range_1_auth_asym_id 
_pdbx_struct_sheet_hbond.range_1_auth_seq_id 
_pdbx_struct_sheet_hbond.range_2_label_atom_id 
_pdbx_struct_sheet_hbond.range_2_label_comp_id 
_pdbx_struct_sheet_hbond.range_2_label_asym_id 
_pdbx_struct_sheet_hbond.range_2_label_seq_id 
_pdbx_struct_sheet_hbond.range_2_PDB_ins_code 
_pdbx_struct_sheet_hbond.range_2_auth_atom_id 
_pdbx_struct_sheet_hbond.range_2_auth_comp_id 
_pdbx_struct_sheet_hbond.range_2_auth_asym_id 
_pdbx_struct_sheet_hbond.range_2_auth_seq_id 
A 1 2 N THR A 34 ? N THR A 34 O ARG A 45 ? O ARG A 45 
A 2 3 O ILE A 44 ? O ILE A 44 N ILE A 5  ? N ILE A 5  
A 3 4 N ARG A 8  ? N ARG A 8  O THR A 71 ? O THR A 71 
# 
loop_
_struct_site.id 
_struct_site.pdbx_evidence_code 
_struct_site.pdbx_auth_asym_id 
_struct_site.pdbx_auth_comp_id 
_struct_site.pdbx_auth_seq_id 
_struct_site.pdbx_auth_ins_code 
_struct_site.pdbx_num_residues 
_struct_site.details 
AC1 Software A PO4 301 ? 8 'BINDING SITE FOR RESIDUE PO4 A 301' 
AC2 Software A ACY 302 ? 3 'BINDING SITE FOR RESIDUE ACY A 302' 
AC3 Software A ACY 303 ? 5 'BINDING SITE FOR RESIDUE ACY A 303' 
AC4 Software A ACY 304 ? 6 'BINDING SITE FOR RESIDUE ACY A 304' 
# 
loop_
_struct_site_gen.id 
_struct_site_gen.site_id 
_struct_site_gen.pdbx_num_res 
_struct_site_gen.label_comp_id 
_struct_site_gen.label_asym_id 
_struct_site_gen.label_seq_id 
_struct_site_gen.pdbx_auth_ins_code 
_struct_site_gen.auth_comp_id 
_struct_site_gen.auth_asym_id 
_struct_site_gen.auth_seq_id 
_struct_site_gen.label_atom_id 
_struct_site_gen.label_alt_id 
_struct_site_gen.symmetry 
_struct_site_gen.details 
1  AC1 8 ARG A 54 ? ARG A 54  . ? 1_555 ? 
2  AC1 8 ARG A 74 ? ARG A 74  . ? 1_555 ? 
3  AC1 8 ARG A 77 ? ARG A 77  . ? 1_555 ? 
4  AC1 8 HOH F .  ? HOH A 503 . ? 1_555 ? 
5  AC1 8 HOH F .  ? HOH A 537 . ? 1_555 ? 
6  AC1 8 HOH F .  ? HOH A 552 . ? 1_555 ? 
7  AC1 8 HOH F .  ? HOH A 554 . ? 1_555 ? 
8  AC1 8 HOH F .  ? HOH A 558 . ? 1_555 ? 
9  AC2 3 PRO A 50 ? PRO A 50  . ? 1_555 ? 
10 AC2 3 GLU A 51 ? GLU A 51  . ? 1_555 ? 
11 AC2 3 ARG A 54 ? ARG A 54  . ? 1_555 ? 
12 AC3 5 ARG A 8  ? ARG A 8   . ? 1_555 ? 
13 AC3 5 GLU A 43 ? GLU A 43  . ? 8_566 ? 
14 AC3 5 SER A 81 ? SER A 81  . ? 8_566 ? 
15 AC3 5 HOH F .  ? HOH A 508 . ? 8_566 ? 
16 AC3 5 HOH F .  ? HOH A 592 . ? 8_566 ? 
17 AC4 6 GLU A 62 ? GLU A 62  . ? 8_566 ? 
18 AC4 6 LYS A 66 ? LYS A 66  . ? 8_566 ? 
19 AC4 6 ARG A 77 ? ARG A 77  . ? 1_555 ? 
20 AC4 6 TRP A 80 ? TRP A 80  . ? 6_665 ? 
21 AC4 6 HOH F .  ? HOH A 565 . ? 8_566 ? 
22 AC4 6 HOH F .  ? HOH A 587 . ? 1_555 ? 
# 
_atom_sites.entry_id                    4PWW 
_atom_sites.fract_transf_matrix[1][1]   0.00132202 
_atom_sites.fract_transf_matrix[1][2]   0.02644881 
_atom_sites.fract_transf_matrix[1][3]   -0.01368318 
_atom_sites.fract_transf_matrix[2][1]   0.01194657 
_atom_sites.fract_transf_matrix[2][2]   -0.00412338 
_atom_sites.fract_transf_matrix[2][3]   -0.00681602 
_atom_sites.fract_transf_matrix[3][1]   -0.00756134 
_atom_sites.fract_transf_matrix[3][2]   -0.00493415 
_atom_sites.fract_transf_matrix[3][3]   -0.01026797 
_atom_sites.fract_transf_vector[1]      0.618826 
_atom_sites.fract_transf_vector[2]      0.457738 
_atom_sites.fract_transf_vector[3]      0.621418 
# 
loop_
_atom_type.symbol 
C 
N 
O 
P 
S 
# 
loop_
_atom_site.group_PDB 
_atom_site.id 
_atom_site.type_symbol 
_atom_site.label_atom_id 
_atom_site.label_alt_id 
_atom_site.label_comp_id 
_atom_site.label_asym_id 
_atom_site.label_entity_id 
_atom_site.label_seq_id 
_atom_site.pdbx_PDB_ins_code 
_atom_site.Cartn_x 
_atom_site.Cartn_y 
_atom_site.Cartn_z 
_atom_site.occupancy 
_atom_site.B_iso_or_equiv 
_atom_site.pdbx_formal_charge 
_atom_site.auth_seq_id 
_atom_site.auth_comp_id 
_atom_site.auth_asym_id 
_atom_site.auth_atom_id 
_atom_site.pdbx_PDB_model_num 
ATOM   1   N N   . MET A 1 1  ? 11.164  -9.486  -0.630  1.00 38.48 ? 1   MET A N   1 
ATOM   2   C CA  . MET A 1 1  ? 10.236  -9.056  -1.667  1.00 39.34 ? 1   MET A CA  1 
ATOM   3   C C   . MET A 1 1  ? 9.329   -7.959  -1.141  1.00 35.80 ? 1   MET A C   1 
ATOM   4   O O   . MET A 1 1  ? 8.537   -8.177  -0.225  1.00 36.88 ? 1   MET A O   1 
ATOM   5   C CB  . MET A 1 1  ? 9.384   -10.229 -2.154  1.00 42.49 ? 1   MET A CB  1 
ATOM   6   C CG  . MET A 1 1  ? 8.323   -9.855  -3.183  1.00 45.10 ? 1   MET A CG  1 
ATOM   7   S SD  . MET A 1 1  ? 8.992   -9.539  -4.832  1.00 48.47 ? 1   MET A SD  1 
ATOM   8   C CE  . MET A 1 1  ? 9.153   -7.756  -4.840  1.00 48.29 ? 1   MET A CE  1 
ATOM   9   N N   . GLU A 1 2  ? 9.440   -6.773  -1.716  1.00 33.04 ? 2   GLU A N   1 
ATOM   10  C CA  . GLU A 1 2  ? 8.559   -5.701  -1.304  1.00 26.71 ? 2   GLU A CA  1 
ATOM   11  C C   . GLU A 1 2  ? 7.148   -5.945  -1.827  1.00 21.15 ? 2   GLU A C   1 
ATOM   12  O O   . GLU A 1 2  ? 6.900   -6.882  -2.593  1.00 22.38 ? 2   GLU A O   1 
ATOM   13  C CB  . GLU A 1 2  ? 9.089   -4.341  -1.757  1.00 28.60 ? 2   GLU A CB  1 
ATOM   14  C CG  . GLU A 1 2  ? 8.933   -4.028  -3.217  1.00 28.28 ? 2   GLU A CG  1 
ATOM   15  C CD  . GLU A 1 2  ? 9.666   -2.759  -3.610  1.00 28.96 ? 2   GLU A CD  1 
ATOM   16  O OE1 . GLU A 1 2  ? 10.904  -2.740  -3.500  1.00 28.66 ? 2   GLU A OE1 1 
ATOM   17  O OE2 . GLU A 1 2  ? 9.012   -1.777  -4.027  1.00 28.88 ? 2   GLU A OE2 1 
ATOM   18  N N   . MET A 1 3  ? 6.219   -5.132  -1.361  1.00 16.02 ? 3   MET A N   1 
ATOM   19  C CA  . MET A 1 3  ? 4.907   -5.075  -1.988  1.00 15.15 ? 3   MET A CA  1 
ATOM   20  C C   . MET A 1 3  ? 4.611   -3.625  -2.321  1.00 14.28 ? 3   MET A C   1 
ATOM   21  O O   . MET A 1 3  ? 4.915   -2.712  -1.550  1.00 16.03 ? 3   MET A O   1 
ATOM   22  C CB  . MET A 1 3  ? 3.816   -5.734  -1.130  1.00 21.58 ? 3   MET A CB  1 
ATOM   23  C CG  . MET A 1 3  ? 3.052   -4.826  -0.194  1.00 25.04 ? 3   MET A CG  1 
ATOM   24  S SD  . MET A 1 3  ? 2.109   -5.766  1.028   1.00 21.19 ? 3   MET A SD  1 
ATOM   25  C CE  . MET A 1 3  ? 0.478   -5.858  0.296   1.00 21.25 ? 3   MET A CE  1 
ATOM   26  N N   . ASP A 1 4  ? 4.090   -3.408  -3.516  1.00 12.19 ? 4   ASP A N   1 
ATOM   27  C CA  . ASP A 1 4  ? 3.748   -2.073  -3.972  1.00 11.93 ? 4   ASP A CA  1 
ATOM   28  C C   . ASP A 1 4  ? 2.250   -2.001  -4.170  1.00 13.17 ? 4   ASP A C   1 
ATOM   29  O O   . ASP A 1 4  ? 1.651   -2.885  -4.794  1.00 13.16 ? 4   ASP A O   1 
ATOM   30  C CB  . ASP A 1 4  ? 4.416   -1.764  -5.307  1.00 15.16 ? 4   ASP A CB  1 
ATOM   31  C CG  . ASP A 1 4  ? 5.914   -1.628  -5.198  1.00 18.38 ? 4   ASP A CG  1 
ATOM   32  O OD1 . ASP A 1 4  ? 6.442   -1.707  -4.067  1.00 20.11 ? 4   ASP A OD1 1 
ATOM   33  O OD2 . ASP A 1 4  ? 6.558   -1.432  -6.249  1.00 19.64 ? 4   ASP A OD2 1 
ATOM   34  N N   . ILE A 1 5  ? 1.638   -0.963  -3.628  1.00 11.71 ? 5   ILE A N   1 
ATOM   35  C CA  . ILE A 1 5  ? 0.224   -0.731  -3.841  1.00 11.54 ? 5   ILE A CA  1 
ATOM   36  C C   . ILE A 1 5  ? -0.039  0.732   -4.163  1.00 11.54 ? 5   ILE A C   1 
ATOM   37  O O   . ILE A 1 5  ? 0.789   1.618   -3.892  1.00 12.98 ? 5   ILE A O   1 
ATOM   38  C CB  . ILE A 1 5  ? -0.629  -1.130  -2.627  1.00 13.49 ? 5   ILE A CB  1 
ATOM   39  C CG1 . ILE A 1 5  ? -0.271  -0.254  -1.440  1.00 18.84 ? 5   ILE A CG1 1 
ATOM   40  C CG2 . ILE A 1 5  ? -0.472  -2.618  -2.288  1.00 14.58 ? 5   ILE A CG2 1 
ATOM   41  C CD1 . ILE A 1 5  ? -1.146  -0.486  -0.288  1.00 24.72 ? 5   ILE A CD1 1 
ATOM   42  N N   . ARG A 1 6  ? -1.197  0.995   -4.740  1.00 11.34 ? 6   ARG A N   1 
ATOM   43  C CA  . ARG A 1 6  ? -1.619  2.364   -4.984  1.00 11.73 ? 6   ARG A CA  1 
ATOM   44  C C   . ARG A 1 6  ? -3.011  2.567   -4.438  1.00 11.00 ? 6   ARG A C   1 
ATOM   45  O O   . ARG A 1 6  ? -3.876  1.702   -4.602  1.00 12.94 ? 6   ARG A O   1 
ATOM   46  C CB  . ARG A 1 6  ? -1.598  2.674   -6.479  1.00 16.72 ? 6   ARG A CB  1 
ATOM   47  C CG  . ARG A 1 6  ? -0.223  2.778   -7.079  1.00 19.87 ? 6   ARG A CG  1 
ATOM   48  C CD  . ARG A 1 6  ? -0.310  3.486   -8.418  1.00 24.17 ? 6   ARG A CD  1 
ATOM   49  N NE  . ARG A 1 6  ? 0.970   3.519   -9.107  1.00 28.04 ? 6   ARG A NE  1 
ATOM   50  C CZ  . ARG A 1 6  ? 1.209   4.271   -10.172 1.00 28.00 ? 6   ARG A CZ  1 
ATOM   51  N NH1 . ARG A 1 6  ? 0.249   5.054   -10.648 1.00 28.27 ? 6   ARG A NH1 1 
ATOM   52  N NH2 . ARG A 1 6  ? 2.404   4.252   -10.749 1.00 30.46 ? 6   ARG A NH2 1 
ATOM   53  N N   . PHE A 1 7  ? -3.228  3.711   -3.799  1.00 13.42 ? 7   PHE A N   1 
ATOM   54  C CA  . PHE A 1 7  ? -4.551  4.129   -3.356  1.00 14.82 ? 7   PHE A CA  1 
ATOM   55  C C   . PHE A 1 7  ? -5.048  5.191   -4.320  1.00 16.88 ? 7   PHE A C   1 
ATOM   56  O O   . PHE A 1 7  ? -4.308  6.113   -4.683  1.00 15.86 ? 7   PHE A O   1 
ATOM   57  C CB  . PHE A 1 7  ? -4.506  4.743   -1.947  1.00 16.11 ? 7   PHE A CB  1 
ATOM   58  C CG  . PHE A 1 7  ? -4.483  3.739   -0.818  1.00 16.80 ? 7   PHE A CG  1 
ATOM   59  C CD1 . PHE A 1 7  ? -3.653  2.632   -0.848  1.00 21.66 ? 7   PHE A CD1 1 
ATOM   60  C CD2 . PHE A 1 7  ? -5.259  3.945   0.307   1.00 19.95 ? 7   PHE A CD2 1 
ATOM   61  C CE1 . PHE A 1 7  ? -3.638  1.724   0.212   1.00 22.26 ? 7   PHE A CE1 1 
ATOM   62  C CE2 . PHE A 1 7  ? -5.237  3.048   1.371   1.00 22.08 ? 7   PHE A CE2 1 
ATOM   63  C CZ  . PHE A 1 7  ? -4.427  1.933   1.317   1.00 19.62 ? 7   PHE A CZ  1 
ATOM   64  N N   . ARG A 1 8  ? -6.310  5.088   -4.716  1.00 15.96 ? 8   ARG A N   1 
ATOM   65  C CA  . ARG A 1 8  ? -6.891  6.120   -5.553  1.00 18.04 ? 8   ARG A CA  1 
ATOM   66  C C   . ARG A 1 8  ? -8.402  6.168   -5.414  1.00 17.13 ? 8   ARG A C   1 
ATOM   67  O O   . ARG A 1 8  ? -9.006  5.277   -4.809  1.00 17.10 ? 8   ARG A O   1 
ATOM   68  C CB  . ARG A 1 8  ? -6.469  5.937   -7.010  1.00 19.21 ? 8   ARG A CB  1 
ATOM   69  C CG  . ARG A 1 8  ? -6.813  4.591   -7.634  1.00 22.15 ? 8   ARG A CG  1 
ATOM   70  C CD  . ARG A 1 8  ? -6.379  4.607   -9.099  1.00 25.05 ? 8   ARG A CD  1 
ATOM   71  N NE  . ARG A 1 8  ? -6.410  3.294   -9.745  1.00 26.84 ? 8   ARG A NE  1 
ATOM   72  C CZ  . ARG A 1 8  ? -7.499  2.744   -10.276 1.00 27.63 ? 8   ARG A CZ  1 
ATOM   73  N NH1 . ARG A 1 8  ? -8.659  3.382   -10.213 1.00 28.76 ? 8   ARG A NH1 1 
ATOM   74  N NH2 . ARG A 1 8  ? -7.427  1.552   -10.862 1.00 26.10 ? 8   ARG A NH2 1 
ATOM   75  N N   . GLY A 1 9  ? -9.004  7.222   -5.955  1.00 18.83 ? 9   GLY A N   1 
ATOM   76  C CA  . GLY A 1 9  ? -10.448 7.351   -5.933  1.00 21.52 ? 9   GLY A CA  1 
ATOM   77  C C   . GLY A 1 9  ? -10.978 8.354   -4.927  1.00 24.92 ? 9   GLY A C   1 
ATOM   78  O O   . GLY A 1 9  ? -12.159 8.315   -4.588  1.00 28.09 ? 9   GLY A O   1 
ATOM   79  N N   . ASP A 1 10 ? -10.115 9.252   -4.454  1.00 25.32 ? 10  ASP A N   1 
ATOM   80  C CA  . ASP A 1 10 ? -10.527 10.328  -3.543  1.00 26.89 ? 10  ASP A CA  1 
ATOM   81  C C   . ASP A 1 10 ? -9.416  11.372  -3.443  1.00 26.14 ? 10  ASP A C   1 
ATOM   82  O O   . ASP A 1 10 ? -8.317  11.157  -3.954  1.00 26.22 ? 10  ASP A O   1 
ATOM   83  C CB  . ASP A 1 10 ? -10.839 9.766   -2.152  1.00 28.67 ? 10  ASP A CB  1 
ATOM   84  C CG  . ASP A 1 10 ? -11.947 10.529  -1.445  1.00 31.88 ? 10  ASP A CG  1 
ATOM   85  O OD1 . ASP A 1 10 ? -12.579 9.945   -0.539  1.00 34.49 ? 10  ASP A OD1 1 
ATOM   86  O OD2 . ASP A 1 10 ? -12.194 11.703  -1.796  1.00 32.18 ? 10  ASP A OD2 1 
ATOM   87  N N   . ASP A 1 11 ? -9.688  12.499  -2.788  1.00 26.66 ? 11  ASP A N   1 
ATOM   88  C CA  . ASP A 1 11 ? -8.649  13.513  -2.606  1.00 28.64 ? 11  ASP A CA  1 
ATOM   89  C C   . ASP A 1 11 ? -7.547  13.000  -1.677  1.00 27.54 ? 11  ASP A C   1 
ATOM   90  O O   . ASP A 1 11 ? -7.747  12.020  -0.956  1.00 27.04 ? 11  ASP A O   1 
ATOM   91  C CB  . ASP A 1 11 ? -9.233  14.844  -2.118  1.00 33.34 ? 11  ASP A CB  1 
ATOM   92  C CG  . ASP A 1 11 ? -10.136 14.686  -0.913  1.00 36.98 ? 11  ASP A CG  1 
ATOM   93  O OD1 . ASP A 1 11 ? -9.726  14.032  0.069   1.00 36.95 ? 11  ASP A OD1 1 
ATOM   94  O OD2 . ASP A 1 11 ? -11.259 15.232  -0.951  1.00 39.22 ? 11  ASP A OD2 1 
ATOM   95  N N   . LEU A 1 12 ? -6.386  13.649  -1.704  1.00 26.91 ? 12  LEU A N   1 
ATOM   96  C CA  . LEU A 1 12 ? -5.208  13.133  -1.002  1.00 29.85 ? 12  LEU A CA  1 
ATOM   97  C C   . LEU A 1 12 ? -5.397  13.001  0.513   1.00 30.86 ? 12  LEU A C   1 
ATOM   98  O O   . LEU A 1 12 ? -4.942  12.030  1.120   1.00 29.11 ? 12  LEU A O   1 
ATOM   99  C CB  . LEU A 1 12 ? -3.978  13.997  -1.306  1.00 29.86 ? 12  LEU A CB  1 
ATOM   100 C CG  . LEU A 1 12 ? -2.657  13.530  -0.686  1.00 28.95 ? 12  LEU A CG  1 
ATOM   101 C CD1 . LEU A 1 12 ? -2.342  12.094  -1.088  1.00 29.30 ? 12  LEU A CD1 1 
ATOM   102 C CD2 . LEU A 1 12 ? -1.531  14.473  -1.095  1.00 30.16 ? 12  LEU A CD2 1 
ATOM   103 N N   . GLU A 1 13 ? -6.064  13.977  1.120   1.00 32.13 ? 13  GLU A N   1 
ATOM   104 C CA  . GLU A 1 13 ? -6.334  13.924  2.552   1.00 32.99 ? 13  GLU A CA  1 
ATOM   105 C C   . GLU A 1 13 ? -7.112  12.657  2.906   1.00 32.82 ? 13  GLU A C   1 
ATOM   106 O O   . GLU A 1 13 ? -6.789  11.960  3.870   1.00 33.37 ? 13  GLU A O   1 
ATOM   107 C CB  . GLU A 1 13 ? -7.116  15.164  2.994   1.00 35.62 ? 13  GLU A CB  1 
ATOM   108 C CG  . GLU A 1 13 ? -7.568  15.133  4.454   1.00 39.86 ? 13  GLU A CG  1 
ATOM   109 C CD  . GLU A 1 13 ? -6.414  15.221  5.437   1.00 44.71 ? 13  GLU A CD  1 
ATOM   110 O OE1 . GLU A 1 13 ? -6.592  14.800  6.602   1.00 46.38 ? 13  GLU A OE1 1 
ATOM   111 O OE2 . GLU A 1 13 ? -5.332  15.723  5.056   1.00 46.97 ? 13  GLU A OE2 1 
ATOM   112 N N   . ALA A 1 14 ? -8.124  12.353  2.102   1.00 31.64 ? 14  ALA A N   1 
ATOM   113 C CA  . ALA A 1 14 ? -8.945  11.167  2.321   1.00 30.47 ? 14  ALA A CA  1 
ATOM   114 C C   . ALA A 1 14 ? -8.194  9.866   2.038   1.00 28.03 ? 14  ALA A C   1 
ATOM   115 O O   . ALA A 1 14 ? -8.386  8.873   2.737   1.00 29.04 ? 14  ALA A O   1 
ATOM   116 C CB  . ALA A 1 14 ? -10.214 11.240  1.495   1.00 30.30 ? 14  ALA A CB  1 
ATOM   117 N N   . LEU A 1 15 ? -7.347  9.857   1.013   1.00 26.85 ? 15  LEU A N   1 
ATOM   118 C CA  . LEU A 1 15 ? -6.543  8.671   0.741   1.00 23.33 ? 15  LEU A CA  1 
ATOM   119 C C   . LEU A 1 15 ? -5.529  8.449   1.866   1.00 23.92 ? 15  LEU A C   1 
ATOM   120 O O   . LEU A 1 15 ? -5.252  7.314   2.242   1.00 22.58 ? 15  LEU A O   1 
ATOM   121 C CB  . LEU A 1 15 ? -5.839  8.769   -0.618  1.00 23.41 ? 15  LEU A CB  1 
ATOM   122 C CG  . LEU A 1 15 ? -6.689  8.829   -1.889  1.00 21.75 ? 15  LEU A CG  1 
ATOM   123 C CD1 . LEU A 1 15 ? -5.790  9.010   -3.095  1.00 21.32 ? 15  LEU A CD1 1 
ATOM   124 C CD2 . LEU A 1 15 ? -7.537  7.568   -2.043  1.00 21.77 ? 15  LEU A CD2 1 
ATOM   125 N N   . LEU A 1 16 ? -4.982  9.541   2.402   1.00 25.66 ? 16  LEU A N   1 
ATOM   126 C CA  . LEU A 1 16 ? -4.035  9.443   3.510   1.00 27.08 ? 16  LEU A CA  1 
ATOM   127 C C   . LEU A 1 16 ? -4.706  8.910   4.774   1.00 29.59 ? 16  LEU A C   1 
ATOM   128 O O   . LEU A 1 16 ? -4.103  8.147   5.531   1.00 31.82 ? 16  LEU A O   1 
ATOM   129 C CB  . LEU A 1 16 ? -3.352  10.788  3.782   1.00 28.26 ? 16  LEU A CB  1 
ATOM   130 C CG  . LEU A 1 16 ? -2.193  11.092  2.829   1.00 29.58 ? 16  LEU A CG  1 
ATOM   131 C CD1 . LEU A 1 16 ? -1.613  12.465  3.114   1.00 30.24 ? 16  LEU A CD1 1 
ATOM   132 C CD2 . LEU A 1 16 ? -1.116  10.022  2.953   1.00 29.97 ? 16  LEU A CD2 1 
ATOM   133 N N   . LYS A 1 17 ? -5.956  9.294   4.999   1.00 29.16 ? 17  LYS A N   1 
ATOM   134 C CA  . LYS A 1 17 ? -6.650  8.823   6.191   1.00 30.33 ? 17  LYS A CA  1 
ATOM   135 C C   . LYS A 1 17 ? -7.007  7.344   6.047   1.00 28.34 ? 17  LYS A C   1 
ATOM   136 O O   . LYS A 1 17 ? -7.085  6.616   7.034   1.00 28.61 ? 17  LYS A O   1 
ATOM   137 C CB  . LYS A 1 17 ? -7.882  9.678   6.503   1.00 33.80 ? 17  LYS A CB  1 
ATOM   138 C CG  . LYS A 1 17 ? -9.143  9.279   5.770   1.00 36.93 ? 17  LYS A CG  1 
ATOM   139 C CD  . LYS A 1 17 ? -10.364 9.901   6.421   1.00 38.86 ? 17  LYS A CD  1 
ATOM   140 C CE  . LYS A 1 17 ? -11.640 9.443   5.736   1.00 41.65 ? 17  LYS A CE  1 
ATOM   141 N NZ  . LYS A 1 17 ? -12.841 9.787   6.538   1.00 43.57 ? 17  LYS A NZ  1 
ATOM   142 N N   . ALA A 1 18 ? -7.204  6.899   4.812   1.00 27.53 ? 18  ALA A N   1 
ATOM   143 C CA  . ALA A 1 18 ? -7.408  5.484   4.556   1.00 27.16 ? 18  ALA A CA  1 
ATOM   144 C C   . ALA A 1 18 ? -6.082  4.754   4.741   1.00 27.59 ? 18  ALA A C   1 
ATOM   145 O O   . ALA A 1 18 ? -6.025  3.689   5.349   1.00 29.08 ? 18  ALA A O   1 
ATOM   146 C CB  . ALA A 1 18 ? -7.943  5.272   3.145   1.00 27.59 ? 18  ALA A CB  1 
ATOM   147 N N   . ALA A 1 19 ? -5.013  5.355   4.229   1.00 26.47 ? 19  ALA A N   1 
ATOM   148 C CA  . ALA A 1 19 ? -3.702  4.723   4.224   1.00 29.62 ? 19  ALA A CA  1 
ATOM   149 C C   . ALA A 1 19 ? -3.084  4.587   5.608   1.00 30.86 ? 19  ALA A C   1 
ATOM   150 O O   . ALA A 1 19 ? -2.336  3.641   5.863   1.00 31.66 ? 19  ALA A O   1 
ATOM   151 C CB  . ALA A 1 19 ? -2.759  5.490   3.309   1.00 30.98 ? 19  ALA A CB  1 
ATOM   152 N N   . ILE A 1 20 ? -3.396  5.530   6.493   1.00 31.23 ? 20  ILE A N   1 
ATOM   153 C CA  . ILE A 1 20 ? -2.710  5.639   7.781   1.00 30.63 ? 20  ILE A CA  1 
ATOM   154 C C   . ILE A 1 20 ? -2.777  4.366   8.632   1.00 30.09 ? 20  ILE A C   1 
ATOM   155 O O   . ILE A 1 20 ? -1.809  4.022   9.305   1.00 29.94 ? 20  ILE A O   1 
ATOM   156 C CB  . ILE A 1 20 ? -3.164  6.898   8.584   1.00 31.87 ? 20  ILE A CB  1 
ATOM   157 C CG1 . ILE A 1 20 ? -2.176  7.207   9.713   1.00 33.63 ? 20  ILE A CG1 1 
ATOM   158 C CG2 . ILE A 1 20 ? -4.582  6.742   9.111   1.00 31.00 ? 20  ILE A CG2 1 
ATOM   159 C CD1 . ILE A 1 20 ? -0.761  7.424   9.233   1.00 35.58 ? 20  ILE A CD1 1 
ATOM   160 N N   . GLU A 1 21 ? -3.889  3.640   8.578   1.00 30.46 ? 21  GLU A N   1 
ATOM   161 C CA  . GLU A 1 21 ? -3.964  2.406   9.349   1.00 31.50 ? 21  GLU A CA  1 
ATOM   162 C C   . GLU A 1 21 ? -3.077  1.315   8.756   1.00 28.81 ? 21  GLU A C   1 
ATOM   163 O O   . GLU A 1 21 ? -2.483  0.528   9.492   1.00 29.23 ? 21  GLU A O   1 
ATOM   164 C CB  . GLU A 1 21 ? -5.402  1.913   9.500   1.00 34.79 ? 21  GLU A CB  1 
ATOM   165 C CG  . GLU A 1 21 ? -5.522  0.672   10.367  1.00 38.94 ? 21  GLU A CG  1 
ATOM   166 C CD  . GLU A 1 21 ? -5.173  0.916   11.822  1.00 43.37 ? 21  GLU A CD  1 
ATOM   167 O OE1 . GLU A 1 21 ? -5.265  2.077   12.277  1.00 44.65 ? 21  GLU A OE1 1 
ATOM   168 O OE2 . GLU A 1 21 ? -4.806  -0.063  12.512  1.00 45.49 ? 21  GLU A OE2 1 
ATOM   169 N N   . MET A 1 22 ? -2.968  1.269   7.430   1.00 29.08 ? 22  MET A N   1 
ATOM   170 C CA  . MET A 1 22 ? -2.090  0.281   6.815   1.00 27.70 ? 22  MET A CA  1 
ATOM   171 C C   . MET A 1 22 ? -0.634  0.633   7.096   1.00 25.17 ? 22  MET A C   1 
ATOM   172 O O   . MET A 1 22 ? 0.187   -0.250  7.322   1.00 25.77 ? 22  MET A O   1 
ATOM   173 C CB  . MET A 1 22 ? -2.322  0.181   5.307   1.00 26.92 ? 22  MET A CB  1 
ATOM   174 C CG  . MET A 1 22 ? -1.679  -1.055  4.663   1.00 18.70 ? 22  MET A CG  1 
ATOM   175 S SD  . MET A 1 22 ? -2.032  -1.083  2.920   1.00 28.80 ? 22  MET A SD  1 
ATOM   176 C CE  . MET A 1 22 ? -1.211  -2.608  2.456   1.00 30.66 ? 22  MET A CE  1 
ATOM   177 N N   . ILE A 1 23 ? -0.326  1.924   7.071   1.00 25.26 ? 23  ILE A N   1 
ATOM   178 C CA  . ILE A 1 23 ? 1.033   2.383   7.372   1.00 25.08 ? 23  ILE A CA  1 
ATOM   179 C C   . ILE A 1 23 ? 1.455   1.996   8.786   1.00 24.66 ? 23  ILE A C   1 
ATOM   180 O O   . ILE A 1 23 ? 2.561   1.493   9.004   1.00 24.57 ? 23  ILE A O   1 
ATOM   181 C CB  . ILE A 1 23 ? 1.167   3.900   7.174   1.00 27.38 ? 23  ILE A CB  1 
ATOM   182 C CG1 . ILE A 1 23 ? 0.825   4.254   5.724   1.00 30.94 ? 23  ILE A CG1 1 
ATOM   183 C CG2 . ILE A 1 23 ? 2.577   4.365   7.521   1.00 25.91 ? 23  ILE A CG2 1 
ATOM   184 C CD1 . ILE A 1 23 ? 0.861   5.743   5.430   1.00 33.69 ? 23  ILE A CD1 1 
ATOM   185 N N   . LYS A 1 24 ? 0.559   2.219   9.735   1.00 22.30 ? 24  LYS A N   1 
ATOM   186 C CA  . LYS A 1 24 ? 0.809   1.828   11.114  1.00 24.50 ? 24  LYS A CA  1 
ATOM   187 C C   . LYS A 1 24 ? 1.107   0.334   11.255  1.00 26.94 ? 24  LYS A C   1 
ATOM   188 O O   . LYS A 1 24 ? 2.053   -0.059  11.932  1.00 27.55 ? 24  LYS A O   1 
ATOM   189 C CB  . LYS A 1 24 ? -0.376  2.202   11.995  1.00 25.98 ? 24  LYS A CB  1 
ATOM   190 C CG  . LYS A 1 24 ? -0.097  1.978   13.467  1.00 29.33 ? 24  LYS A CG  1 
ATOM   191 C CD  . LYS A 1 24 ? -1.240  2.459   14.328  1.00 34.98 ? 24  LYS A CD  1 
ATOM   192 C CE  . LYS A 1 24 ? -2.528  1.739   13.989  1.00 39.73 ? 24  LYS A CE  1 
ATOM   193 N NZ  . LYS A 1 24 ? -3.663  2.217   14.835  1.00 42.08 ? 24  LYS A NZ  1 
ATOM   194 N N   . GLN A 1 25 ? 0.302   -0.502  10.608  1.00 25.69 ? 25  GLN A N   1 
ATOM   195 C CA  . GLN A 1 25 ? 0.511   -1.942  10.691  1.00 25.40 ? 25  GLN A CA  1 
ATOM   196 C C   . GLN A 1 25 ? 1.829   -2.348  10.061  1.00 25.15 ? 25  GLN A C   1 
ATOM   197 O O   . GLN A 1 25 ? 2.577   -3.155  10.626  1.00 25.48 ? 25  GLN A O   1 
ATOM   198 C CB  . GLN A 1 25 ? -0.631  -2.684  10.010  1.00 27.58 ? 25  GLN A CB  1 
ATOM   199 C CG  . GLN A 1 25 ? -1.962  -2.481  10.685  1.00 31.11 ? 25  GLN A CG  1 
ATOM   200 C CD  . GLN A 1 25 ? -3.021  -3.399  10.137  1.00 32.49 ? 25  GLN A CD  1 
ATOM   201 O OE1 . GLN A 1 25 ? -2.761  -4.189  9.225   1.00 31.04 ? 25  GLN A OE1 1 
ATOM   202 N NE2 . GLN A 1 25 ? -4.224  -3.308  10.691  1.00 34.10 ? 25  GLN A NE2 1 
ATOM   203 N N   . ALA A 1 26 ? 2.107   -1.786  8.883   1.00 24.25 ? 26  ALA A N   1 
ATOM   204 C CA  . ALA A 1 26 ? 3.376   -2.031  8.218   1.00 25.47 ? 26  ALA A CA  1 
ATOM   205 C C   . ALA A 1 26 ? 4.549   -1.643  9.134   1.00 26.07 ? 26  ALA A C   1 
ATOM   206 O O   . ALA A 1 26 ? 5.499   -2.411  9.296   1.00 26.00 ? 26  ALA A O   1 
ATOM   207 C CB  . ALA A 1 26 ? 3.439   -1.279  6.888   1.00 26.42 ? 26  ALA A CB  1 
ATOM   208 N N   . LEU A 1 27 ? 4.466   -0.461  9.739   1.00 23.55 ? 27  LEU A N   1 
ATOM   209 C CA  . LEU A 1 27 ? 5.504   0.026   10.648  1.00 23.45 ? 27  LEU A CA  1 
ATOM   210 C C   . LEU A 1 27 ? 5.759   -0.967  11.778  1.00 26.08 ? 27  LEU A C   1 
ATOM   211 O O   . LEU A 1 27 ? 6.907   -1.297  12.078  1.00 26.78 ? 27  LEU A O   1 
ATOM   212 C CB  . LEU A 1 27 ? 5.122   1.403   11.207  1.00 22.44 ? 27  LEU A CB  1 
ATOM   213 C CG  . LEU A 1 27 ? 5.283   2.545   10.206  1.00 23.93 ? 27  LEU A CG  1 
ATOM   214 C CD1 . LEU A 1 27 ? 4.670   3.849   10.718  1.00 24.33 ? 27  LEU A CD1 1 
ATOM   215 C CD2 . LEU A 1 27 ? 6.746   2.747   9.899   1.00 23.56 ? 27  LEU A CD2 1 
ATOM   216 N N   . LYS A 1 28 ? 4.685   -1.485  12.369  1.00 26.13 ? 28  LYS A N   1 
ATOM   217 C CA  . LYS A 1 28 ? 4.828   -2.411  13.483  1.00 26.38 ? 28  LYS A CA  1 
ATOM   218 C C   . LYS A 1 28 ? 5.345   -3.784  13.044  1.00 26.80 ? 28  LYS A C   1 
ATOM   219 O O   . LYS A 1 28 ? 5.921   -4.522  13.836  1.00 28.03 ? 28  LYS A O   1 
ATOM   220 C CB  . LYS A 1 28 ? 3.512   -2.538  14.258  1.00 30.77 ? 28  LYS A CB  1 
ATOM   221 C CG  . LYS A 1 28 ? 3.098   -1.246  14.962  1.00 34.13 ? 28  LYS A CG  1 
ATOM   222 C CD  . LYS A 1 28 ? 1.736   -1.382  15.630  1.00 38.89 ? 28  LYS A CD  1 
ATOM   223 C CE  . LYS A 1 28 ? 1.854   -1.547  17.139  1.00 42.84 ? 28  LYS A CE  1 
ATOM   224 N NZ  . LYS A 1 28 ? 2.291   -0.287  17.811  1.00 45.21 ? 28  LYS A NZ  1 
ATOM   225 N N   . PHE A 1 29 ? 5.153   -4.128  11.779  1.00 25.98 ? 29  PHE A N   1 
ATOM   226 C CA  . PHE A 1 29 ? 5.710   -5.360  11.242  1.00 26.22 ? 29  PHE A CA  1 
ATOM   227 C C   . PHE A 1 29 ? 7.215   -5.223  11.039  1.00 24.46 ? 29  PHE A C   1 
ATOM   228 O O   . PHE A 1 29 ? 7.883   -6.180  10.653  1.00 27.78 ? 29  PHE A O   1 
ATOM   229 C CB  . PHE A 1 29 ? 5.067   -5.684  9.883   1.00 27.68 ? 29  PHE A CB  1 
ATOM   230 C CG  . PHE A 1 29 ? 3.693   -6.325  9.971   1.00 30.47 ? 29  PHE A CG  1 
ATOM   231 C CD1 . PHE A 1 29 ? 3.461   -7.405  10.801  1.00 31.42 ? 29  PHE A CD1 1 
ATOM   232 C CD2 . PHE A 1 29 ? 2.645   -5.844  9.209   1.00 32.06 ? 29  PHE A CD2 1 
ATOM   233 C CE1 . PHE A 1 29 ? 2.209   -7.979  10.874  1.00 33.41 ? 29  PHE A CE1 1 
ATOM   234 C CE2 . PHE A 1 29 ? 1.387   -6.429  9.264   1.00 32.46 ? 29  PHE A CE2 1 
ATOM   235 C CZ  . PHE A 1 29 ? 1.170   -7.498  10.096  1.00 34.34 ? 29  PHE A CZ  1 
ATOM   236 N N   . GLY A 1 30 ? 7.750   -4.026  11.262  1.00 24.56 ? 30  GLY A N   1 
ATOM   237 C CA  . GLY A 1 30 ? 9.165   -3.787  11.048  1.00 26.94 ? 30  GLY A CA  1 
ATOM   238 C C   . GLY A 1 30 ? 9.468   -3.376  9.617   1.00 26.52 ? 30  GLY A C   1 
ATOM   239 O O   . GLY A 1 30 ? 10.628  -3.343  9.194   1.00 26.65 ? 30  GLY A O   1 
ATOM   240 N N   . ALA A 1 31 ? 8.422   -3.046  8.866   1.00 25.59 ? 31  ALA A N   1 
ATOM   241 C CA  . ALA A 1 31 ? 8.574   -2.669  7.468   1.00 24.92 ? 31  ALA A CA  1 
ATOM   242 C C   . ALA A 1 31 ? 9.095   -1.253  7.292   1.00 23.43 ? 31  ALA A C   1 
ATOM   243 O O   . ALA A 1 31 ? 9.030   -0.422  8.196   1.00 24.87 ? 31  ALA A O   1 
ATOM   244 C CB  . ALA A 1 31 ? 7.242   -2.804  6.745   1.00 25.35 ? 31  ALA A CB  1 
ATOM   245 N N   . THR A 1 32 ? 9.600   -0.986  6.095   1.00 24.10 ? 32  THR A N   1 
ATOM   246 C CA  . THR A 1 32 ? 9.954   0.356   5.694   1.00 23.72 ? 32  THR A CA  1 
ATOM   247 C C   . THR A 1 32 ? 8.944   0.724   4.623   1.00 22.31 ? 32  THR A C   1 
ATOM   248 O O   . THR A 1 32 ? 8.732   -0.049  3.691   1.00 24.40 ? 32  THR A O   1 
ATOM   249 C CB  . THR A 1 32 ? 11.382  0.393   5.139   1.00 25.07 ? 32  THR A CB  1 
ATOM   250 O OG1 . THR A 1 32 ? 12.297  0.139   6.213   1.00 28.02 ? 32  THR A OG1 1 
ATOM   251 C CG2 . THR A 1 32 ? 11.696  1.733   4.555   1.00 27.09 ? 32  THR A CG2 1 
ATOM   252 N N   . ILE A 1 33 ? 8.293   1.868   4.793   1.00 21.66 ? 33  ILE A N   1 
ATOM   253 C CA  . ILE A 1 33 ? 7.228   2.282   3.876   1.00 21.75 ? 33  ILE A CA  1 
ATOM   254 C C   . ILE A 1 33 ? 7.630   3.539   3.125   1.00 21.92 ? 33  ILE A C   1 
ATOM   255 O O   . ILE A 1 33 ? 8.051   4.522   3.727   1.00 23.73 ? 33  ILE A O   1 
ATOM   256 C CB  . ILE A 1 33 ? 5.902   2.554   4.614   1.00 21.97 ? 33  ILE A CB  1 
ATOM   257 C CG1 . ILE A 1 33 ? 5.435   1.308   5.372   1.00 24.36 ? 33  ILE A CG1 1 
ATOM   258 C CG2 . ILE A 1 33 ? 4.814   3.029   3.633   1.00 23.66 ? 33  ILE A CG2 1 
ATOM   259 C CD1 . ILE A 1 33 ? 5.941   1.236   6.789   1.00 27.90 ? 33  ILE A CD1 1 
ATOM   260 N N   . THR A 1 34 ? 7.492   3.504   1.806   1.00 22.90 ? 34  THR A N   1 
ATOM   261 C CA  . THR A 1 34 ? 7.872   4.625   0.959   1.00 23.09 ? 34  THR A CA  1 
ATOM   262 C C   . THR A 1 34 ? 6.624   5.176   0.276   1.00 22.84 ? 34  THR A C   1 
ATOM   263 O O   . THR A 1 34 ? 5.851   4.422   -0.310  1.00 23.71 ? 34  THR A O   1 
ATOM   264 C CB  . THR A 1 34 ? 8.927   4.198   -0.081  1.00 24.96 ? 34  THR A CB  1 
ATOM   265 O OG1 . THR A 1 34 ? 10.072  3.660   0.595   1.00 26.97 ? 34  THR A OG1 1 
ATOM   266 C CG2 . THR A 1 34 ? 9.364   5.365   -0.903  1.00 26.23 ? 34  THR A CG2 1 
ATOM   267 N N   . LEU A 1 35 ? 6.413   6.478   0.387   1.00 21.70 ? 35  LEU A N   1 
ATOM   268 C CA  . LEU A 1 35 ? 5.214   7.118   -0.129  1.00 22.89 ? 35  LEU A CA  1 
ATOM   269 C C   . LEU A 1 35 ? 5.581   8.167   -1.139  1.00 21.69 ? 35  LEU A C   1 
ATOM   270 O O   . LEU A 1 35 ? 6.565   8.885   -0.965  1.00 22.30 ? 35  LEU A O   1 
ATOM   271 C CB  . LEU A 1 35 ? 4.467   7.812   1.004   1.00 25.86 ? 35  LEU A CB  1 
ATOM   272 C CG  . LEU A 1 35 ? 4.190   6.939   2.212   1.00 26.53 ? 35  LEU A CG  1 
ATOM   273 C CD1 . LEU A 1 35 ? 3.691   7.788   3.361   1.00 28.07 ? 35  LEU A CD1 1 
ATOM   274 C CD2 . LEU A 1 35 ? 3.175   5.882   1.838   1.00 26.28 ? 35  LEU A CD2 1 
ATOM   275 N N   . SER A 1 36 ? 4.766   8.274   -2.183  1.00 20.58 ? 36  SER A N   1 
ATOM   276 C CA  . SER A 1 36 ? 4.929   9.321   -3.182  1.00 19.98 ? 36  SER A CA  1 
ATOM   277 C C   . SER A 1 36 ? 3.618   9.487   -3.946  1.00 19.11 ? 36  SER A C   1 
ATOM   278 O O   . SER A 1 36 ? 2.770   8.589   -3.931  1.00 19.26 ? 36  SER A O   1 
ATOM   279 C CB  . SER A 1 36 ? 6.069   8.976   -4.138  1.00 22.06 ? 36  SER A CB  1 
ATOM   280 O OG  . SER A 1 36 ? 5.766   7.795   -4.867  1.00 22.82 ? 36  SER A OG  1 
ATOM   281 N N   . LEU A 1 37 ? 3.463   10.631  -4.605  1.00 18.09 ? 37  LEU A N   1 
ATOM   282 C CA  . LEU A 1 37 ? 2.289   10.918  -5.426  1.00 19.55 ? 37  LEU A CA  1 
ATOM   283 C C   . LEU A 1 37 ? 2.592   10.702  -6.887  1.00 19.23 ? 37  LEU A C   1 
ATOM   284 O O   . LEU A 1 37 ? 3.696   10.976  -7.356  1.00 21.09 ? 37  LEU A O   1 
ATOM   285 C CB  . LEU A 1 37 ? 1.864   12.371  -5.247  1.00 22.68 ? 37  LEU A CB  1 
ATOM   286 C CG  . LEU A 1 37 ? 0.610   12.652  -4.427  1.00 28.58 ? 37  LEU A CG  1 
ATOM   287 C CD1 . LEU A 1 37 ? 0.567   11.754  -3.214  1.00 28.73 ? 37  LEU A CD1 1 
ATOM   288 C CD2 . LEU A 1 37 ? 0.568   14.114  -4.019  1.00 26.30 ? 37  LEU A CD2 1 
ATOM   289 N N   . ASP A 1 38 ? 1.591   10.206  -7.605  1.00 17.02 ? 38  ASP A N   1 
ATOM   290 C CA  . ASP A 1 38 ? 1.641   10.149  -9.058  1.00 17.20 ? 38  ASP A CA  1 
ATOM   291 C C   . ASP A 1 38 ? 0.308   10.690  -9.531  1.00 15.31 ? 38  ASP A C   1 
ATOM   292 O O   . ASP A 1 38 ? -0.690  9.968   -9.551  1.00 16.20 ? 38  ASP A O   1 
ATOM   293 C CB  . ASP A 1 38 ? 1.856   8.713   -9.537  1.00 21.06 ? 38  ASP A CB  1 
ATOM   294 C CG  . ASP A 1 38 ? 1.918   8.598   -11.050 1.00 22.04 ? 38  ASP A CG  1 
ATOM   295 O OD1 . ASP A 1 38 ? 1.915   9.633   -11.747 1.00 22.86 ? 38  ASP A OD1 1 
ATOM   296 O OD2 . ASP A 1 38 ? 1.977   7.456   -11.547 1.00 25.87 ? 38  ASP A OD2 1 
ATOM   297 N N   . GLY A 1 39 ? 0.284   11.973  -9.860  1.00 15.28 ? 39  GLY A N   1 
ATOM   298 C CA  . GLY A 1 39 ? -0.972  12.642  -10.115 1.00 16.29 ? 39  GLY A CA  1 
ATOM   299 C C   . GLY A 1 39 ? -1.823  12.628  -8.860  1.00 18.41 ? 39  GLY A C   1 
ATOM   300 O O   . GLY A 1 39 ? -1.399  13.115  -7.805  1.00 19.34 ? 39  GLY A O   1 
ATOM   301 N N   . ASN A 1 40 ? -3.019  12.054  -8.970  1.00 18.92 ? 40  ASN A N   1 
ATOM   302 C CA  . ASN A 1 40 ? -3.924  11.934  -7.834  1.00 20.63 ? 40  ASN A CA  1 
ATOM   303 C C   . ASN A 1 40 ? -3.830  10.577  -7.156  1.00 20.13 ? 40  ASN A C   1 
ATOM   304 O O   . ASN A 1 40 ? -4.618  10.279  -6.260  1.00 23.52 ? 40  ASN A O   1 
ATOM   305 C CB  . ASN A 1 40 ? -5.370  12.185  -8.256  1.00 23.57 ? 40  ASN A CB  1 
ATOM   306 C CG  . ASN A 1 40 ? -5.571  13.560  -8.857  1.00 29.85 ? 40  ASN A CG  1 
ATOM   307 O OD1 . ASN A 1 40 ? -4.989  14.543  -8.395  1.00 32.71 ? 40  ASN A OD1 1 
ATOM   308 N ND2 . ASN A 1 40 ? -6.397  13.637  -9.897  1.00 33.38 ? 40  ASN A ND2 1 
ATOM   309 N N   . ASP A 1 41 ? -2.879  9.755   -7.589  1.00 17.67 ? 41  ASP A N   1 
ATOM   310 C CA  . ASP A 1 41 ? -2.682  8.438   -6.980  1.00 18.44 ? 41  ASP A CA  1 
ATOM   311 C C   . ASP A 1 41 ? -1.638  8.488   -5.872  1.00 16.89 ? 41  ASP A C   1 
ATOM   312 O O   . ASP A 1 41 ? -0.596  9.118   -6.023  1.00 18.32 ? 41  ASP A O   1 
ATOM   313 C CB  . ASP A 1 41 ? -2.207  7.416   -8.004  1.00 19.77 ? 41  ASP A CB  1 
ATOM   314 C CG  . ASP A 1 41 ? -3.244  7.114   -9.068  1.00 23.68 ? 41  ASP A CG  1 
ATOM   315 O OD1 . ASP A 1 41 ? -4.400  7.569   -8.951  1.00 24.49 ? 41  ASP A OD1 1 
ATOM   316 O OD2 . ASP A 1 41 ? -2.888  6.400   -10.019 1.00 29.14 ? 41  ASP A OD2 1 
ATOM   317 N N   . LEU A 1 42 ? -1.910  7.791   -4.778  1.00 15.57 ? 42  LEU A N   1 
ATOM   318 C CA  . LEU A 1 42 ? -0.931  7.645   -3.710  1.00 14.66 ? 42  LEU A CA  1 
ATOM   319 C C   . LEU A 1 42 ? -0.185  6.315   -3.864  1.00 13.60 ? 42  LEU A C   1 
ATOM   320 O O   . LEU A 1 42 ? -0.785  5.239   -3.757  1.00 15.00 ? 42  LEU A O   1 
ATOM   321 C CB  . LEU A 1 42 ? -1.629  7.709   -2.355  1.00 15.95 ? 42  LEU A CB  1 
ATOM   322 C CG  . LEU A 1 42 ? -0.769  7.462   -1.117  1.00 15.66 ? 42  LEU A CG  1 
ATOM   323 C CD1 . LEU A 1 42 ? 0.266   8.577   -0.964  1.00 17.81 ? 42  LEU A CD1 1 
ATOM   324 C CD2 . LEU A 1 42 ? -1.663  7.395   0.088   1.00 18.40 ? 42  LEU A CD2 1 
ATOM   325 N N   . GLU A 1 43 ? 1.114   6.390   -4.140  1.00 14.14 ? 43  GLU A N   1 
ATOM   326 C CA  . GLU A 1 43 ? 1.939   5.203   -4.318  1.00 14.81 ? 43  GLU A CA  1 
ATOM   327 C C   . GLU A 1 43 ? 2.563   4.815   -2.988  1.00 14.51 ? 43  GLU A C   1 
ATOM   328 O O   . GLU A 1 43 ? 3.130   5.666   -2.296  1.00 15.79 ? 43  GLU A O   1 
ATOM   329 C CB  . GLU A 1 43 ? 3.057   5.458   -5.337  1.00 17.41 ? 43  GLU A CB  1 
ATOM   330 C CG  . GLU A 1 43 ? 2.579   5.860   -6.722  1.00 22.81 ? 43  GLU A CG  1 
ATOM   331 C CD  . GLU A 1 43 ? 3.728   6.165   -7.670  1.00 30.12 ? 43  GLU A CD  1 
ATOM   332 O OE1 . GLU A 1 43 ? 4.830   6.511   -7.192  1.00 36.16 ? 43  GLU A OE1 1 
ATOM   333 O OE2 . GLU A 1 43 ? 3.533   6.060   -8.894  1.00 31.31 ? 43  GLU A OE2 1 
ATOM   334 N N   . ILE A 1 44 ? 2.468   3.536   -2.650  1.00 13.84 ? 44  ILE A N   1 
ATOM   335 C CA  . ILE A 1 44 ? 2.991   3.012   -1.392  1.00 14.87 ? 44  ILE A CA  1 
ATOM   336 C C   . ILE A 1 44 ? 3.873   1.802   -1.648  1.00 15.81 ? 44  ILE A C   1 
ATOM   337 O O   . ILE A 1 44 ? 3.407   0.784   -2.182  1.00 18.50 ? 44  ILE A O   1 
ATOM   338 C CB  . ILE A 1 44 ? 1.853   2.622   -0.431  1.00 15.42 ? 44  ILE A CB  1 
ATOM   339 C CG1 . ILE A 1 44 ? 0.898   3.801   -0.220  1.00 16.30 ? 44  ILE A CG1 1 
ATOM   340 C CG2 . ILE A 1 44 ? 2.430   2.121   0.901   1.00 16.44 ? 44  ILE A CG2 1 
ATOM   341 C CD1 . ILE A 1 44 ? -0.290  3.496   0.682   1.00 19.15 ? 44  ILE A CD1 1 
ATOM   342 N N   . ARG A 1 45 ? 5.152   1.913   -1.304  1.00 14.47 ? 45  ARG A N   1 
ATOM   343 C CA  . ARG A 1 45 ? 6.057   0.783   -1.384  1.00 15.59 ? 45  ARG A CA  1 
ATOM   344 C C   . ARG A 1 45 ? 6.304   0.301   0.028   1.00 15.22 ? 45  ARG A C   1 
ATOM   345 O O   . ARG A 1 45 ? 6.595   1.102   0.917   1.00 16.72 ? 45  ARG A O   1 
ATOM   346 C CB  . ARG A 1 45 ? 7.405   1.180   -1.974  1.00 18.06 ? 45  ARG A CB  1 
ATOM   347 C CG  . ARG A 1 45 ? 7.393   1.739   -3.384  1.00 24.41 ? 45  ARG A CG  1 
ATOM   348 C CD  . ARG A 1 45 ? 8.808   2.213   -3.700  1.00 30.88 ? 45  ARG A CD  1 
ATOM   349 N NE  . ARG A 1 45 ? 9.779   1.149   -3.438  1.00 34.83 ? 45  ARG A NE  1 
ATOM   350 C CZ  . ARG A 1 45 ? 11.098  1.311   -3.442  1.00 36.27 ? 45  ARG A CZ  1 
ATOM   351 N NH1 . ARG A 1 45 ? 11.625  2.508   -3.672  1.00 36.03 ? 45  ARG A NH1 1 
ATOM   352 N NH2 . ARG A 1 45 ? 11.893  0.273   -3.201  1.00 35.77 ? 45  ARG A NH2 1 
ATOM   353 N N   . ILE A 1 46 ? 6.218   -1.001  0.231   1.00 15.70 ? 46  ILE A N   1 
ATOM   354 C CA  . ILE A 1 46 ? 6.476   -1.569  1.548   1.00 15.69 ? 46  ILE A CA  1 
ATOM   355 C C   . ILE A 1 46 ? 7.578   -2.600  1.426   1.00 16.16 ? 46  ILE A C   1 
ATOM   356 O O   . ILE A 1 46 ? 7.436   -3.575  0.685   1.00 17.04 ? 46  ILE A O   1 
ATOM   357 C CB  . ILE A 1 46 ? 5.208   -2.213  2.140   1.00 15.30 ? 46  ILE A CB  1 
ATOM   358 C CG1 . ILE A 1 46 ? 4.057   -1.207  2.126   1.00 15.92 ? 46  ILE A CG1 1 
ATOM   359 C CG2 . ILE A 1 46 ? 5.469   -2.723  3.564   1.00 16.24 ? 46  ILE A CG2 1 
ATOM   360 C CD1 . ILE A 1 46 ? 2.731   -1.740  2.648   1.00 16.32 ? 46  ILE A CD1 1 
ATOM   361 N N   . THR A 1 47 ? 8.675   -2.384  2.149   1.00 17.85 ? 47  THR A N   1 
ATOM   362 C CA  . THR A 1 47 ? 9.816   -3.291  2.104   1.00 20.85 ? 47  THR A CA  1 
ATOM   363 C C   . THR A 1 47 ? 10.083  -3.909  3.479   1.00 22.00 ? 47  THR A C   1 
ATOM   364 O O   . THR A 1 47 ? 9.540   -3.458  4.491   1.00 20.75 ? 47  THR A O   1 
ATOM   365 C CB  . THR A 1 47 ? 11.083  -2.575  1.602   1.00 23.23 ? 47  THR A CB  1 
ATOM   366 O OG1 . THR A 1 47 ? 11.352  -1.448  2.441   1.00 26.57 ? 47  THR A OG1 1 
ATOM   367 C CG2 . THR A 1 47 ? 10.892  -2.075  0.162   1.00 24.76 ? 47  THR A CG2 1 
ATOM   368 N N   . GLY A 1 48 ? 10.903  -4.954  3.506   1.00 23.11 ? 48  GLY A N   1 
ATOM   369 C CA  . GLY A 1 48 ? 11.251  -5.615  4.759   1.00 22.12 ? 48  GLY A CA  1 
ATOM   370 C C   . GLY A 1 48 ? 10.107  -6.448  5.301   1.00 24.67 ? 48  GLY A C   1 
ATOM   371 O O   . GLY A 1 48 ? 10.019  -6.701  6.504   1.00 29.88 ? 48  GLY A O   1 
ATOM   372 N N   . VAL A 1 49 ? 9.233   -6.878  4.398   1.00 23.80 ? 49  VAL A N   1 
ATOM   373 C CA  . VAL A 1 49 ? 8.074   -7.694  4.747   1.00 23.45 ? 49  VAL A CA  1 
ATOM   374 C C   . VAL A 1 49 ? 8.142   -9.078  4.099   1.00 23.08 ? 49  VAL A C   1 
ATOM   375 O O   . VAL A 1 49 ? 8.212   -9.190  2.876   1.00 24.07 ? 49  VAL A O   1 
ATOM   376 C CB  . VAL A 1 49 ? 6.736   -7.002  4.336   1.00 22.34 ? 49  VAL A CB  1 
ATOM   377 C CG1 . VAL A 1 49 ? 6.441   -5.845  5.254   1.00 23.01 ? 49  VAL A CG1 1 
ATOM   378 C CG2 . VAL A 1 49 ? 6.760   -6.531  2.869   1.00 24.17 ? 49  VAL A CG2 1 
ATOM   379 N N   . PRO A 1 50 ? 8.111   -10.139 4.920   1.00 22.43 ? 50  PRO A N   1 
ATOM   380 C CA  . PRO A 1 50 ? 8.090   -11.500 4.375   1.00 21.30 ? 50  PRO A CA  1 
ATOM   381 C C   . PRO A 1 50 ? 6.700   -11.886 3.864   1.00 19.74 ? 50  PRO A C   1 
ATOM   382 O O   . PRO A 1 50 ? 5.736   -11.136 4.039   1.00 18.49 ? 50  PRO A O   1 
ATOM   383 C CB  . PRO A 1 50 ? 8.472   -12.365 5.583   1.00 22.23 ? 50  PRO A CB  1 
ATOM   384 C CG  . PRO A 1 50 ? 7.953   -11.590 6.752   1.00 24.22 ? 50  PRO A CG  1 
ATOM   385 C CD  . PRO A 1 50 ? 8.160   -10.133 6.394   1.00 22.79 ? 50  PRO A CD  1 
ATOM   386 N N   . GLU A 1 51 ? 6.617   -13.057 3.242   1.00 19.09 ? 51  GLU A N   1 
ATOM   387 C CA  . GLU A 1 51 ? 5.383   -13.547 2.633   1.00 20.60 ? 51  GLU A CA  1 
ATOM   388 C C   . GLU A 1 51 ? 4.126   -13.400 3.499   1.00 18.28 ? 51  GLU A C   1 
ATOM   389 O O   . GLU A 1 51 ? 3.116   -12.848 3.044   1.00 17.82 ? 51  GLU A O   1 
ATOM   390 C CB  . GLU A 1 51 ? 5.554   -15.009 2.210   1.00 22.98 ? 51  GLU A CB  1 
ATOM   391 C CG  . GLU A 1 51 ? 4.282   -15.619 1.616   1.00 27.36 ? 51  GLU A CG  1 
ATOM   392 C CD  . GLU A 1 51 ? 4.473   -17.044 1.122   1.00 32.66 ? 51  GLU A CD  1 
ATOM   393 O OE1 . GLU A 1 51 ? 5.630   -17.509 1.066   1.00 36.25 ? 51  GLU A OE1 1 
ATOM   394 O OE2 . GLU A 1 51 ? 3.462   -17.703 0.792   1.00 33.84 ? 51  GLU A OE2 1 
ATOM   395 N N   . GLN A 1 52 ? 4.179   -13.878 4.741   1.00 18.01 ? 52  GLN A N   1 
ATOM   396 C CA  . GLN A 1 52 ? 2.985   -13.862 5.585   1.00 18.35 ? 52  GLN A CA  1 
ATOM   397 C C   . GLN A 1 52 ? 2.541   -12.445 5.902   1.00 18.60 ? 52  GLN A C   1 
ATOM   398 O O   . GLN A 1 52 ? 1.347   -12.149 5.983   1.00 17.76 ? 52  GLN A O   1 
ATOM   399 C CB  . GLN A 1 52 ? 3.198   -14.650 6.882   1.00 19.71 ? 52  GLN A CB  1 
ATOM   400 C CG  . GLN A 1 52 ? 2.015   -14.575 7.832   1.00 20.19 ? 52  GLN A CG  1 
ATOM   401 C CD  . GLN A 1 52 ? 0.775   -15.258 7.280   1.00 18.90 ? 52  GLN A CD  1 
ATOM   402 O OE1 . GLN A 1 52 ? 0.858   -16.094 6.372   1.00 18.75 ? 52  GLN A OE1 1 
ATOM   403 N NE2 . GLN A 1 52 ? -0.385  -14.911 7.833   1.00 18.56 ? 52  GLN A NE2 1 
ATOM   404 N N   . VAL A 1 53 ? 3.510   -11.564 6.104   1.00 18.47 ? 53  VAL A N   1 
ATOM   405 C CA  . VAL A 1 53 ? 3.187   -10.178 6.386   1.00 16.72 ? 53  VAL A CA  1 
ATOM   406 C C   . VAL A 1 53 ? 2.537   -9.499  5.171   1.00 15.98 ? 53  VAL A C   1 
ATOM   407 O O   . VAL A 1 53 ? 1.588   -8.723  5.319   1.00 16.66 ? 53  VAL A O   1 
ATOM   408 C CB  . VAL A 1 53 ? 4.434   -9.416  6.869   1.00 18.24 ? 53  VAL A CB  1 
ATOM   409 C CG1 . VAL A 1 53 ? 4.138   -7.946  7.016   1.00 19.39 ? 53  VAL A CG1 1 
ATOM   410 C CG2 . VAL A 1 53 ? 4.930   -10.025 8.196   1.00 21.09 ? 53  VAL A CG2 1 
ATOM   411 N N   . ARG A 1 54 ? 3.022   -9.819  3.974   1.00 13.14 ? 54  ARG A N   1 
ATOM   412 C CA  . ARG A 1 54 ? 2.419   -9.264  2.762   1.00 12.18 ? 54  ARG A CA  1 
ATOM   413 C C   . ARG A 1 54 ? 0.966   -9.723  2.637   1.00 12.89 ? 54  ARG A C   1 
ATOM   414 O O   . ARG A 1 54 ? 0.093   -8.931  2.287   1.00 13.08 ? 54  ARG A O   1 
ATOM   415 C CB  . ARG A 1 54 ? 3.220   -9.643  1.509   1.00 13.75 ? 54  ARG A CB  1 
ATOM   416 C CG  . ARG A 1 54 ? 4.659   -9.130  1.532   1.00 15.74 ? 54  ARG A CG  1 
ATOM   417 C CD  . ARG A 1 54 ? 5.310   -9.189  0.153   1.00 16.65 ? 54  ARG A CD  1 
ATOM   418 N NE  . ARG A 1 54 ? 5.453   -10.552 -0.356  1.00 17.65 ? 54  ARG A NE  1 
ATOM   419 C CZ  . ARG A 1 54 ? 6.492   -11.346 -0.104  1.00 20.52 ? 54  ARG A CZ  1 
ATOM   420 N NH1 . ARG A 1 54 ? 7.491   -10.930 0.674   1.00 23.11 ? 54  ARG A NH1 1 
ATOM   421 N NH2 . ARG A 1 54 ? 6.534   -12.565 -0.629  1.00 21.40 ? 54  ARG A NH2 1 
ATOM   422 N N   . LYS A 1 55 ? 0.708   -10.993 2.947   1.00 13.79 ? 55  LYS A N   1 
ATOM   423 C CA  . LYS A 1 55 ? -0.659  -11.506 2.923   1.00 13.89 ? 55  LYS A CA  1 
ATOM   424 C C   . LYS A 1 55 ? -1.552  -10.733 3.880   1.00 13.65 ? 55  LYS A C   1 
ATOM   425 O O   . LYS A 1 55 ? -2.691  -10.396 3.548   1.00 15.40 ? 55  LYS A O   1 
ATOM   426 C CB  . LYS A 1 55 ? -0.701  -12.990 3.289   1.00 14.44 ? 55  LYS A CB  1 
ATOM   427 C CG  . LYS A 1 55 ? -0.113  -13.902 2.235   1.00 16.48 ? 55  LYS A CG  1 
ATOM   428 C CD  . LYS A 1 55 ? -0.172  -15.363 2.660   1.00 17.99 ? 55  LYS A CD  1 
ATOM   429 C CE  . LYS A 1 55 ? 0.491   -16.247 1.619   1.00 19.27 ? 55  LYS A CE  1 
ATOM   430 N NZ  . LYS A 1 55 ? 0.607   -17.668 2.066   1.00 21.30 ? 55  LYS A NZ  1 
ATOM   431 N N   . GLU A 1 56 ? -1.039  -10.469 5.080   1.00 13.75 ? 56  GLU A N   1 
ATOM   432 C CA  . GLU A 1 56 ? -1.822  -9.754  6.079   1.00 14.89 ? 56  GLU A CA  1 
ATOM   433 C C   . GLU A 1 56 ? -2.073  -8.305  5.687   1.00 14.98 ? 56  GLU A C   1 
ATOM   434 O O   . GLU A 1 56 ? -3.175  -7.781  5.870   1.00 15.48 ? 56  GLU A O   1 
ATOM   435 C CB  . GLU A 1 56 ? -1.150  -9.852  7.443   1.00 16.18 ? 56  GLU A CB  1 
ATOM   436 C CG  . GLU A 1 56 ? -1.126  -11.276 7.954   1.00 16.57 ? 56  GLU A CG  1 
ATOM   437 C CD  . GLU A 1 56 ? -0.287  -11.414 9.175   1.00 19.95 ? 56  GLU A CD  1 
ATOM   438 O OE1 . GLU A 1 56 ? 0.258   -10.381 9.610   1.00 22.19 ? 56  GLU A OE1 1 
ATOM   439 O OE2 . GLU A 1 56 ? -0.171  -12.540 9.689   1.00 21.28 ? 56  GLU A OE2 1 
ATOM   440 N N   . LEU A 1 57 ? -1.048  -7.665  5.135   1.00 13.67 ? 57  LEU A N   1 
ATOM   441 C CA  . LEU A 1 57 ? -1.185  -6.297  4.652   1.00 13.86 ? 57  LEU A CA  1 
ATOM   442 C C   . LEU A 1 57 ? -2.158  -6.211  3.467   1.00 13.85 ? 57  LEU A C   1 
ATOM   443 O O   . LEU A 1 57 ? -2.884  -5.232  3.327   1.00 13.78 ? 57  LEU A O   1 
ATOM   444 C CB  . LEU A 1 57 ? 0.191   -5.723  4.289   1.00 14.96 ? 57  LEU A CB  1 
ATOM   445 C CG  . LEU A 1 57 ? 1.073   -5.439  5.517   1.00 16.90 ? 57  LEU A CG  1 
ATOM   446 C CD1 . LEU A 1 57 ? 2.492   -5.041  5.139   1.00 17.35 ? 57  LEU A CD1 1 
ATOM   447 C CD2 . LEU A 1 57 ? 0.439   -4.351  6.374   1.00 16.34 ? 57  LEU A CD2 1 
ATOM   448 N N   . ALA A 1 58 ? -2.196  -7.250  2.634   1.00 12.11 ? 58  ALA A N   1 
ATOM   449 C CA  . ALA A 1 58 ? -3.140  -7.270  1.522   1.00 12.78 ? 58  ALA A CA  1 
ATOM   450 C C   . ALA A 1 58 ? -4.573  -7.369  2.050   1.00 13.69 ? 58  ALA A C   1 
ATOM   451 O O   . ALA A 1 58 ? -5.484  -6.731  1.517   1.00 14.73 ? 58  ALA A O   1 
ATOM   452 C CB  . ALA A 1 58 ? -2.821  -8.423  0.587   1.00 14.05 ? 58  ALA A CB  1 
ATOM   453 N N   . LYS A 1 59 ? -4.775  -8.156  3.107   1.00 13.57 ? 59  LYS A N   1 
ATOM   454 C CA  . LYS A 1 59 ? -6.101  -8.248  3.734   1.00 15.11 ? 59  LYS A CA  1 
ATOM   455 C C   . LYS A 1 59 ? -6.517  -6.899  4.316   1.00 14.47 ? 59  LYS A C   1 
ATOM   456 O O   . LYS A 1 59 ? -7.675  -6.498  4.214   1.00 15.25 ? 59  LYS A O   1 
ATOM   457 C CB  . LYS A 1 59 ? -6.137  -9.315  4.830   1.00 17.53 ? 59  LYS A CB  1 
ATOM   458 C CG  . LYS A 1 59 ? -6.012  -10.745 4.338   1.00 22.74 ? 59  LYS A CG  1 
ATOM   459 C CD  . LYS A 1 59 ? -6.072  -11.727 5.506   1.00 27.75 ? 59  LYS A CD  1 
ATOM   460 C CE  . LYS A 1 59 ? -7.447  -11.736 6.168   1.00 31.88 ? 59  LYS A CE  1 
ATOM   461 N NZ  . LYS A 1 59 ? -7.520  -12.717 7.295   1.00 32.64 ? 59  LYS A NZ  1 
ATOM   462 N N   . GLU A 1 60 ? -5.567  -6.204  4.938   1.00 13.06 ? 60  GLU A N   1 
ATOM   463 C CA  . GLU A 1 60 ? -5.830  -4.873  5.465   1.00 13.51 ? 60  GLU A CA  1 
ATOM   464 C C   . GLU A 1 60 ? -6.197  -3.889  4.346   1.00 13.60 ? 60  GLU A C   1 
ATOM   465 O O   . GLU A 1 60 ? -7.134  -3.099  4.486   1.00 13.86 ? 60  GLU A O   1 
ATOM   466 C CB  . GLU A 1 60 ? -4.622  -4.378  6.270   1.00 14.87 ? 60  GLU A CB  1 
ATOM   467 C CG  . GLU A 1 60 ? -4.646  -2.900  6.612   1.00 17.67 ? 60  GLU A CG  1 
ATOM   468 C CD  . GLU A 1 60 ? -5.654  -2.536  7.686   1.00 19.36 ? 60  GLU A CD  1 
ATOM   469 O OE1 . GLU A 1 60 ? -6.350  -3.431  8.222   1.00 20.36 ? 60  GLU A OE1 1 
ATOM   470 O OE2 . GLU A 1 60 ? -5.741  -1.329  8.006   1.00 21.25 ? 60  GLU A OE2 1 
ATOM   471 N N   . ALA A 1 61 ? -5.477  -3.957  3.231   1.00 12.29 ? 61  ALA A N   1 
ATOM   472 C CA  . ALA A 1 61 ? -5.767  -3.086  2.094   1.00 12.41 ? 61  ALA A CA  1 
ATOM   473 C C   . ALA A 1 61 ? -7.204  -3.297  1.604   1.00 13.25 ? 61  ALA A C   1 
ATOM   474 O O   . ALA A 1 61 ? -7.917  -2.340  1.296   1.00 14.00 ? 61  ALA A O   1 
ATOM   475 C CB  . ALA A 1 61 ? -4.765  -3.320  0.975   1.00 13.65 ? 61  ALA A CB  1 
ATOM   476 N N   . GLU A 1 62 ? -7.633  -4.558  1.561   1.00 12.27 ? 62  GLU A N   1 
ATOM   477 C CA  . GLU A 1 62 ? -8.997  -4.891  1.167   1.00 13.14 ? 62  GLU A CA  1 
ATOM   478 C C   . GLU A 1 62 ? -10.022 -4.305  2.138   1.00 13.25 ? 62  GLU A C   1 
ATOM   479 O O   . GLU A 1 62 ? -11.037 -3.750  1.722   1.00 14.69 ? 62  GLU A O   1 
ATOM   480 C CB  . GLU A 1 62 ? -9.160  -6.411  1.047   1.00 14.38 ? 62  GLU A CB  1 
ATOM   481 C CG  . GLU A 1 62 ? -10.598 -6.881  0.906   1.00 15.34 ? 62  GLU A CG  1 
ATOM   482 C CD  . GLU A 1 62 ? -10.703 -8.359  0.582   1.00 19.68 ? 62  GLU A CD  1 
ATOM   483 O OE1 . GLU A 1 62 ? -9.662  -9.036  0.488   1.00 22.55 ? 62  GLU A OE1 1 
ATOM   484 O OE2 . GLU A 1 62 ? -11.837 -8.842  0.412   1.00 20.32 ? 62  GLU A OE2 1 
ATOM   485 N N   . ARG A 1 63 ? -9.750  -4.415  3.434   1.00 13.26 ? 63  ARG A N   1 
ATOM   486 C CA  . ARG A 1 63 ? -10.654 -3.851  4.425   1.00 13.51 ? 63  ARG A CA  1 
ATOM   487 C C   . ARG A 1 63 ? -10.766 -2.332  4.261   1.00 13.42 ? 63  ARG A C   1 
ATOM   488 O O   . ARG A 1 63 ? -11.859 -1.763  4.370   1.00 14.41 ? 63  ARG A O   1 
ATOM   489 C CB  . ARG A 1 63 ? -10.217 -4.229  5.844   1.00 15.13 ? 63  ARG A CB  1 
ATOM   490 C CG  . ARG A 1 63 ? -10.427 -5.711  6.177   1.00 16.46 ? 63  ARG A CG  1 
ATOM   491 C CD  . ARG A 1 63 ? -10.247 -6.000  7.676   1.00 18.46 ? 63  ARG A CD  1 
ATOM   492 N NE  . ARG A 1 63 ? -8.878  -5.732  8.120   1.00 19.99 ? 63  ARG A NE  1 
ATOM   493 C CZ  . ARG A 1 63 ? -7.903  -6.637  8.156   1.00 19.54 ? 63  ARG A CZ  1 
ATOM   494 N NH1 . ARG A 1 63 ? -8.140  -7.887  7.776   1.00 20.95 ? 63  ARG A NH1 1 
ATOM   495 N NH2 . ARG A 1 63 ? -6.689  -6.295  8.582   1.00 20.72 ? 63  ARG A NH2 1 
ATOM   496 N N   . LEU A 1 64 ? -9.639  -1.681  3.988   1.00 12.80 ? 64  LEU A N   1 
ATOM   497 C CA  . LEU A 1 64 ? -9.626  -0.227  3.840   1.00 13.07 ? 64  LEU A CA  1 
ATOM   498 C C   . LEU A 1 64 ? -10.355 0.228   2.576   1.00 13.70 ? 64  LEU A C   1 
ATOM   499 O O   . LEU A 1 64 ? -11.049 1.244   2.586   1.00 14.94 ? 64  LEU A O   1 
ATOM   500 C CB  . LEU A 1 64 ? -8.191  0.303   3.844   1.00 14.33 ? 64  LEU A CB  1 
ATOM   501 C CG  . LEU A 1 64 ? -7.454  0.089   5.162   1.00 16.15 ? 64  LEU A CG  1 
ATOM   502 C CD1 . LEU A 1 64 ? -5.995  0.478   5.016   1.00 16.05 ? 64  LEU A CD1 1 
ATOM   503 C CD2 . LEU A 1 64 ? -8.117  0.886   6.278   1.00 16.40 ? 64  LEU A CD2 1 
ATOM   504 N N   . ALA A 1 65 ? -10.194 -0.523  1.489   1.00 13.55 ? 65  ALA A N   1 
ATOM   505 C CA  . ALA A 1 65 ? -10.896 -0.203  0.245   1.00 13.38 ? 65  ALA A CA  1 
ATOM   506 C C   . ALA A 1 65 ? -12.398 -0.237  0.481   1.00 14.20 ? 65  ALA A C   1 
ATOM   507 O O   . ALA A 1 65 ? -13.131 0.649   0.036   1.00 15.49 ? 65  ALA A O   1 
ATOM   508 C CB  . ALA A 1 65 ? -10.507 -1.168  -0.865  1.00 14.46 ? 65  ALA A CB  1 
ATOM   509 N N   . LYS A 1 66 ? -12.843 -1.259  1.204   1.00 14.16 ? 66  LYS A N   1 
ATOM   510 C CA  . LYS A 1 66 ? -14.251 -1.421  1.536   1.00 14.21 ? 66  LYS A CA  1 
ATOM   511 C C   . LYS A 1 66 ? -14.721 -0.317  2.480   1.00 14.91 ? 66  LYS A C   1 
ATOM   512 O O   . LYS A 1 66 ? -15.756 0.313   2.265   1.00 16.70 ? 66  LYS A O   1 
ATOM   513 C CB  . LYS A 1 66 ? -14.473 -2.794  2.172   1.00 15.26 ? 66  LYS A CB  1 
ATOM   514 C CG  . LYS A 1 66 ? -14.319 -3.953  1.186   1.00 16.05 ? 66  LYS A CG  1 
ATOM   515 C CD  . LYS A 1 66 ? -14.408 -5.306  1.889   1.00 16.94 ? 66  LYS A CD  1 
ATOM   516 C CE  . LYS A 1 66 ? -14.368 -6.448  0.883   1.00 17.92 ? 66  LYS A CE  1 
ATOM   517 N NZ  . LYS A 1 66 ? -14.385 -7.796  1.533   1.00 19.70 ? 66  LYS A NZ  1 
ATOM   518 N N   . GLU A 1 67 ? -13.955 -0.098  3.543   1.00 14.45 ? 67  GLU A N   1 
ATOM   519 C CA  . GLU A 1 67 ? -14.301 0.907   4.539   1.00 16.67 ? 67  GLU A CA  1 
ATOM   520 C C   . GLU A 1 67 ? -14.530 2.284   3.918   1.00 15.87 ? 67  GLU A C   1 
ATOM   521 O O   . GLU A 1 67 ? -15.495 2.969   4.256   1.00 17.11 ? 67  GLU A O   1 
ATOM   522 C CB  . GLU A 1 67 ? -13.205 1.007   5.601   1.00 16.46 ? 67  GLU A CB  1 
ATOM   523 C CG  . GLU A 1 67 ? -13.556 1.943   6.763   1.00 18.46 ? 67  GLU A CG  1 
ATOM   524 C CD  . GLU A 1 67 ? -12.417 2.076   7.762   1.00 19.54 ? 67  GLU A CD  1 
ATOM   525 O OE1 . GLU A 1 67 ? -11.407 1.357   7.600   1.00 21.59 ? 67  GLU A OE1 1 
ATOM   526 O OE2 . GLU A 1 67 ? -12.525 2.896   8.700   1.00 20.61 ? 67  GLU A OE2 1 
ATOM   527 N N   . PHE A 1 68 ? -13.648 2.675   3.001   1.00 15.65 ? 68  PHE A N   1 
ATOM   528 C CA  . PHE A 1 68 ? -13.615 4.057   2.531   1.00 17.13 ? 68  PHE A CA  1 
ATOM   529 C C   . PHE A 1 68 ? -14.149 4.267   1.116   1.00 18.63 ? 68  PHE A C   1 
ATOM   530 O O   . PHE A 1 68 ? -14.233 5.400   0.647   1.00 19.51 ? 68  PHE A O   1 
ATOM   531 C CB  . PHE A 1 68 ? -12.203 4.639   2.684   1.00 17.23 ? 68  PHE A CB  1 
ATOM   532 C CG  . PHE A 1 68 ? -11.789 4.822   4.118   1.00 19.95 ? 68  PHE A CG  1 
ATOM   533 C CD1 . PHE A 1 68 ? -12.380 5.803   4.900   1.00 22.88 ? 68  PHE A CD1 1 
ATOM   534 C CD2 . PHE A 1 68 ? -10.838 3.992   4.695   1.00 19.47 ? 68  PHE A CD2 1 
ATOM   535 C CE1 . PHE A 1 68 ? -12.015 5.967   6.224   1.00 22.91 ? 68  PHE A CE1 1 
ATOM   536 C CE2 . PHE A 1 68 ? -10.469 4.148   6.020   1.00 19.51 ? 68  PHE A CE2 1 
ATOM   537 C CZ  . PHE A 1 68 ? -11.054 5.141   6.783   1.00 21.90 ? 68  PHE A CZ  1 
ATOM   538 N N   . GLY A 1 69 ? -14.524 3.182   0.445   1.00 17.52 ? 69  GLY A N   1 
ATOM   539 C CA  . GLY A 1 69 ? -15.066 3.289   -0.900  1.00 18.75 ? 69  GLY A CA  1 
ATOM   540 C C   . GLY A 1 69 ? -14.044 3.830   -1.880  1.00 18.12 ? 69  GLY A C   1 
ATOM   541 O O   . GLY A 1 69 ? -14.358 4.666   -2.731  1.00 19.43 ? 69  GLY A O   1 
ATOM   542 N N   . ILE A 1 70 ? -12.810 3.360   -1.746  1.00 15.65 ? 70  ILE A N   1 
ATOM   543 C CA  . ILE A 1 70 ? -11.733 3.757   -2.636  1.00 14.78 ? 70  ILE A CA  1 
ATOM   544 C C   . ILE A 1 70 ? -11.234 2.528   -3.382  1.00 14.40 ? 70  ILE A C   1 
ATOM   545 O O   . ILE A 1 70 ? -11.728 1.418   -3.175  1.00 14.98 ? 70  ILE A O   1 
ATOM   546 C CB  . ILE A 1 70 ? -10.569 4.424   -1.873  1.00 16.25 ? 70  ILE A CB  1 
ATOM   547 C CG1 . ILE A 1 70 ? -9.981  3.446   -0.852  1.00 17.73 ? 70  ILE A CG1 1 
ATOM   548 C CG2 . ILE A 1 70 ? -11.048 5.696   -1.184  1.00 17.74 ? 70  ILE A CG2 1 
ATOM   549 C CD1 . ILE A 1 70 ? -8.705  3.933   -0.206  1.00 19.65 ? 70  ILE A CD1 1 
ATOM   550 N N   . THR A 1 71 ? -10.255 2.736   -4.246  1.00 14.38 ? 71  THR A N   1 
ATOM   551 C CA  . THR A 1 71 ? -9.672  1.664   -5.019  1.00 15.37 ? 71  THR A CA  1 
ATOM   552 C C   . THR A 1 71 ? -8.230  1.465   -4.595  1.00 14.58 ? 71  THR A C   1 
ATOM   553 O O   . THR A 1 71 ? -7.474  2.433   -4.470  1.00 14.98 ? 71  THR A O   1 
ATOM   554 C CB  . THR A 1 71 ? -9.759  1.975   -6.524  1.00 17.26 ? 71  THR A CB  1 
ATOM   555 O OG1 . THR A 1 71 ? -11.130 1.899   -6.932  1.00 17.64 ? 71  THR A OG1 1 
ATOM   556 C CG2 . THR A 1 71 ? -8.937  0.985   -7.338  1.00 18.67 ? 71  THR A CG2 1 
ATOM   557 N N   . VAL A 1 72 ? -7.859  0.215   -4.344  1.00 13.71 ? 72  VAL A N   1 
ATOM   558 C CA  . VAL A 1 72 ? -6.472  -0.116  -4.073  1.00 12.73 ? 72  VAL A CA  1 
ATOM   559 C C   . VAL A 1 72 ? -6.017  -1.132  -5.107  1.00 11.99 ? 72  VAL A C   1 
ATOM   560 O O   . VAL A 1 72 ? -6.706  -2.131  -5.360  1.00 13.46 ? 72  VAL A O   1 
ATOM   561 C CB  . VAL A 1 72 ? -6.264  -0.677  -2.646  1.00 14.10 ? 72  VAL A CB  1 
ATOM   562 C CG1 . VAL A 1 72 ? -4.796  -0.928  -2.404  1.00 15.94 ? 72  VAL A CG1 1 
ATOM   563 C CG2 . VAL A 1 72 ? -6.816  0.295   -1.613  1.00 16.02 ? 72  VAL A CG2 1 
ATOM   564 N N   . THR A 1 73 ? -4.872  -0.866  -5.721  1.00 11.15 ? 73  THR A N   1 
ATOM   565 C CA  . THR A 1 73 ? -4.306  -1.786  -6.695  1.00 11.26 ? 73  THR A CA  1 
ATOM   566 C C   . THR A 1 73 ? -2.961  -2.253  -6.187  1.00 12.14 ? 73  THR A C   1 
ATOM   567 O O   . THR A 1 73 ? -2.312  -1.557  -5.404  1.00 12.45 ? 73  THR A O   1 
ATOM   568 C CB  . THR A 1 73 ? -4.153  -1.132  -8.086  1.00 12.46 ? 73  THR A CB  1 
ATOM   569 O OG1 . THR A 1 73 ? -3.256  -0.013  -7.998  1.00 15.46 ? 73  THR A OG1 1 
ATOM   570 C CG2 . THR A 1 73 ? -5.509  -0.654  -8.598  1.00 13.84 ? 73  THR A CG2 1 
ATOM   571 N N   . ARG A 1 74 ? -2.552  -3.437  -6.609  1.00 12.65 ? 74  ARG A N   1 
ATOM   572 C CA  . ARG A 1 74 ? -1.308  -4.008  -6.135  1.00 12.12 ? 74  ARG A CA  1 
ATOM   573 C C   . ARG A 1 74 ? -0.481  -4.533  -7.289  1.00 12.52 ? 74  ARG A C   1 
ATOM   574 O O   . ARG A 1 74 ? -1.006  -5.175  -8.197  1.00 13.52 ? 74  ARG A O   1 
ATOM   575 C CB  . ARG A 1 74 ? -1.574  -5.134  -5.141  1.00 13.78 ? 74  ARG A CB  1 
ATOM   576 C CG  . ARG A 1 74 ? -0.300  -5.787  -4.693  1.00 14.55 ? 74  ARG A CG  1 
ATOM   577 C CD  . ARG A 1 74 ? -0.522  -6.780  -3.620  1.00 14.90 ? 74  ARG A CD  1 
ATOM   578 N NE  . ARG A 1 74 ? 0.753   -7.348  -3.208  1.00 14.93 ? 74  ARG A NE  1 
ATOM   579 C CZ  . ARG A 1 74 ? 0.850   -8.463  -2.499  1.00 14.48 ? 74  ARG A CZ  1 
ATOM   580 N NH1 . ARG A 1 74 ? -0.262  -9.094  -2.133  1.00 16.88 ? 74  ARG A NH1 1 
ATOM   581 N NH2 . ARG A 1 74 ? 2.043   -8.945  -2.166  1.00 17.33 ? 74  ARG A NH2 1 
ATOM   582 N N   . THR A 1 75 ? 0.808   -4.244  -7.262  1.00 11.82 ? 75  THR A N   1 
ATOM   583 C CA  . THR A 1 75 ? 1.711   -4.725  -8.286  1.00 11.54 ? 75  THR A CA  1 
ATOM   584 C C   . THR A 1 75 ? 1.913   -6.233  -8.147  1.00 12.21 ? 75  THR A C   1 
ATOM   585 O O   . THR A 1 75 ? 2.219   -6.734  -7.054  1.00 13.46 ? 75  THR A O   1 
ATOM   586 C CB  . THR A 1 75 ? 3.056   -3.988  -8.191  1.00 12.72 ? 75  THR A CB  1 
ATOM   587 O OG1 . THR A 1 75 ? 2.838   -2.579  -8.357  1.00 13.27 ? 75  THR A OG1 1 
ATOM   588 C CG2 . THR A 1 75 ? 3.998   -4.482  -9.259  1.00 15.13 ? 75  THR A CG2 1 
ATOM   589 N N   . ILE A 1 76 ? 1.746   -6.953  -9.252  1.00 12.22 ? 76  ILE A N   1 
ATOM   590 C CA  . ILE A 1 76 ? 1.901   -8.404  -9.265  1.00 12.62 ? 76  ILE A CA  1 
ATOM   591 C C   . ILE A 1 76 ? 3.384   -8.779  -9.244  1.00 13.96 ? 76  ILE A C   1 
ATOM   592 O O   . ILE A 1 76 ? 4.215   -8.124  -9.886  1.00 14.39 ? 76  ILE A O   1 
ATOM   593 C CB  . ILE A 1 76 ? 1.192   -9.009  -10.505 1.00 15.27 ? 76  ILE A CB  1 
ATOM   594 C CG1 . ILE A 1 76 ? -0.326  -8.811  -10.373 1.00 16.18 ? 76  ILE A CG1 1 
ATOM   595 C CG2 . ILE A 1 76 ? 1.560   -10.492 -10.701 1.00 19.04 ? 76  ILE A CG2 1 
ATOM   596 C CD1 . ILE A 1 76 ? -1.135  -9.392  -11.531 1.00 20.44 ? 76  ILE A CD1 1 
ATOM   597 N N   . ARG A 1 77 ? 3.710   -9.809  -8.469  1.00 15.39 ? 77  ARG A N   1 
ATOM   598 C CA  . ARG A 1 77 ? 5.065   -10.327 -8.390  1.00 16.88 ? 77  ARG A CA  1 
ATOM   599 C C   . ARG A 1 77 ? 5.629   -10.558 -9.786  1.00 18.88 ? 77  ARG A C   1 
ATOM   600 O O   . ARG A 1 77 ? 4.918   -11.024 -10.681 1.00 18.46 ? 77  ARG A O   1 
ATOM   601 C CB  . ARG A 1 77 ? 5.065   -11.630 -7.590  1.00 18.56 ? 77  ARG A CB  1 
ATOM   602 C CG  . ARG A 1 77 ? 6.445   -12.182 -7.273  1.00 21.53 ? 77  ARG A CG  1 
ATOM   603 C CD  . ARG A 1 77 ? 6.337   -13.375 -6.322  1.00 23.80 ? 77  ARG A CD  1 
ATOM   604 N NE  . ARG A 1 77 ? 7.633   -13.985 -6.028  1.00 28.12 ? 77  ARG A NE  1 
ATOM   605 C CZ  . ARG A 1 77 ? 8.196   -14.002 -4.825  1.00 32.18 ? 77  ARG A CZ  1 
ATOM   606 N NH1 . ARG A 1 77 ? 7.581   -13.441 -3.790  1.00 33.30 ? 77  ARG A NH1 1 
ATOM   607 N NH2 . ARG A 1 77 ? 9.375   -14.585 -4.653  1.00 34.78 ? 77  ARG A NH2 1 
ATOM   608 N N   . GLY A 1 78 ? 6.897   -10.208 -9.983  1.00 18.63 ? 78  GLY A N   1 
ATOM   609 C CA  . GLY A 1 78 ? 7.533   -10.392 -11.276 1.00 18.67 ? 78  GLY A CA  1 
ATOM   610 C C   . GLY A 1 78 ? 7.556   -9.119  -12.108 1.00 17.86 ? 78  GLY A C   1 
ATOM   611 O O   . GLY A 1 78 ? 8.322   -9.014  -13.058 1.00 18.96 ? 78  GLY A O   1 
ATOM   612 N N   . SER A 1 79 ? 6.715   -8.155  -11.746 1.00 16.32 ? 79  SER A N   1 
ATOM   613 C CA  . SER A 1 79 ? 6.646   -6.878  -12.453 1.00 14.54 ? 79  SER A CA  1 
ATOM   614 C C   . SER A 1 79 ? 7.968   -6.139  -12.441 1.00 15.82 ? 79  SER A C   1 
ATOM   615 O O   . SER A 1 79 ? 8.661   -6.113  -11.424 1.00 19.21 ? 79  SER A O   1 
ATOM   616 C CB  . SER A 1 79 ? 5.591   -5.970  -11.831 1.00 13.96 ? 79  SER A CB  1 
ATOM   617 O OG  . SER A 1 79 ? 4.281   -6.439  -12.084 1.00 14.30 ? 79  SER A OG  1 
ATOM   618 N N   . TRP A 1 80 ? 8.287   -5.507  -13.565 1.00 17.29 ? 80  TRP A N   1 
ATOM   619 C CA  . TRP A 1 80 ? 9.512   -4.736  -13.716 1.00 20.65 ? 80  TRP A CA  1 
ATOM   620 C C   . TRP A 1 80 ? 9.653   -3.680  -12.621 1.00 22.96 ? 80  TRP A C   1 
ATOM   621 O O   . TRP A 1 80 ? 10.739  -3.465  -12.084 1.00 23.41 ? 80  TRP A O   1 
ATOM   622 C CB  . TRP A 1 80 ? 9.525   -4.068  -15.087 1.00 22.93 ? 80  TRP A CB  1 
ATOM   623 C CG  . TRP A 1 80 ? 10.791  -3.359  -15.408 1.00 25.55 ? 80  TRP A CG  1 
ATOM   624 C CD1 . TRP A 1 80 ? 11.018  -2.016  -15.340 1.00 27.74 ? 80  TRP A CD1 1 
ATOM   625 C CD2 . TRP A 1 80 ? 12.018  -3.956  -15.849 1.00 29.94 ? 80  TRP A CD2 1 
ATOM   626 N NE1 . TRP A 1 80 ? 12.310  -1.737  -15.716 1.00 30.80 ? 80  TRP A NE1 1 
ATOM   627 C CE2 . TRP A 1 80 ? 12.943  -2.905  -16.031 1.00 31.43 ? 80  TRP A CE2 1 
ATOM   628 C CE3 . TRP A 1 80 ? 12.419  -5.268  -16.109 1.00 31.23 ? 80  TRP A CE3 1 
ATOM   629 C CZ2 . TRP A 1 80 ? 14.251  -3.135  -16.460 1.00 34.31 ? 80  TRP A CZ2 1 
ATOM   630 C CZ3 . TRP A 1 80 ? 13.720  -5.491  -16.537 1.00 33.38 ? 80  TRP A CZ3 1 
ATOM   631 C CH2 . TRP A 1 80 ? 14.619  -4.429  -16.706 1.00 34.80 ? 80  TRP A CH2 1 
ATOM   632 N N   . SER A 1 81 ? 8.543   -3.034  -12.286 1.00 23.17 ? 81  SER A N   1 
ATOM   633 C CA  . SER A 1 81 ? 8.565   -1.914  -11.345 1.00 24.32 ? 81  SER A CA  1 
ATOM   634 C C   . SER A 1 81 ? 8.969   -2.321  -9.931  1.00 26.18 ? 81  SER A C   1 
ATOM   635 O O   . SER A 1 81 ? 9.406   -1.482  -9.150  1.00 29.42 ? 81  SER A O   1 
ATOM   636 C CB  . SER A 1 81 ? 7.197   -1.227  -11.303 1.00 24.59 ? 81  SER A CB  1 
ATOM   637 O OG  . SER A 1 81 ? 6.208   -2.126  -10.831 1.00 24.56 ? 81  SER A OG  1 
ATOM   638 N N   . LEU A 1 82 ? 8.815   -3.601  -9.601  1.00 25.96 ? 82  LEU A N   1 
ATOM   639 C CA  . LEU A 1 82 ? 9.120   -4.074  -8.249  1.00 29.74 ? 82  LEU A CA  1 
ATOM   640 C C   . LEU A 1 82 ? 10.614  -4.054  -7.922  1.00 35.56 ? 82  LEU A C   1 
ATOM   641 O O   . LEU A 1 82 ? 10.995  -3.860  -6.768  1.00 34.94 ? 82  LEU A O   1 
ATOM   642 C CB  . LEU A 1 82 ? 8.545   -5.473  -8.007  1.00 29.74 ? 82  LEU A CB  1 
ATOM   643 C CG  . LEU A 1 82 ? 7.078   -5.543  -7.579  1.00 28.10 ? 82  LEU A CG  1 
ATOM   644 C CD1 . LEU A 1 82 ? 6.620   -6.992  -7.461  1.00 27.89 ? 82  LEU A CD1 1 
ATOM   645 C CD2 . LEU A 1 82 ? 6.888   -4.808  -6.258  1.00 28.62 ? 82  LEU A CD2 1 
ATOM   646 N N   . GLU A 1 83 ? 11.455  -4.249  -8.930  1.00 40.69 ? 83  GLU A N   1 
ATOM   647 C CA  . GLU A 1 83 ? 12.898  -4.292  -8.708  1.00 45.42 ? 83  GLU A CA  1 
ATOM   648 C C   . GLU A 1 83 ? 13.638  -3.183  -9.444  1.00 48.09 ? 83  GLU A C   1 
ATOM   649 O O   . GLU A 1 83 ? 14.864  -3.221  -9.567  1.00 49.52 ? 83  GLU A O   1 
ATOM   650 C CB  . GLU A 1 83 ? 13.459  -5.649  -9.128  1.00 47.31 ? 83  GLU A CB  1 
ATOM   651 C CG  . GLU A 1 83 ? 12.902  -6.817  -8.344  1.00 49.71 ? 83  GLU A CG  1 
ATOM   652 C CD  . GLU A 1 83 ? 13.306  -8.146  -8.942  1.00 51.79 ? 83  GLU A CD  1 
ATOM   653 O OE1 . GLU A 1 83 ? 13.976  -8.138  -9.996  1.00 52.29 ? 83  GLU A OE1 1 
ATOM   654 O OE2 . GLU A 1 83 ? 12.950  -9.195  -8.364  1.00 52.54 ? 83  GLU A OE2 1 
ATOM   655 N N   . HIS A 1 84 ? 12.896  -2.197  -9.933  1.00 48.62 ? 84  HIS A N   1 
ATOM   656 C CA  . HIS A 1 84 ? 13.502  -1.089  -10.660 1.00 50.59 ? 84  HIS A CA  1 
ATOM   657 C C   . HIS A 1 84 ? 12.922  0.253   -10.227 1.00 51.93 ? 84  HIS A C   1 
ATOM   658 O O   . HIS A 1 84 ? 12.281  0.954   -11.014 1.00 53.35 ? 84  HIS A O   1 
ATOM   659 C CB  . HIS A 1 84 ? 13.360  -1.294  -12.172 1.00 51.31 ? 84  HIS A CB  1 
ATOM   660 C CG  . HIS A 1 84 ? 14.026  -2.538  -12.673 1.00 51.90 ? 84  HIS A CG  1 
ATOM   661 N ND1 . HIS A 1 84 ? 13.382  -3.751  -12.741 1.00 52.60 ? 84  HIS A ND1 1 
ATOM   662 C CD2 . HIS A 1 84 ? 15.292  -2.758  -13.107 1.00 52.49 ? 84  HIS A CD2 1 
ATOM   663 C CE1 . HIS A 1 84 ? 14.216  -4.668  -13.206 1.00 52.84 ? 84  HIS A CE1 1 
ATOM   664 N NE2 . HIS A 1 84 ? 15.380  -4.088  -13.434 1.00 52.81 ? 84  HIS A NE2 1 
ATOM   665 N N   . HIS A 1 85 ? 13.154  0.596   -8.963  1.00 51.01 ? 85  HIS A N   1 
ATOM   666 C CA  . HIS A 1 85 ? 12.752  1.886   -8.420  1.00 50.68 ? 85  HIS A CA  1 
ATOM   667 C C   . HIS A 1 85 ? 13.918  2.866   -8.458  1.00 51.54 ? 85  HIS A C   1 
ATOM   668 O O   . HIS A 1 85 ? 13.753  4.020   -8.855  1.00 52.66 ? 85  HIS A O   1 
ATOM   669 C CB  . HIS A 1 85 ? 12.256  1.733   -6.980  1.00 49.80 ? 85  HIS A CB  1 
ATOM   670 C CG  . HIS A 1 85 ? 10.947  1.015   -6.861  1.00 47.90 ? 85  HIS A CG  1 
ATOM   671 N ND1 . HIS A 1 85 ? 9.736   1.639   -7.073  1.00 47.97 ? 85  HIS A ND1 1 
ATOM   672 C CD2 . HIS A 1 85 ? 10.662  -0.270  -6.552  1.00 45.05 ? 85  HIS A CD2 1 
ATOM   673 C CE1 . HIS A 1 85 ? 8.760   0.765   -6.899  1.00 46.07 ? 85  HIS A CE1 1 
ATOM   674 N NE2 . HIS A 1 85 ? 9.293   -0.400  -6.581  1.00 44.33 ? 85  HIS A NE2 1 
HETATM 675 P P   . PO4 B 2 .  ? 3.960   -11.939 -3.370  1.00 23.07 ? 301 PO4 A P   1 
HETATM 676 O O1  . PO4 B 2 .  ? 3.421   -11.411 -2.060  1.00 18.36 ? 301 PO4 A O1  1 
HETATM 677 O O2  . PO4 B 2 .  ? 4.984   -13.020 -3.115  1.00 33.85 ? 301 PO4 A O2  1 
HETATM 678 O O3  . PO4 B 2 .  ? 2.850   -12.516 -4.209  1.00 26.00 ? 301 PO4 A O3  1 
HETATM 679 O O4  . PO4 B 2 .  ? 4.623   -10.817 -4.136  1.00 22.74 ? 301 PO4 A O4  1 
HETATM 680 C C   . ACY C 3 .  ? 9.493   -13.612 1.014   1.00 49.30 ? 302 ACY A C   1 
HETATM 681 O O   . ACY C 3 .  ? 9.782   -12.417 1.245   1.00 50.22 ? 302 ACY A O   1 
HETATM 682 O OXT . ACY C 3 .  ? 9.321   -14.080 -0.134  1.00 44.73 ? 302 ACY A OXT 1 
HETATM 683 C CH3 . ACY C 3 .  ? 9.342   -14.534 2.189   1.00 27.62 ? 302 ACY A CH3 1 
HETATM 684 C C   . ACY D 3 .  ? -10.375 1.368   -13.107 1.00 19.41 ? 303 ACY A C   1 
HETATM 685 O O   . ACY D 3 .  ? -9.696  0.463   -12.564 1.00 30.08 ? 303 ACY A O   1 
HETATM 686 O OXT . ACY D 3 .  ? -10.895 2.322   -12.484 1.00 50.47 ? 303 ACY A OXT 1 
HETATM 687 C CH3 . ACY D 3 .  ? -10.558 1.304   -14.591 1.00 48.23 ? 303 ACY A CH3 1 
HETATM 688 C C   . ACY E 3 .  ? 10.248  -14.538 -8.101  1.00 40.63 ? 304 ACY A C   1 
HETATM 689 O O   . ACY E 3 .  ? 10.772  -13.516 -8.593  1.00 64.69 ? 304 ACY A O   1 
HETATM 690 O OXT . ACY E 3 .  ? 9.038   -14.835 -8.225  1.00 34.07 ? 304 ACY A OXT 1 
HETATM 691 C CH3 . ACY E 3 .  ? 11.121  -15.461 -7.304  1.00 54.16 ? 304 ACY A CH3 1 
HETATM 692 O O   . HOH F 4 .  ? 8.813   -10.000 9.520   0.61 19.95 ? 501 HOH A O   1 
HETATM 693 O O   . HOH F 4 .  ? 12.908  4.335   0.230   0.43 28.03 ? 502 HOH A O   1 
HETATM 694 O O   . HOH F 4 .  ? 4.627   -8.165  -3.458  1.00 16.99 ? 503 HOH A O   1 
HETATM 695 O O   . HOH F 4 .  ? 5.994   12.585  -6.745  1.00 22.34 ? 504 HOH A O   1 
HETATM 696 O O   . HOH F 4 .  ? 1.427   -0.479  -7.193  1.00 23.53 ? 505 HOH A O   1 
HETATM 697 O O   . HOH F 4 .  ? 9.096   -0.269  10.966  1.00 16.86 ? 506 HOH A O   1 
HETATM 698 O O   . HOH F 4 .  ? -17.336 4.221   2.651   1.00 23.43 ? 507 HOH A O   1 
HETATM 699 O O   . HOH F 4 .  ? 5.218   -1.250  -8.680  1.00 20.35 ? 508 HOH A O   1 
HETATM 700 O O   . HOH F 4 .  ? -17.044 0.454   -0.150  1.00 20.34 ? 509 HOH A O   1 
HETATM 701 O O   . HOH F 4 .  ? 6.425   5.406   -3.317  1.00 21.98 ? 510 HOH A O   1 
HETATM 702 O O   . HOH F 4 .  ? -7.145  9.266   -6.980  1.00 24.10 ? 511 HOH A O   1 
HETATM 703 O O   . HOH F 4 .  ? -3.231  -8.737  -2.952  1.00 26.41 ? 512 HOH A O   1 
HETATM 704 O O   . HOH F 4 .  ? -18.256 2.872   0.253   1.00 24.46 ? 513 HOH A O   1 
HETATM 705 O O   . HOH F 4 .  ? -12.163 4.294   -7.084  1.00 25.99 ? 514 HOH A O   1 
HETATM 706 O O   . HOH F 4 .  ? -3.971  -12.002 1.799   1.00 21.13 ? 515 HOH A O   1 
HETATM 707 O O   . HOH F 4 .  ? -9.737  -8.597  4.009   1.00 20.89 ? 516 HOH A O   1 
HETATM 708 O O   . HOH F 4 .  ? -12.341 -8.018  3.516   1.00 22.30 ? 517 HOH A O   1 
HETATM 709 O O   . HOH F 4 .  ? -13.421 5.748   -5.153  1.00 24.04 ? 518 HOH A O   1 
HETATM 710 O O   . HOH F 4 .  ? 0.157   -11.610 -0.723  1.00 24.65 ? 519 HOH A O   1 
HETATM 711 O O   . HOH F 4 .  ? 9.935   0.897   1.086   1.00 21.39 ? 520 HOH A O   1 
HETATM 712 O O   . HOH F 4 .  ? -10.332 -9.342  6.519   1.00 23.60 ? 521 HOH A O   1 
HETATM 713 O O   . HOH F 4 .  ? -0.868  -0.462  -8.442  1.00 23.91 ? 522 HOH A O   1 
HETATM 714 O O   . HOH F 4 .  ? -15.337 0.062   -2.291  1.00 28.02 ? 523 HOH A O   1 
HETATM 715 O O   . HOH F 4 .  ? -9.113  -3.169  9.364   1.00 24.68 ? 524 HOH A O   1 
HETATM 716 O O   . HOH F 4 .  ? 9.144   -9.605  -8.308  1.00 28.39 ? 525 HOH A O   1 
HETATM 717 O O   . HOH F 4 .  ? -2.041  -18.460 2.069   1.00 21.75 ? 526 HOH A O   1 
HETATM 718 O O   . HOH F 4 .  ? -4.358  -7.902  8.289   1.00 26.99 ? 527 HOH A O   1 
HETATM 719 O O   . HOH F 4 .  ? 3.270   1.553   -5.652  1.00 29.07 ? 528 HOH A O   1 
HETATM 720 O O   . HOH F 4 .  ? 12.767  -6.062  0.900   1.00 49.09 ? 529 HOH A O   1 
HETATM 721 O O   . HOH F 4 .  ? 7.950   -7.442  8.460   1.00 24.14 ? 530 HOH A O   1 
HETATM 722 O O   . HOH F 4 .  ? 12.071  -7.510  -12.943 1.00 38.10 ? 531 HOH A O   1 
HETATM 723 O O   . HOH F 4 .  ? 1.296   -18.892 -0.344  1.00 45.53 ? 532 HOH A O   1 
HETATM 724 O O   . HOH F 4 .  ? -2.477  -12.499 -0.502  1.00 28.17 ? 533 HOH A O   1 
HETATM 725 O O   . HOH F 4 .  ? -9.418  1.303   9.515   1.00 30.82 ? 534 HOH A O   1 
HETATM 726 O O   . HOH F 4 .  ? 6.444   -15.477 5.811   1.00 23.18 ? 535 HOH A O   1 
HETATM 727 O O   . HOH F 4 .  ? -7.007  4.020   7.835   1.00 35.13 ? 536 HOH A O   1 
HETATM 728 O O   . HOH F 4 .  ? 1.771   -11.074 -6.633  1.00 28.75 ? 537 HOH A O   1 
HETATM 729 O O   . HOH F 4 .  ? 5.638   -16.350 -7.469  1.00 37.48 ? 538 HOH A O   1 
HETATM 730 O O   . HOH F 4 .  ? -5.830  12.212  -4.393  1.00 34.05 ? 539 HOH A O   1 
HETATM 731 O O   . HOH F 4 .  ? -4.677  -14.786 9.767   1.00 59.98 ? 540 HOH A O   1 
HETATM 732 O O   . HOH F 4 .  ? -3.808  10.941  -11.450 1.00 29.06 ? 541 HOH A O   1 
HETATM 733 O O   . HOH F 4 .  ? -3.597  -16.932 1.338   1.00 39.06 ? 542 HOH A O   1 
HETATM 734 O O   . HOH F 4 .  ? 5.024   -17.772 4.842   1.00 41.63 ? 543 HOH A O   1 
HETATM 735 O O   . HOH F 4 .  ? -1.524  8.913   -12.150 1.00 27.97 ? 544 HOH A O   1 
HETATM 736 O O   . HOH F 4 .  ? 12.653  -2.398  7.395   1.00 29.03 ? 545 HOH A O   1 
HETATM 737 O O   . HOH F 4 .  ? 9.041   5.560   -4.364  1.00 37.61 ? 546 HOH A O   1 
HETATM 738 O O   . HOH F 4 .  ? 3.205   -6.069  -4.572  1.00 14.17 ? 547 HOH A O   1 
HETATM 739 O O   . HOH F 4 .  ? 9.696   -6.681  1.545   1.00 32.78 ? 548 HOH A O   1 
HETATM 740 O O   . HOH F 4 .  ? -16.875 6.986   2.798   1.00 35.85 ? 549 HOH A O   1 
HETATM 741 O O   . HOH F 4 .  ? 0.453   -9.099  -5.805  1.00 36.02 ? 550 HOH A O   1 
HETATM 742 O O   . HOH F 4 .  ? 14.537  1.595   6.957   1.00 38.00 ? 551 HOH A O   1 
HETATM 743 O O   . HOH F 4 .  ? 2.217   -12.939 -0.098  1.00 28.85 ? 552 HOH A O   1 
HETATM 744 O O   . HOH F 4 .  ? -3.874  -8.281  -5.551  1.00 32.33 ? 553 HOH A O   1 
HETATM 745 O O   . HOH F 4 .  ? 0.209   -12.605 -3.495  1.00 35.47 ? 554 HOH A O   1 
HETATM 746 O O   . HOH F 4 .  ? -13.463 7.259   9.182   1.00 39.50 ? 555 HOH A O   1 
HETATM 747 O O   . HOH F 4 .  ? 11.917  -3.750  -19.285 1.00 35.21 ? 556 HOH A O   1 
HETATM 748 O O   . HOH F 4 .  ? 11.557  -10.177 4.068   1.00 51.78 ? 557 HOH A O   1 
HETATM 749 O O   . HOH F 4 .  ? 2.548   -14.073 -5.829  1.00 37.73 ? 558 HOH A O   1 
HETATM 750 O O   . HOH F 4 .  ? 10.894  -8.898  1.856   1.00 39.54 ? 559 HOH A O   1 
HETATM 751 O O   . HOH F 4 .  ? -2.635  15.276  -12.260 1.00 33.46 ? 560 HOH A O   1 
HETATM 752 O O   . HOH F 4 .  ? 12.759  -6.602  8.092   1.00 41.10 ? 561 HOH A O   1 
HETATM 753 O O   . HOH F 4 .  ? 13.312  -1.685  -6.491  1.00 46.65 ? 562 HOH A O   1 
HETATM 754 O O   . HOH F 4 .  ? 1.707   -5.251  12.522  1.00 32.36 ? 563 HOH A O   1 
HETATM 755 O O   . HOH F 4 .  ? -6.581  16.949  -0.198  1.00 36.40 ? 564 HOH A O   1 
HETATM 756 O O   . HOH F 4 .  ? -17.177 -5.343  -1.232  1.00 46.70 ? 565 HOH A O   1 
HETATM 757 O O   . HOH F 4 .  ? 2.692   -15.827 -1.752  1.00 56.36 ? 566 HOH A O   1 
HETATM 758 O O   . HOH F 4 .  ? 0.182   -4.187  14.344  1.00 40.65 ? 567 HOH A O   1 
HETATM 759 O O   . HOH F 4 .  ? -10.470 -13.454 6.057   1.00 51.08 ? 568 HOH A O   1 
HETATM 760 O O   . HOH F 4 .  ? -6.497  7.472   -14.947 1.00 44.83 ? 569 HOH A O   1 
HETATM 761 O O   . HOH F 4 .  ? -7.922  -0.996  9.835   1.00 38.04 ? 570 HOH A O   1 
HETATM 762 O O   . HOH F 4 .  ? 11.454  -10.222 8.302   0.50 29.76 ? 571 HOH A O   1 
HETATM 763 O O   . HOH F 4 .  ? -6.455  5.879   -12.562 1.00 42.14 ? 572 HOH A O   1 
HETATM 764 O O   . HOH F 4 .  ? -3.638  -13.867 5.876   1.00 44.48 ? 573 HOH A O   1 
HETATM 765 O O   . HOH F 4 .  ? -12.659 -10.958 3.752   1.00 41.96 ? 574 HOH A O   1 
HETATM 766 O O   . HOH F 4 .  ? -6.391  -10.315 9.112   1.00 57.68 ? 575 HOH A O   1 
HETATM 767 O O   . HOH F 4 .  ? 2.364   -17.127 4.332   1.00 19.34 ? 576 HOH A O   1 
HETATM 768 O O   . HOH F 4 .  ? -6.113  -5.729  11.835  1.00 41.43 ? 577 HOH A O   1 
HETATM 769 O O   . HOH F 4 .  ? -6.089  7.892   -10.883 1.00 38.68 ? 578 HOH A O   1 
HETATM 770 O O   . HOH F 4 .  ? 10.414  -7.960  -10.098 1.00 40.35 ? 579 HOH A O   1 
HETATM 771 O O   . HOH F 4 .  ? 1.427   -2.271  20.851  1.00 48.46 ? 580 HOH A O   1 
HETATM 772 O O   . HOH F 4 .  ? -2.441  -0.403  17.595  1.00 61.12 ? 581 HOH A O   1 
HETATM 773 O O   . HOH F 4 .  ? -9.470  7.581   -9.312  1.00 43.89 ? 582 HOH A O   1 
HETATM 774 O O   . HOH F 4 .  ? -14.822 7.353   -6.992  1.00 38.18 ? 583 HOH A O   1 
HETATM 775 O O   . HOH F 4 .  ? -13.117 7.907   1.346   1.00 39.74 ? 584 HOH A O   1 
HETATM 776 O O   . HOH F 4 .  ? -9.402  -7.526  10.756  1.00 63.71 ? 585 HOH A O   1 
HETATM 777 O O   . HOH F 4 .  ? -8.210  7.075   9.434   1.00 41.38 ? 586 HOH A O   1 
HETATM 778 O O   . HOH F 4 .  ? 8.540   -17.512 -7.430  1.00 54.53 ? 587 HOH A O   1 
HETATM 779 O O   . HOH F 4 .  ? -2.473  -15.266 -0.832  1.00 36.96 ? 588 HOH A O   1 
HETATM 780 O O   . HOH F 4 .  ? 4.037   4.433   -12.636 1.00 52.31 ? 589 HOH A O   1 
HETATM 781 O O   . HOH F 4 .  ? 4.970   5.936   -10.859 1.00 45.48 ? 590 HOH A O   1 
HETATM 782 O O   . HOH F 4 .  ? 14.438  2.503   1.650   1.00 45.52 ? 591 HOH A O   1 
HETATM 783 O O   . HOH F 4 .  ? 2.813   1.577   -7.940  1.00 40.73 ? 592 HOH A O   1 
HETATM 784 O O   . HOH F 4 .  ? -2.503  0.989   -11.146 0.60 21.13 ? 593 HOH A O   1 
HETATM 785 O O   . HOH F 4 .  ? -3.986  4.842   -11.903 1.00 35.83 ? 594 HOH A O   1 
HETATM 786 O O   . HOH F 4 .  ? -4.365  2.780   -10.683 1.00 58.02 ? 595 HOH A O   1 
HETATM 787 O O   . HOH F 4 .  ? -4.709  0.705   -11.494 1.00 34.61 ? 596 HOH A O   1 
# 
loop_
_atom_site_anisotrop.id 
_atom_site_anisotrop.type_symbol 
_atom_site_anisotrop.pdbx_label_atom_id 
_atom_site_anisotrop.pdbx_label_alt_id 
_atom_site_anisotrop.pdbx_label_comp_id 
_atom_site_anisotrop.pdbx_label_asym_id 
_atom_site_anisotrop.pdbx_label_seq_id 
_atom_site_anisotrop.pdbx_PDB_ins_code 
_atom_site_anisotrop.U[1][1] 
_atom_site_anisotrop.U[2][2] 
_atom_site_anisotrop.U[3][3] 
_atom_site_anisotrop.U[1][2] 
_atom_site_anisotrop.U[1][3] 
_atom_site_anisotrop.U[2][3] 
_atom_site_anisotrop.pdbx_auth_seq_id 
_atom_site_anisotrop.pdbx_auth_comp_id 
_atom_site_anisotrop.pdbx_auth_asym_id 
_atom_site_anisotrop.pdbx_auth_atom_id 
1   N N   . MET A 1  ? 0.3897 0.5595 0.5131 0.0453  -0.0400 -0.0291 1  MET A N   
2   C CA  . MET A 1  ? 0.3951 0.5513 0.5482 0.0513  -0.0406 -0.0645 1  MET A CA  
3   C C   . MET A 1  ? 0.3373 0.5030 0.5201 0.0596  -0.0548 -0.0560 1  MET A C   
4   O O   . MET A 1  ? 0.3502 0.5466 0.5045 0.0891  -0.0530 -0.0797 1  MET A O   
5   C CB  . MET A 1  ? 0.4457 0.6099 0.5588 0.0677  -0.0513 -0.0746 1  MET A CB  
6   C CG  . MET A 1  ? 0.4995 0.6593 0.5546 0.0825  -0.0585 -0.0635 1  MET A CG  
7   S SD  . MET A 1  ? 0.5464 0.7284 0.5668 0.0974  -0.0731 -0.0629 1  MET A SD  
8   C CE  . MET A 1  ? 0.5561 0.7140 0.5649 0.0957  -0.0698 -0.0503 1  MET A CE  
9   N N   . GLU A 2  ? 0.2823 0.4418 0.5312 0.0368  -0.0616 -0.0867 2  GLU A N   
10  C CA  . GLU A 2  ? 0.2185 0.3415 0.4549 0.0153  -0.0801 -0.0303 2  GLU A CA  
11  C C   . GLU A 2  ? 0.1839 0.2892 0.3303 0.0024  -0.0775 -0.0019 2  GLU A C   
12  O O   . GLU A 2  ? 0.1934 0.2941 0.3628 0.0153  -0.0582 -0.0345 2  GLU A O   
13  C CB  . GLU A 2  ? 0.2191 0.4216 0.4460 -0.0202 -0.0587 0.0013  2  GLU A CB  
14  C CG  . GLU A 2  ? 0.2286 0.4360 0.4099 -0.0385 -0.0691 0.0362  2  GLU A CG  
15  C CD  . GLU A 2  ? 0.2403 0.4610 0.3992 -0.0418 -0.0721 0.0550  2  GLU A CD  
16  O OE1 . GLU A 2  ? 0.2289 0.5048 0.3552 -0.0370 -0.0740 0.0919  2  GLU A OE1 
17  O OE2 . GLU A 2  ? 0.2444 0.4101 0.4427 -0.0526 -0.0766 0.0384  2  GLU A OE2 
18  N N   . MET A 3  ? 0.1940 0.1940 0.2206 0.0143  -0.0715 0.0531  3  MET A N   
19  C CA  . MET A 3  ? 0.1856 0.1724 0.2174 -0.0028 -0.0341 0.0623  3  MET A CA  
20  C C   . MET A 3  ? 0.1724 0.1647 0.2057 -0.0378 -0.0302 0.0237  3  MET A C   
21  O O   . MET A 3  ? 0.2116 0.1984 0.1991 -0.0012 -0.0763 0.0116  3  MET A O   
22  C CB  . MET A 3  ? 0.3010 0.2611 0.2578 0.0082  0.0254  0.0398  3  MET A CB  
23  C CG  . MET A 3  ? 0.3365 0.3450 0.2698 -0.0140 0.0624  0.0181  3  MET A CG  
24  S SD  . MET A 3  ? 0.3072 0.2742 0.2238 -0.0511 0.0718  0.0079  3  MET A SD  
25  C CE  . MET A 3  ? 0.2762 0.3130 0.2180 -0.0841 0.0753  0.0085  3  MET A CE  
26  N N   . ASP A 4  ? 0.1446 0.1714 0.1470 -0.0254 -0.0157 0.0385  4  ASP A N   
27  C CA  . ASP A 4  ? 0.1384 0.1773 0.1377 -0.0074 -0.0132 0.0185  4  ASP A CA  
28  C C   . ASP A 4  ? 0.1333 0.2147 0.1526 0.0025  -0.0191 -0.0174 4  ASP A C   
29  O O   . ASP A 4  ? 0.1489 0.1871 0.1641 0.0138  -0.0205 -0.0449 4  ASP A O   
30  C CB  . ASP A 4  ? 0.1534 0.2604 0.1620 -0.0224 0.0109  0.0195  4  ASP A CB  
31  C CG  . ASP A 4  ? 0.1761 0.3307 0.1916 -0.0202 0.0261  0.0017  4  ASP A CG  
32  O OD1 . ASP A 4  ? 0.1906 0.3288 0.2448 -0.0365 0.0467  -0.0328 4  ASP A OD1 
33  O OD2 . ASP A 4  ? 0.1922 0.3100 0.2442 -0.0285 0.0307  0.0037  4  ASP A OD2 
34  N N   . ILE A 5  ? 0.1275 0.1762 0.1411 0.0115  -0.0327 -0.0023 5  ILE A N   
35  C CA  . ILE A 5  ? 0.1523 0.1464 0.1398 0.0013  -0.0091 0.0040  5  ILE A CA  
36  C C   . ILE A 5  ? 0.1776 0.1229 0.1379 -0.0065 -0.0041 -0.0062 5  ILE A C   
37  O O   . ILE A 5  ? 0.1790 0.1320 0.1821 -0.0227 -0.0128 -0.0459 5  ILE A O   
38  C CB  . ILE A 5  ? 0.2193 0.1342 0.1592 0.0122  0.0124  -0.0356 5  ILE A CB  
39  C CG1 . ILE A 5  ? 0.2747 0.2321 0.2089 0.0201  0.0355  -0.0657 5  ILE A CG1 
40  C CG2 . ILE A 5  ? 0.2083 0.1671 0.1784 0.0104  0.0082  -0.0303 5  ILE A CG2 
41  C CD1 . ILE A 5  ? 0.2954 0.3166 0.3274 0.0165  0.0426  -0.1058 5  ILE A CD1 
42  N N   . ARG A 6  ? 0.1591 0.1284 0.1432 -0.0091 -0.0002 -0.0109 6  ARG A N   
43  C CA  . ARG A 6  ? 0.1653 0.1580 0.1227 -0.0126 0.0036  0.0108  6  ARG A CA  
44  C C   . ARG A 6  ? 0.1582 0.1126 0.1472 -0.0136 0.0187  0.0122  6  ARG A C   
45  O O   . ARG A 6  ? 0.1404 0.1356 0.2157 -0.0342 0.0271  -0.0323 6  ARG A O   
46  C CB  . ARG A 6  ? 0.2177 0.2842 0.1334 -0.0275 0.0178  -0.0168 6  ARG A CB  
47  C CG  . ARG A 6  ? 0.2762 0.3256 0.1533 -0.0440 0.0327  0.0238  6  ARG A CG  
48  C CD  . ARG A 6  ? 0.3220 0.3646 0.2316 -0.0661 0.0656  0.0230  6  ARG A CD  
49  N NE  . ARG A 6  ? 0.3606 0.4223 0.2827 -0.0513 0.0632  0.0202  6  ARG A NE  
50  C CZ  . ARG A 6  ? 0.3633 0.4238 0.2768 -0.0496 0.0568  0.0614  6  ARG A CZ  
51  N NH1 . ARG A 6  ? 0.3569 0.4466 0.2704 -0.0441 0.0316  0.0704  6  ARG A NH1 
52  N NH2 . ARG A 6  ? 0.3781 0.4602 0.3192 -0.0305 0.0553  0.0455  6  ARG A NH2 
53  N N   . PHE A 7  ? 0.1895 0.1720 0.1484 -0.0052 0.0461  -0.0141 7  PHE A N   
54  C CA  . PHE A 7  ? 0.2292 0.1553 0.1788 -0.0126 0.0561  -0.0097 7  PHE A CA  
55  C C   . PHE A 7  ? 0.2416 0.2021 0.1977 0.0010  0.0548  -0.0204 7  PHE A C   
56  O O   . PHE A 7  ? 0.2343 0.1715 0.1968 0.0143  0.0503  0.0050  7  PHE A O   
57  C CB  . PHE A 7  ? 0.2805 0.1466 0.1849 -0.0001 0.0527  -0.0190 7  PHE A CB  
58  C CG  . PHE A 7  ? 0.2905 0.1709 0.1768 -0.0129 0.0685  0.0142  7  PHE A CG  
59  C CD1 . PHE A 7  ? 0.3285 0.2970 0.1976 0.0076  0.0669  0.0219  7  PHE A CD1 
60  C CD2 . PHE A 7  ? 0.3175 0.2634 0.1773 0.0173  0.0682  0.0408  7  PHE A CD2 
61  C CE1 . PHE A 7  ? 0.3192 0.2972 0.2292 -0.0044 0.0744  0.0043  7  PHE A CE1 
62  C CE2 . PHE A 7  ? 0.3385 0.3140 0.1867 0.0347  0.0551  0.0195  7  PHE A CE2 
63  C CZ  . PHE A 7  ? 0.3130 0.2199 0.2125 -0.0108 0.0606  -0.0163 7  PHE A CZ  
64  N N   . ARG A 8  ? 0.2452 0.1596 0.2018 0.0164  0.0519  -0.0154 8  ARG A N   
65  C CA  . ARG A 8  ? 0.2539 0.2227 0.2086 0.0310  0.0286  -0.0146 8  ARG A CA  
66  C C   . ARG A 8  ? 0.2291 0.1777 0.2440 0.0267  0.0326  -0.0039 8  ARG A C   
67  O O   . ARG A 8  ? 0.2339 0.1640 0.2520 -0.0045 0.0540  -0.0096 8  ARG A O   
68  C CB  . ARG A 8  ? 0.2883 0.2248 0.2169 0.0322  0.0094  -0.0494 8  ARG A CB  
69  C CG  . ARG A 8  ? 0.3249 0.2765 0.2401 -0.0262 0.0206  -0.0995 8  ARG A CG  
70  C CD  . ARG A 8  ? 0.3579 0.3183 0.2756 -0.0662 0.0239  -0.0852 8  ARG A CD  
71  N NE  . ARG A 8  ? 0.3719 0.3294 0.3185 -0.0715 0.0105  -0.0423 8  ARG A NE  
72  C CZ  . ARG A 8  ? 0.3820 0.3377 0.3302 -0.0558 -0.0004 -0.0198 8  ARG A CZ  
73  N NH1 . ARG A 8  ? 0.3884 0.3761 0.3282 -0.0237 -0.0051 -0.0164 8  ARG A NH1 
74  N NH2 . ARG A 8  ? 0.3854 0.2881 0.3181 -0.0676 0.0005  0.0147  8  ARG A NH2 
75  N N   . GLY A 9  ? 0.2274 0.2081 0.2799 0.0430  0.0344  0.0285  9  GLY A N   
76  C CA  . GLY A 9  ? 0.2406 0.2584 0.3188 0.0474  0.0625  0.0280  9  GLY A CA  
77  C C   . GLY A 9  ? 0.2903 0.2856 0.3709 0.0431  0.0936  -0.0138 9  GLY A C   
78  O O   . GLY A 9  ? 0.2849 0.3476 0.4346 0.0400  0.0865  -0.0394 9  GLY A O   
79  N N   . ASP A 10 ? 0.3284 0.2830 0.3504 0.0487  0.1164  -0.0008 10 ASP A N   
80  C CA  . ASP A 10 ? 0.3664 0.2980 0.3572 0.0847  0.1193  0.0117  10 ASP A CA  
81  C C   . ASP A 10 ? 0.3886 0.2570 0.3478 0.1087  0.0993  0.0086  10 ASP A C   
82  O O   . ASP A 10 ? 0.3671 0.2973 0.3316 0.0773  0.1100  0.0291  10 ASP A O   
83  C CB  . ASP A 10 ? 0.3867 0.3419 0.3606 0.0822  0.1415  0.0430  10 ASP A CB  
84  C CG  . ASP A 10 ? 0.4244 0.3750 0.4120 0.0754  0.1500  0.0327  10 ASP A CG  
85  O OD1 . ASP A 10 ? 0.4398 0.4317 0.4390 0.0808  0.1510  0.0193  10 ASP A OD1 
86  O OD2 . ASP A 10 ? 0.4395 0.3355 0.4477 0.0752  0.1504  0.0066  10 ASP A OD2 
87  N N   . ASP A 11 ? 0.4170 0.2262 0.3696 0.1013  0.0931  -0.0178 11 ASP A N   
88  C CA  . ASP A 11 ? 0.4281 0.2557 0.4044 0.0864  0.0912  -0.0559 11 ASP A CA  
89  C C   . ASP A 11 ? 0.4270 0.2666 0.3529 0.0389  0.0842  -0.0322 11 ASP A C   
90  O O   . ASP A 11 ? 0.4208 0.2859 0.3207 0.0277  0.0834  -0.0150 11 ASP A O   
91  C CB  . ASP A 11 ? 0.4384 0.3869 0.4416 0.0945  0.0990  -0.0672 11 ASP A CB  
92  C CG  . ASP A 11 ? 0.4504 0.4854 0.4692 0.0996  0.1086  -0.0620 11 ASP A CG  
93  O OD1 . ASP A 11 ? 0.4583 0.4777 0.4680 0.0866  0.1278  -0.0457 11 ASP A OD1 
94  O OD2 . ASP A 11 ? 0.4547 0.5521 0.4836 0.1026  0.1061  -0.0595 11 ASP A OD2 
95  N N   . LEU A 12 ? 0.4256 0.2558 0.3413 0.0081  0.0731  -0.0269 12 LEU A N   
96  C CA  . LEU A 12 ? 0.4583 0.3257 0.3504 -0.0155 0.0715  -0.0519 12 LEU A CA  
97  C C   . LEU A 12 ? 0.5147 0.3283 0.3296 0.0059  0.0767  -0.0551 12 LEU A C   
98  O O   . LEU A 12 ? 0.5130 0.2856 0.3075 -0.0122 0.0764  -0.0329 12 LEU A O   
99  C CB  . LEU A 12 ? 0.4334 0.3075 0.3938 -0.0457 0.0607  -0.0593 12 LEU A CB  
100 C CG  . LEU A 12 ? 0.4225 0.3019 0.3758 -0.0780 0.0665  -0.0545 12 LEU A CG  
101 C CD1 . LEU A 12 ? 0.4286 0.3405 0.3439 -0.0660 0.0670  -0.0251 12 LEU A CD1 
102 C CD2 . LEU A 12 ? 0.4278 0.3747 0.3434 -0.0926 0.0773  -0.0421 12 LEU A CD2 
103 N N   . GLU A 13 ? 0.5669 0.3436 0.3101 0.0126  0.0963  -0.0495 13 GLU A N   
104 C CA  . GLU A 13 ? 0.6105 0.3584 0.2846 0.0139  0.1109  -0.0547 13 GLU A CA  
105 C C   . GLU A 13 ? 0.5926 0.3804 0.2739 0.0314  0.1033  -0.0469 13 GLU A C   
106 O O   . GLU A 13 ? 0.6061 0.4070 0.2549 0.0153  0.1129  -0.0321 13 GLU A O   
107 C CB  . GLU A 13 ? 0.6574 0.3980 0.2980 -0.0041 0.1355  -0.0653 13 GLU A CB  
108 C CG  . GLU A 13 ? 0.6839 0.5266 0.3040 -0.0172 0.1434  -0.0359 13 GLU A CG  
109 C CD  . GLU A 13 ? 0.7183 0.6434 0.3372 -0.0173 0.1459  -0.0323 13 GLU A CD  
110 O OE1 . GLU A 13 ? 0.7412 0.6807 0.3404 -0.0020 0.1368  -0.0345 13 GLU A OE1 
111 O OE2 . GLU A 13 ? 0.7203 0.6883 0.3762 -0.0254 0.1427  -0.0398 13 GLU A OE2 
112 N N   . ALA A 14 ? 0.5575 0.3582 0.2863 0.0463  0.0886  -0.0504 14 ALA A N   
113 C CA  . ALA A 14 ? 0.5162 0.3491 0.2924 0.0421  0.0986  -0.0334 14 ALA A CA  
114 C C   . ALA A 14 ? 0.4933 0.3119 0.2598 0.0303  0.1044  -0.0143 14 ALA A C   
115 O O   . ALA A 14 ? 0.4938 0.3333 0.2766 0.0333  0.1054  -0.0206 14 ALA A O   
116 C CB  . ALA A 14 ? 0.4987 0.3602 0.2922 0.0712  0.0842  -0.0115 14 ALA A CB  
117 N N   . LEU A 15 ? 0.4564 0.2854 0.2784 -0.0296 0.1049  -0.0080 15 LEU A N   
118 C CA  . LEU A 15 ? 0.4187 0.2301 0.2376 -0.0580 0.0892  -0.0307 15 LEU A CA  
119 C C   . LEU A 15 ? 0.4295 0.2271 0.2524 -0.0935 0.0808  -0.0501 15 LEU A C   
120 O O   . LEU A 15 ? 0.3920 0.2224 0.2434 -0.1247 0.0777  -0.0702 15 LEU A O   
121 C CB  . LEU A 15 ? 0.3711 0.2533 0.2649 -0.0660 0.0804  -0.0270 15 LEU A CB  
122 C CG  . LEU A 15 ? 0.3380 0.2202 0.2682 -0.0446 0.0766  0.0061  15 LEU A CG  
123 C CD1 . LEU A 15 ? 0.3161 0.2240 0.2699 -0.0423 0.0794  0.0253  15 LEU A CD1 
124 C CD2 . LEU A 15 ? 0.3323 0.2027 0.2921 -0.0477 0.0823  -0.0087 15 LEU A CD2 
125 N N   . LEU A 16 ? 0.4849 0.2556 0.2345 -0.0807 0.0685  -0.0437 16 LEU A N   
126 C CA  . LEU A 16 ? 0.5183 0.2195 0.2911 -0.1274 0.0878  -0.0473 16 LEU A CA  
127 C C   . LEU A 16 ? 0.5388 0.2808 0.3048 -0.1032 0.0991  -0.0588 16 LEU A C   
128 O O   . LEU A 16 ? 0.5495 0.3578 0.3016 -0.1062 0.1074  -0.0381 16 LEU A O   
129 C CB  . LEU A 16 ? 0.5330 0.2254 0.3154 -0.1561 0.0846  -0.0348 16 LEU A CB  
130 C CG  . LEU A 16 ? 0.5455 0.2589 0.3196 -0.1502 0.0720  -0.0458 16 LEU A CG  
131 C CD1 . LEU A 16 ? 0.5427 0.2775 0.3287 -0.1549 0.0651  -0.0382 16 LEU A CD1 
132 C CD2 . LEU A 16 ? 0.5496 0.2436 0.3454 -0.1557 0.0687  -0.0627 16 LEU A CD2 
133 N N   . LYS A 17 ? 0.5488 0.2557 0.3035 -0.0890 0.1158  -0.0774 17 LYS A N   
134 C CA  . LYS A 17 ? 0.5319 0.3060 0.3143 -0.0513 0.1114  -0.0448 17 LYS A CA  
135 C C   . LYS A 17 ? 0.4870 0.3106 0.2791 -0.0473 0.1039  -0.0453 17 LYS A C   
136 O O   . LYS A 17 ? 0.4972 0.3304 0.2597 -0.0251 0.0857  -0.0330 17 LYS A O   
137 C CB  . LYS A 17 ? 0.5498 0.3868 0.3475 -0.0230 0.1064  -0.0387 17 LYS A CB  
138 C CG  . LYS A 17 ? 0.5712 0.4382 0.3940 0.0079  0.0973  -0.0552 17 LYS A CG  
139 C CD  . LYS A 17 ? 0.5959 0.4450 0.4355 0.0401  0.0869  -0.0822 17 LYS A CD  
140 C CE  . LYS A 17 ? 0.6089 0.5068 0.4669 0.0618  0.0787  -0.1109 17 LYS A CE  
141 N NZ  . LYS A 17 ? 0.6279 0.5500 0.4776 0.0677  0.0771  -0.1327 17 LYS A NZ  
142 N N   . ALA A 18 ? 0.4518 0.3030 0.2913 -0.0308 0.1140  -0.0570 18 ALA A N   
143 C CA  . ALA A 18 ? 0.4404 0.3231 0.2683 -0.0210 0.1031  -0.0425 18 ALA A CA  
144 C C   . ALA A 18 ? 0.4574 0.3487 0.2422 0.0393  0.0830  -0.0295 18 ALA A C   
145 O O   . ALA A 18 ? 0.4765 0.3425 0.2859 0.0781  0.0929  -0.0198 18 ALA A O   
146 C CB  . ALA A 18 ? 0.4352 0.3347 0.2784 -0.0353 0.0996  -0.0242 18 ALA A CB  
147 N N   . ALA A 19 ? 0.4046 0.4079 0.1932 0.0400  0.0617  -0.0012 19 ALA A N   
148 C CA  . ALA A 19 ? 0.3921 0.5040 0.2294 0.0424  0.0320  0.0339  19 ALA A CA  
149 C C   . ALA A 19 ? 0.3841 0.5346 0.2540 0.0355  0.0110  0.0531  19 ALA A C   
150 O O   . ALA A 19 ? 0.3565 0.5335 0.3130 0.0692  -0.0103 0.0507  19 ALA A O   
151 C CB  . ALA A 19 ? 0.3651 0.5642 0.2477 0.0479  0.0235  0.0671  19 ALA A CB  
152 N N   . ILE A 20 ? 0.3867 0.5607 0.2393 -0.0203 -0.0036 0.0191  20 ILE A N   
153 C CA  . ILE A 20 ? 0.3754 0.5357 0.2527 -0.0749 -0.0071 0.0045  20 ILE A CA  
154 C C   . ILE A 20 ? 0.3657 0.5231 0.2546 -0.1639 0.0301  -0.0420 20 ILE A C   
155 O O   . ILE A 20 ? 0.3690 0.5243 0.2441 -0.1751 0.0204  -0.0570 20 ILE A O   
156 C CB  . ILE A 20 ? 0.3725 0.5254 0.3131 -0.0802 -0.0215 0.0023  20 ILE A CB  
157 C CG1 . ILE A 20 ? 0.3691 0.5564 0.3522 -0.0769 -0.0406 -0.0026 20 ILE A CG1 
158 C CG2 . ILE A 20 ? 0.3833 0.4493 0.3452 -0.1333 0.0238  -0.0008 20 ILE A CG2 
159 C CD1 . ILE A 20 ? 0.3838 0.5777 0.3904 -0.0755 -0.0423 -0.0086 20 ILE A CD1 
160 N N   . GLU A 21 ? 0.3739 0.5171 0.2661 -0.1892 0.0574  -0.0893 21 GLU A N   
161 C CA  . GLU A 21 ? 0.3843 0.5114 0.3010 -0.2003 0.0719  -0.1048 21 GLU A CA  
162 C C   . GLU A 21 ? 0.3687 0.4620 0.2640 -0.2047 0.0739  -0.1003 21 GLU A C   
163 O O   . GLU A 21 ? 0.4102 0.4066 0.2939 -0.2085 0.1168  -0.1165 21 GLU A O   
164 C CB  . GLU A 21 ? 0.4318 0.5491 0.3409 -0.2001 0.1011  -0.0871 21 GLU A CB  
165 C CG  . GLU A 21 ? 0.4754 0.5983 0.4060 -0.1910 0.1040  -0.0882 21 GLU A CG  
166 C CD  . GLU A 21 ? 0.5409 0.6414 0.4654 -0.1639 0.1039  -0.0908 21 GLU A CD  
167 O OE1 . GLU A 21 ? 0.5714 0.6436 0.4816 -0.1513 0.1133  -0.0833 21 GLU A OE1 
168 O OE2 . GLU A 21 ? 0.5648 0.6728 0.4909 -0.1401 0.0894  -0.0971 21 GLU A OE2 
169 N N   . MET A 22 ? 0.3176 0.4919 0.2957 -0.1971 0.0289  -0.0945 22 MET A N   
170 C CA  . MET A 22 ? 0.2991 0.4845 0.2690 -0.1400 -0.0311 -0.0459 22 MET A CA  
171 C C   . MET A 22 ? 0.2596 0.4996 0.1972 -0.1704 -0.0290 0.0247  22 MET A C   
172 O O   . MET A 22 ? 0.2725 0.5177 0.1888 -0.1575 -0.0360 0.0496  22 MET A O   
173 C CB  . MET A 22 ? 0.3238 0.4162 0.2830 -0.0563 -0.0853 -0.0292 22 MET A CB  
174 C CG  . MET A 22 ? 0.3223 0.1797 0.2087 -0.0558 -0.0937 0.0665  22 MET A CG  
175 S SD  . MET A 22 ? 0.4052 0.3222 0.3670 0.0045  -0.1036 -0.0312 22 MET A SD  
176 C CE  . MET A 22 ? 0.4300 0.3282 0.4067 0.0258  -0.1045 -0.0459 22 MET A CE  
177 N N   . ILE A 23 ? 0.2592 0.5298 0.1708 -0.1825 -0.0276 0.0569  23 ILE A N   
178 C CA  . ILE A 23 ? 0.2924 0.4452 0.2155 -0.1657 -0.0475 0.0864  23 ILE A CA  
179 C C   . ILE A 23 ? 0.3502 0.3735 0.2132 -0.1606 -0.0551 0.0588  23 ILE A C   
180 O O   . ILE A 23 ? 0.3442 0.3407 0.2486 -0.1483 -0.0775 0.0648  23 ILE A O   
181 C CB  . ILE A 23 ? 0.2964 0.4624 0.2813 -0.1375 -0.0649 0.0930  23 ILE A CB  
182 C CG1 . ILE A 23 ? 0.3381 0.5137 0.3236 -0.1198 -0.0456 0.1160  23 ILE A CG1 
183 C CG2 . ILE A 23 ? 0.2821 0.3814 0.3208 -0.1485 -0.0767 0.0791  23 ILE A CG2 
184 C CD1 . ILE A 23 ? 0.3656 0.5326 0.3820 -0.1234 -0.0167 0.1133  23 ILE A CD1 
185 N N   . LYS A 24 ? 0.4186 0.2892 0.1397 -0.1737 -0.0280 0.0248  24 LYS A N   
186 C CA  . LYS A 24 ? 0.4795 0.2665 0.1850 -0.1550 -0.0109 0.0284  24 LYS A CA  
187 C C   . LYS A 24 ? 0.4705 0.3212 0.2318 -0.1855 -0.0121 0.0001  24 LYS A C   
188 O O   . LYS A 24 ? 0.4633 0.3562 0.2273 -0.1980 -0.0172 -0.0068 24 LYS A O   
189 C CB  . LYS A 24 ? 0.5334 0.2762 0.1775 -0.1256 0.0177  0.0043  24 LYS A CB  
190 C CG  . LYS A 24 ? 0.5602 0.3307 0.2234 -0.0861 0.0157  -0.0202 24 LYS A CG  
191 C CD  . LYS A 24 ? 0.5752 0.4524 0.3013 -0.0826 0.0302  -0.0611 24 LYS A CD  
192 C CE  . LYS A 24 ? 0.5929 0.5556 0.3611 -0.0614 0.0278  -0.1019 24 LYS A CE  
193 N NZ  . LYS A 24 ? 0.5957 0.5865 0.4167 -0.0515 0.0211  -0.1299 24 LYS A NZ  
194 N N   . GLN A 25 ? 0.4491 0.3226 0.2046 -0.2165 0.0061  0.0199  25 GLN A N   
195 C CA  . GLN A 25 ? 0.4356 0.3267 0.2027 -0.2132 -0.0040 0.0324  25 GLN A CA  
196 C C   . GLN A 25 ? 0.4374 0.3326 0.1856 -0.1597 -0.0513 0.0438  25 GLN A C   
197 O O   . GLN A 25 ? 0.4046 0.3647 0.1988 -0.1493 -0.0705 0.0492  25 GLN A O   
198 C CB  . GLN A 25 ? 0.4370 0.3712 0.2396 -0.2380 0.0021  0.0170  25 GLN A CB  
199 C CG  . GLN A 25 ? 0.4586 0.4424 0.2810 -0.2010 -0.0271 -0.0011 25 GLN A CG  
200 C CD  . GLN A 25 ? 0.4602 0.4714 0.3028 -0.1751 -0.0604 0.0115  25 GLN A CD  
201 O OE1 . GLN A 25 ? 0.4571 0.4288 0.2935 -0.1651 -0.0912 0.0186  25 GLN A OE1 
202 N NE2 . GLN A 25 ? 0.4721 0.5056 0.3179 -0.1806 -0.0460 0.0176  25 GLN A NE2 
203 N N   . ALA A 26 ? 0.4432 0.3242 0.1538 -0.1697 -0.0447 0.0437  26 ALA A N   
204 C CA  . ALA A 26 ? 0.4462 0.3580 0.1637 -0.1452 -0.0790 0.0395  26 ALA A CA  
205 C C   . ALA A 26 ? 0.4738 0.3349 0.1820 -0.1286 -0.1002 0.0261  26 ALA A C   
206 O O   . ALA A 26 ? 0.5131 0.3010 0.1739 -0.1214 -0.0778 0.0508  26 ALA A O   
207 C CB  . ALA A 26 ? 0.4201 0.4070 0.1767 -0.1065 -0.1016 0.0564  26 ALA A CB  
208 N N   . LEU A 27 ? 0.4676 0.2550 0.1722 -0.1541 -0.0943 0.0488  27 LEU A N   
209 C CA  . LEU A 27 ? 0.4511 0.2082 0.2319 -0.1424 -0.1146 0.0595  27 LEU A CA  
210 C C   . LEU A 27 ? 0.4788 0.2480 0.2641 -0.1658 -0.0997 0.0500  27 LEU A C   
211 O O   . LEU A 27 ? 0.4831 0.2692 0.2651 -0.1590 -0.1156 0.0773  27 LEU A O   
212 C CB  . LEU A 27 ? 0.4301 0.2037 0.2187 -0.1136 -0.1521 0.0564  27 LEU A CB  
213 C CG  . LEU A 27 ? 0.3922 0.2396 0.2775 -0.1313 -0.1513 0.0736  27 LEU A CG  
214 C CD1 . LEU A 27 ? 0.3976 0.2322 0.2947 -0.1252 -0.1539 0.0431  27 LEU A CD1 
215 C CD2 . LEU A 27 ? 0.3440 0.2699 0.2812 -0.1070 -0.1703 0.0941  27 LEU A CD2 
216 N N   . LYS A 28 ? 0.4987 0.2311 0.2631 -0.1664 -0.0790 0.0462  28 LYS A N   
217 C CA  . LYS A 28 ? 0.5074 0.2670 0.2281 -0.1409 -0.0951 0.0894  28 LYS A CA  
218 C C   . LYS A 28 ? 0.5127 0.2840 0.2215 -0.1246 -0.1309 0.0729  28 LYS A C   
219 O O   . LYS A 28 ? 0.5357 0.3086 0.2209 -0.1342 -0.1328 0.0502  28 LYS A O   
220 C CB  . LYS A 28 ? 0.5052 0.3689 0.2949 -0.1388 -0.0717 0.0612  28 LYS A CB  
221 C CG  . LYS A 28 ? 0.5139 0.4344 0.3483 -0.1150 -0.0607 0.0630  28 LYS A CG  
222 C CD  . LYS A 28 ? 0.5275 0.5388 0.4112 -0.1208 -0.0344 0.0246  28 LYS A CD  
223 C CE  . LYS A 28 ? 0.5323 0.6140 0.4814 -0.1174 -0.0332 -0.0194 28 LYS A CE  
224 N NZ  . LYS A 28 ? 0.5404 0.6651 0.5120 -0.1083 -0.0291 -0.0301 28 LYS A NZ  
225 N N   . PHE A 29 ? 0.5003 0.2764 0.2105 -0.1460 -0.1089 0.0825  29 PHE A N   
226 C CA  . PHE A 29 ? 0.4686 0.2990 0.2285 -0.1361 -0.1417 0.0911  29 PHE A CA  
227 C C   . PHE A 29 ? 0.4491 0.2462 0.2342 -0.1113 -0.1521 0.0826  29 PHE A C   
228 O O   . PHE A 29 ? 0.4739 0.2961 0.2858 -0.1039 -0.1862 0.0489  29 PHE A O   
229 C CB  . PHE A 29 ? 0.4659 0.3082 0.2778 -0.1820 -0.1717 0.0931  29 PHE A CB  
230 C CG  . PHE A 29 ? 0.4970 0.3262 0.3347 -0.1874 -0.1679 0.0952  29 PHE A CG  
231 C CD1 . PHE A 29 ? 0.4946 0.3235 0.3756 -0.2072 -0.1640 0.0923  29 PHE A CD1 
232 C CD2 . PHE A 29 ? 0.5041 0.3268 0.3873 -0.1817 -0.1771 0.0792  29 PHE A CD2 
233 C CE1 . PHE A 29 ? 0.4982 0.4018 0.3696 -0.1893 -0.1914 0.1217  29 PHE A CE1 
234 C CE2 . PHE A 29 ? 0.5147 0.3278 0.3910 -0.1863 -0.1709 0.1118  29 PHE A CE2 
235 C CZ  . PHE A 29 ? 0.5119 0.3795 0.4134 -0.1862 -0.1786 0.0941  29 PHE A CZ  
236 N N   . GLY A 30 ? 0.4694 0.2274 0.2365 -0.1148 -0.1602 0.0724  30 GLY A N   
237 C CA  . GLY A 30 ? 0.4840 0.2598 0.2799 -0.1117 -0.1493 0.0264  30 GLY A CA  
238 C C   . GLY A 30 ? 0.4734 0.2728 0.2615 -0.0890 -0.1565 0.0487  30 GLY A C   
239 O O   . GLY A 30 ? 0.4525 0.2733 0.2869 -0.1046 -0.1457 0.0474  30 GLY A O   
240 N N   . ALA A 31 ? 0.4686 0.2282 0.2758 -0.1291 -0.1442 0.0378  31 ALA A N   
241 C CA  . ALA A 31 ? 0.4443 0.2232 0.2793 -0.1262 -0.1700 0.0672  31 ALA A CA  
242 C C   . ALA A 31 ? 0.4302 0.1958 0.2642 -0.1108 -0.1716 0.0765  31 ALA A C   
243 O O   . ALA A 31 ? 0.4408 0.2487 0.2553 -0.1018 -0.1588 0.0942  31 ALA A O   
244 C CB  . ALA A 31 ? 0.4355 0.2642 0.2635 -0.1175 -0.1790 0.0702  31 ALA A CB  
245 N N   . THR A 32 ? 0.4342 0.2099 0.2718 -0.0797 -0.1820 0.0722  32 THR A N   
246 C CA  . THR A 32 ? 0.3940 0.2043 0.3027 -0.0733 -0.1975 0.0672  32 THR A CA  
247 C C   . THR A 32 ? 0.3844 0.1818 0.2813 -0.0646 -0.1846 0.0624  32 THR A C   
248 O O   . THR A 32 ? 0.4331 0.2174 0.2765 -0.0395 -0.1948 0.0388  32 THR A O   
249 C CB  . THR A 32 ? 0.4007 0.2274 0.3244 -0.0964 -0.2006 0.0955  32 THR A CB  
250 O OG1 . THR A 32 ? 0.3948 0.2664 0.4033 -0.0754 -0.2242 0.0777  32 THR A OG1 
251 C CG2 . THR A 32 ? 0.4015 0.2869 0.3409 -0.0813 -0.2027 0.0978  32 THR A CG2 
252 N N   . ILE A 33 ? 0.3767 0.1763 0.2702 -0.0609 -0.1773 0.0605  33 ILE A N   
253 C CA  . ILE A 33 ? 0.4158 0.1569 0.2537 -0.0544 -0.1653 0.0495  33 ILE A CA  
254 C C   . ILE A 33 ? 0.4363 0.1554 0.2411 -0.0715 -0.1610 0.0446  33 ILE A C   
255 O O   . ILE A 33 ? 0.5022 0.1711 0.2283 -0.0848 -0.1627 0.0369  33 ILE A O   
256 C CB  . ILE A 33 ? 0.4400 0.1369 0.2578 -0.0217 -0.1367 0.0304  33 ILE A CB  
257 C CG1 . ILE A 33 ? 0.4443 0.2235 0.2578 -0.0825 -0.0925 0.0096  33 ILE A CG1 
258 C CG2 . ILE A 33 ? 0.4412 0.1871 0.2708 0.0406  -0.1603 -0.0104 33 ILE A CG2 
259 C CD1 . ILE A 33 ? 0.4564 0.3321 0.2717 -0.1132 -0.0762 -0.0132 33 ILE A CD1 
260 N N   . THR A 34 ? 0.4443 0.1715 0.2544 -0.0734 -0.1735 0.0544  34 THR A N   
261 C CA  . THR A 34 ? 0.4551 0.1691 0.2529 -0.0819 -0.1798 0.0498  34 THR A CA  
262 C C   . THR A 34 ? 0.4584 0.1762 0.2332 -0.0841 -0.1679 0.0480  34 THR A C   
263 O O   . THR A 34 ? 0.4542 0.1723 0.2743 -0.0713 -0.1947 0.0423  34 THR A O   
264 C CB  . THR A 34 ? 0.4248 0.2424 0.2811 -0.0929 -0.1680 0.1019  34 THR A CB  
265 O OG1 . THR A 34 ? 0.4034 0.2985 0.3227 -0.1218 -0.1846 0.1208  34 THR A OG1 
266 C CG2 . THR A 34 ? 0.4434 0.2793 0.2742 -0.0912 -0.1719 0.1007  34 THR A CG2 
267 N N   . LEU A 35 ? 0.4451 0.1680 0.2116 -0.0970 -0.1501 0.0469  35 LEU A N   
268 C CA  . LEU A 35 ? 0.4773 0.1905 0.2019 -0.0901 -0.1311 0.0524  35 LEU A CA  
269 C C   . LEU A 35 ? 0.4370 0.1738 0.2132 -0.1080 -0.1335 0.0512  35 LEU A C   
270 O O   . LEU A 35 ? 0.4342 0.1924 0.2208 -0.1270 -0.1323 0.0531  35 LEU A O   
271 C CB  . LEU A 35 ? 0.5099 0.2848 0.1878 -0.1248 -0.0843 0.0601  35 LEU A CB  
272 C CG  . LEU A 35 ? 0.4877 0.3238 0.1965 -0.1141 -0.0960 0.0740  35 LEU A CG  
273 C CD1 . LEU A 35 ? 0.4655 0.3796 0.2215 -0.1386 -0.0989 0.0125  35 LEU A CD1 
274 C CD2 . LEU A 35 ? 0.4592 0.3429 0.1967 -0.1145 -0.1094 0.0861  35 LEU A CD2 
275 N N   . SER A 36 ? 0.3870 0.1983 0.1966 -0.0744 -0.1332 0.0587  36 SER A N   
276 C CA  . SER A 36 ? 0.3594 0.2003 0.1994 -0.0817 -0.1290 0.0680  36 SER A CA  
277 C C   . SER A 36 ? 0.3372 0.2122 0.1768 -0.0878 -0.1140 0.0667  36 SER A C   
278 O O   . SER A 36 ? 0.3453 0.1962 0.1904 -0.1086 -0.1032 0.0745  36 SER A O   
279 C CB  . SER A 36 ? 0.3511 0.2488 0.2383 -0.1027 -0.1006 0.0440  36 SER A CB  
280 O OG  . SER A 36 ? 0.3437 0.2623 0.2610 -0.0971 -0.0868 0.0327  36 SER A OG  
281 N N   . LEU A 37 ? 0.3055 0.1963 0.1857 -0.0725 -0.1199 0.0668  37 LEU A N   
282 C CA  . LEU A 37 ? 0.3266 0.2150 0.2014 -0.0674 -0.0839 0.0330  37 LEU A CA  
283 C C   . LEU A 37 ? 0.2936 0.2481 0.1892 -0.0389 -0.0898 0.0523  37 LEU A C   
284 O O   . LEU A 37 ? 0.3227 0.2772 0.2014 -0.0267 -0.1012 0.0504  37 LEU A O   
285 C CB  . LEU A 37 ? 0.3596 0.2037 0.2984 -0.0788 -0.0302 0.0106  37 LEU A CB  
286 C CG  . LEU A 37 ? 0.4148 0.3042 0.3667 -0.0322 -0.0208 -0.0424 37 LEU A CG  
287 C CD1 . LEU A 37 ? 0.4237 0.3654 0.3026 -0.0150 -0.0253 -0.0081 37 LEU A CD1 
288 C CD2 . LEU A 37 ? 0.4271 0.2087 0.3635 -0.0257 -0.0315 -0.0753 37 LEU A CD2 
289 N N   . ASP A 38 ? 0.2591 0.2101 0.1775 -0.0309 -0.0886 0.0341  38 ASP A N   
290 C CA  . ASP A 38 ? 0.2610 0.2023 0.1903 0.0131  -0.0613 0.0143  38 ASP A CA  
291 C C   . ASP A 38 ? 0.2195 0.1973 0.1648 -0.0141 -0.0284 0.0204  38 ASP A C   
292 O O   . ASP A 38 ? 0.2011 0.2360 0.1785 -0.0316 -0.0160 0.0082  38 ASP A O   
293 C CB  . ASP A 38 ? 0.3342 0.2336 0.2325 0.0340  -0.0364 -0.0225 38 ASP A CB  
294 C CG  . ASP A 38 ? 0.3908 0.2001 0.2467 0.0228  -0.0049 -0.0446 38 ASP A CG  
295 O OD1 . ASP A 38 ? 0.3998 0.2457 0.2231 0.0343  -0.0090 -0.0399 38 ASP A OD1 
296 O OD2 . ASP A 38 ? 0.4424 0.2335 0.3071 0.0486  0.0118  -0.0661 38 ASP A OD2 
297 N N   . GLY A 39 ? 0.2013 0.2189 0.1603 -0.0054 -0.0173 0.0409  39 GLY A N   
298 C CA  . GLY A 39 ? 0.2124 0.1953 0.2110 0.0096  -0.0122 0.0626  39 GLY A CA  
299 C C   . GLY A 39 ? 0.2402 0.2429 0.2165 0.0103  -0.0188 0.0584  39 GLY A C   
300 O O   . GLY A 39 ? 0.2366 0.2611 0.2373 -0.0441 0.0102  0.0197  39 GLY A O   
301 N N   . ASN A 40 ? 0.2398 0.2187 0.2602 -0.0002 -0.0126 0.0749  40 ASN A N   
302 C CA  . ASN A 40 ? 0.2650 0.2487 0.2702 0.0128  -0.0199 0.0771  40 ASN A CA  
303 C C   . ASN A 40 ? 0.2799 0.2351 0.2496 -0.0175 -0.0080 0.0697  40 ASN A C   
304 O O   . ASN A 40 ? 0.2898 0.2827 0.3214 -0.0287 0.0193  0.0369  40 ASN A O   
305 C CB  . ASN A 40 ? 0.2757 0.2712 0.3486 0.0283  -0.0280 0.0772  40 ASN A CB  
306 C CG  . ASN A 40 ? 0.3268 0.3870 0.4205 0.0269  -0.0200 0.0395  40 ASN A CG  
307 O OD1 . ASN A 40 ? 0.3567 0.4293 0.4566 0.0429  -0.0190 0.0272  40 ASN A OD1 
308 N ND2 . ASN A 40 ? 0.3541 0.4559 0.4582 0.0134  -0.0079 0.0120  40 ASN A ND2 
309 N N   . ASP A 41 ? 0.2772 0.1854 0.2087 -0.0412 -0.0197 0.0426  41 ASP A N   
310 C CA  . ASP A 41 ? 0.3108 0.2063 0.1835 -0.0282 -0.0371 0.0203  41 ASP A CA  
311 C C   . ASP A 41 ? 0.2878 0.1923 0.1618 -0.0431 -0.0251 0.0269  41 ASP A C   
312 O O   . ASP A 41 ? 0.2871 0.2280 0.1809 -0.0879 -0.0270 0.0299  41 ASP A O   
313 C CB  . ASP A 41 ? 0.3578 0.1787 0.2147 -0.0515 -0.0422 -0.0345 41 ASP A CB  
314 C CG  . ASP A 41 ? 0.3932 0.2819 0.2247 -0.0768 -0.0240 -0.0045 41 ASP A CG  
315 O OD1 . ASP A 41 ? 0.3621 0.3227 0.2457 -0.0632 -0.0530 0.0397  41 ASP A OD1 
316 O OD2 . ASP A 41 ? 0.4577 0.3919 0.2577 -0.0901 0.0090  -0.0612 41 ASP A OD2 
317 N N   . LEU A 42 ? 0.2868 0.1539 0.1508 0.0120  -0.0385 0.0483  42 LEU A N   
318 C CA  . LEU A 42 ? 0.2672 0.1485 0.1414 -0.0202 -0.0126 0.0451  42 LEU A CA  
319 C C   . LEU A 42 ? 0.2487 0.1108 0.1574 -0.0367 0.0103  0.0309  42 LEU A C   
320 O O   . LEU A 42 ? 0.2399 0.1309 0.1991 -0.0334 0.0263  -0.0082 42 LEU A O   
321 C CB  . LEU A 42 ? 0.2615 0.2239 0.1206 -0.0419 -0.0118 0.0282  42 LEU A CB  
322 C CG  . LEU A 42 ? 0.2398 0.2215 0.1337 -0.0874 0.0080  0.0115  42 LEU A CG  
323 C CD1 . LEU A 42 ? 0.2413 0.2172 0.2181 -0.1007 0.0258  -0.0350 42 LEU A CD1 
324 C CD2 . LEU A 42 ? 0.2548 0.2974 0.1470 -0.0567 -0.0026 -0.0161 42 LEU A CD2 
325 N N   . GLU A 43 ? 0.2310 0.1576 0.1487 -0.0279 -0.0214 0.0405  43 GLU A N   
326 C CA  . GLU A 43 ? 0.2481 0.1843 0.1304 -0.0299 -0.0287 0.0314  43 GLU A CA  
327 C C   . GLU A 43 ? 0.2356 0.1735 0.1422 -0.0328 -0.0638 0.0312  43 GLU A C   
328 O O   . GLU A 43 ? 0.2478 0.1673 0.1850 -0.0356 -0.0774 -0.0079 43 GLU A O   
329 C CB  . GLU A 43 ? 0.2616 0.2531 0.1469 -0.0600 0.0051  0.0330  43 GLU A CB  
330 C CG  . GLU A 43 ? 0.2920 0.3460 0.2289 -0.0419 0.0183  0.0025  43 GLU A CG  
331 C CD  . GLU A 43 ? 0.3320 0.5146 0.2977 -0.0178 0.0063  -0.0443 43 GLU A CD  
332 O OE1 . GLU A 43 ? 0.3612 0.6899 0.3230 -0.0214 0.0163  -0.0573 43 GLU A OE1 
333 O OE2 . GLU A 43 ? 0.3424 0.5173 0.3301 0.0129  -0.0062 -0.0759 43 GLU A OE2 
334 N N   . ILE A 44 ? 0.2401 0.1446 0.1410 -0.0423 -0.0487 0.0379  44 ILE A N   
335 C CA  . ILE A 44 ? 0.2580 0.1239 0.1833 -0.0377 -0.0381 0.0300  44 ILE A CA  
336 C C   . ILE A 44 ? 0.2453 0.1557 0.1998 -0.0397 -0.0577 -0.0142 44 ILE A C   
337 O O   . ILE A 44 ? 0.2256 0.1791 0.2981 -0.0248 -0.0992 -0.0766 44 ILE A O   
338 C CB  . ILE A 44 ? 0.2868 0.1347 0.1644 -0.0254 -0.0202 0.0322  44 ILE A CB  
339 C CG1 . ILE A 44 ? 0.2774 0.1688 0.1731 -0.0446 -0.0064 0.0261  44 ILE A CG1 
340 C CG2 . ILE A 44 ? 0.3083 0.1411 0.1754 0.0205  -0.0334 0.0217  44 ILE A CG2 
341 C CD1 . ILE A 44 ? 0.3106 0.2084 0.2083 -0.0152 -0.0012 -0.0094 44 ILE A CD1 
342 N N   . ARG A 45 ? 0.2289 0.1508 0.1701 -0.0508 -0.0572 0.0190  45 ARG A N   
343 C CA  . ARG A 45 ? 0.2539 0.1926 0.1460 -0.0549 -0.0436 0.0366  45 ARG A CA  
344 C C   . ARG A 45 ? 0.2479 0.1895 0.1409 -0.0288 -0.0788 0.0478  45 ARG A C   
345 O O   . ARG A 45 ? 0.2868 0.2002 0.1484 -0.0363 -0.0875 0.0146  45 ARG A O   
346 C CB  . ARG A 45 ? 0.2674 0.2786 0.1403 -0.1208 0.0131  0.0228  45 ARG A CB  
347 C CG  . ARG A 45 ? 0.2910 0.3443 0.2920 -0.1064 0.0234  -0.0231 45 ARG A CG  
348 C CD  . ARG A 45 ? 0.3178 0.4618 0.3937 -0.0835 0.0199  -0.0776 45 ARG A CD  
349 N NE  . ARG A 45 ? 0.3345 0.5505 0.4384 -0.0699 0.0055  -0.1029 45 ARG A NE  
350 C CZ  . ARG A 45 ? 0.3671 0.5553 0.4555 -0.0770 0.0098  -0.1049 45 ARG A CZ  
351 N NH1 . ARG A 45 ? 0.3721 0.5258 0.4709 -0.1117 0.0352  -0.0979 45 ARG A NH1 
352 N NH2 . ARG A 45 ? 0.3714 0.5561 0.4317 -0.0625 -0.0043 -0.0841 45 ARG A NH2 
353 N N   . ILE A 46 ? 0.2251 0.2149 0.1567 -0.0344 -0.0752 0.0634  46 ILE A N   
354 C CA  . ILE A 46 ? 0.2502 0.1803 0.1655 -0.0392 -0.0637 0.0348  46 ILE A CA  
355 C C   . ILE A 46 ? 0.2348 0.1908 0.1882 -0.0551 -0.0976 0.0697  46 ILE A C   
356 O O   . ILE A 46 ? 0.2265 0.2334 0.1876 -0.0700 -0.0826 0.0444  46 ILE A O   
357 C CB  . ILE A 46 ? 0.2324 0.1891 0.1598 -0.0489 -0.0447 0.0305  46 ILE A CB  
358 C CG1 . ILE A 46 ? 0.2263 0.1724 0.2062 -0.0568 -0.0426 0.0002  46 ILE A CG1 
359 C CG2 . ILE A 46 ? 0.2448 0.2199 0.1523 -0.0155 -0.0276 0.0700  46 ILE A CG2 
360 C CD1 . ILE A 46 ? 0.2060 0.1909 0.2230 -0.0458 -0.0531 0.0158  46 ILE A CD1 
361 N N   . THR A 47 ? 0.2580 0.2129 0.2074 -0.0598 -0.1015 0.0996  47 THR A N   
362 C CA  . THR A 47 ? 0.2784 0.2554 0.2584 -0.0951 -0.1193 0.1048  47 THR A CA  
363 C C   . THR A 47 ? 0.2939 0.2728 0.2690 -0.1161 -0.1196 0.1194  47 THR A C   
364 O O   . THR A 47 ? 0.3175 0.2428 0.2282 -0.1165 -0.1313 0.1035  47 THR A O   
365 C CB  . THR A 47 ? 0.3054 0.3031 0.2743 -0.1111 -0.1028 0.1301  47 THR A CB  
366 O OG1 . THR A 47 ? 0.3093 0.3742 0.3262 -0.1642 -0.0815 0.0962  47 THR A OG1 
367 C CG2 . THR A 47 ? 0.3407 0.3205 0.2795 -0.1131 -0.0752 0.1342  47 THR A CG2 
368 N N   . GLY A 48 ? 0.2736 0.3210 0.2834 -0.1067 -0.1219 0.1342  48 GLY A N   
369 C CA  . GLY A 48 ? 0.2602 0.2837 0.2967 -0.0927 -0.1035 0.1590  48 GLY A CA  
370 C C   . GLY A 48 ? 0.2973 0.3318 0.3081 -0.0979 -0.0920 0.1781  48 GLY A C   
371 O O   . GLY A 48 ? 0.3435 0.4347 0.3571 -0.1410 -0.0735 0.1502  48 GLY A O   
372 N N   . VAL A 49 ? 0.2685 0.2754 0.3604 -0.1121 -0.0916 0.1471  49 VAL A N   
373 C CA  . VAL A 49 ? 0.2543 0.2582 0.3787 -0.0771 -0.0809 0.1299  49 VAL A CA  
374 C C   . VAL A 49 ? 0.2482 0.2442 0.3847 -0.0677 -0.0635 0.1107  49 VAL A C   
375 O O   . VAL A 49 ? 0.2763 0.2575 0.3810 -0.0312 -0.0470 0.1010  49 VAL A O   
376 C CB  . VAL A 49 ? 0.2546 0.2447 0.3494 -0.0342 -0.0946 0.1417  49 VAL A CB  
377 C CG1 . VAL A 49 ? 0.2736 0.2372 0.3636 -0.0452 -0.0816 0.1412  49 VAL A CG1 
378 C CG2 . VAL A 49 ? 0.2689 0.2743 0.3752 -0.0300 -0.0855 0.1102  49 VAL A CG2 
379 N N   . PRO A 50 ? 0.2162 0.2391 0.3967 -0.0427 -0.1059 0.1054  50 PRO A N   
380 C CA  . PRO A 50 ? 0.2006 0.2187 0.3901 -0.0383 -0.1123 0.0810  50 PRO A CA  
381 C C   . PRO A 50 ? 0.1921 0.1989 0.3590 -0.0562 -0.0844 0.0728  50 PRO A C   
382 O O   . PRO A 50 ? 0.1988 0.2038 0.3000 -0.0310 -0.0762 0.0773  50 PRO A O   
383 C CB  . PRO A 50 ? 0.2205 0.2424 0.3818 -0.0171 -0.1261 0.0838  50 PRO A CB  
384 C CG  . PRO A 50 ? 0.2537 0.2760 0.3906 -0.0434 -0.1012 0.0733  50 PRO A CG  
385 C CD  . PRO A 50 ? 0.2356 0.2375 0.3928 -0.0785 -0.0914 0.1097  50 PRO A CD  
386 N N   . GLU A 51 ? 0.2021 0.2039 0.3192 -0.0634 -0.0650 0.0775  51 GLU A N   
387 C CA  . GLU A 51 ? 0.2051 0.2493 0.3285 -0.0570 -0.0589 0.0432  51 GLU A CA  
388 C C   . GLU A 51 ? 0.1859 0.2297 0.2787 -0.0339 -0.0612 0.0786  51 GLU A C   
389 O O   . GLU A 51 ? 0.1488 0.2494 0.2790 -0.0068 -0.0719 0.1033  51 GLU A O   
390 C CB  . GLU A 51 ? 0.2470 0.2486 0.3778 -0.0576 -0.0422 0.0211  51 GLU A CB  
391 C CG  . GLU A 51 ? 0.2680 0.3340 0.4374 -0.0321 -0.0616 -0.0366 51 GLU A CG  
392 C CD  . GLU A 51 ? 0.3106 0.4103 0.5199 -0.0170 -0.0560 -0.1081 51 GLU A CD  
393 O OE1 . GLU A 51 ? 0.3462 0.4501 0.5811 -0.0010 -0.0449 -0.1496 51 GLU A OE1 
394 O OE2 . GLU A 51 ? 0.3491 0.4172 0.5195 -0.0189 -0.0440 -0.1482 51 GLU A OE2 
395 N N   . GLN A 52 ? 0.2069 0.2324 0.2447 -0.0889 -0.0228 0.1138  52 GLN A N   
396 C CA  . GLN A 52 ? 0.2422 0.2491 0.2061 -0.0712 -0.0311 0.1161  52 GLN A CA  
397 C C   . GLN A 52 ? 0.2410 0.2789 0.1868 -0.0823 -0.0550 0.0951  52 GLN A C   
398 O O   . GLN A 52 ? 0.2196 0.2809 0.1744 -0.0726 -0.0551 0.0755  52 GLN A O   
399 C CB  . GLN A 52 ? 0.2442 0.2886 0.2159 -0.0709 -0.0265 0.1108  52 GLN A CB  
400 C CG  . GLN A 52 ? 0.2386 0.2892 0.2394 -0.0715 -0.0469 0.1041  52 GLN A CG  
401 C CD  . GLN A 52 ? 0.2340 0.2315 0.2526 -0.0654 -0.0618 0.0935  52 GLN A CD  
402 O OE1 . GLN A 52 ? 0.2374 0.1775 0.2974 -0.0691 -0.0532 0.0868  52 GLN A OE1 
403 N NE2 . GLN A 52 ? 0.2336 0.2311 0.2404 -0.0763 -0.0609 0.0649  52 GLN A NE2 
404 N N   . VAL A 53 ? 0.2242 0.2772 0.2003 -0.0844 -0.0737 0.1135  53 VAL A N   
405 C CA  . VAL A 53 ? 0.2117 0.2244 0.1992 -0.0978 -0.0837 0.0816  53 VAL A CA  
406 C C   . VAL A 53 ? 0.2041 0.2271 0.1758 -0.0713 -0.0514 0.0714  53 VAL A C   
407 O O   . VAL A 53 ? 0.2015 0.2760 0.1555 -0.0779 -0.0449 0.0604  53 VAL A O   
408 C CB  . VAL A 53 ? 0.2265 0.2722 0.1943 -0.1232 -0.0854 0.1134  53 VAL A CB  
409 C CG1 . VAL A 53 ? 0.2249 0.2974 0.2146 -0.1381 -0.0782 0.1069  53 VAL A CG1 
410 C CG2 . VAL A 53 ? 0.2544 0.3379 0.2092 -0.0964 -0.0879 0.1287  53 VAL A CG2 
411 N N   . ARG A 54 ? 0.1704 0.1939 0.1349 -0.0431 -0.0315 0.0789  54 ARG A N   
412 C CA  . ARG A 54 ? 0.1461 0.1920 0.1248 -0.0403 0.0050  0.0792  54 ARG A CA  
413 C C   . ARG A 54 ? 0.1451 0.1947 0.1500 -0.0449 0.0054  0.0362  54 ARG A C   
414 O O   . ARG A 54 ? 0.1432 0.1895 0.1644 -0.0072 -0.0080 0.0339  54 ARG A O   
415 C CB  . ARG A 54 ? 0.1268 0.2478 0.1478 -0.0477 0.0086  0.0697  54 ARG A CB  
416 C CG  . ARG A 54 ? 0.1338 0.2671 0.1971 -0.0360 0.0171  0.0577  54 ARG A CG  
417 C CD  . ARG A 54 ? 0.1516 0.2338 0.2473 -0.0148 0.0241  0.0475  54 ARG A CD  
418 N NE  . ARG A 54 ? 0.1772 0.2192 0.2743 0.0102  0.0188  0.0529  54 ARG A NE  
419 C CZ  . ARG A 54 ? 0.1967 0.2487 0.3342 0.0145  0.0149  0.0472  54 ARG A CZ  
420 N NH1 . ARG A 54 ? 0.1955 0.3321 0.3504 0.0430  -0.0037 0.0471  54 ARG A NH1 
421 N NH2 . ARG A 54 ? 0.2443 0.2202 0.3488 0.0332  0.0281  0.0649  54 ARG A NH2 
422 N N   . LYS A 55 ? 0.1437 0.2041 0.1761 -0.0695 0.0123  0.0085  55 LYS A N   
423 C CA  . LYS A 55 ? 0.1611 0.1858 0.1809 -0.0605 0.0044  0.0300  55 LYS A CA  
424 C C   . LYS A 55 ? 0.1661 0.2014 0.1510 -0.0540 -0.0014 0.0407  55 LYS A C   
425 O O   . LYS A 55 ? 0.1717 0.2475 0.1661 -0.0124 -0.0196 0.0127  55 LYS A O   
426 C CB  . LYS A 55 ? 0.1811 0.1853 0.1823 -0.0193 -0.0150 0.0331  55 LYS A CB  
427 C CG  . LYS A 55 ? 0.2146 0.2281 0.1837 0.0094  -0.0340 0.0119  55 LYS A CG  
428 C CD  . LYS A 55 ? 0.2329 0.2395 0.2112 0.0064  -0.0206 0.0194  55 LYS A CD  
429 C CE  . LYS A 55 ? 0.2764 0.1974 0.2585 0.0252  -0.0131 0.0069  55 LYS A CE  
430 N NZ  . LYS A 55 ? 0.2831 0.2539 0.2722 0.0317  -0.0150 0.0291  55 LYS A NZ  
431 N N   . GLU A 56 ? 0.1649 0.1958 0.1617 -0.0510 -0.0121 0.0521  56 GLU A N   
432 C CA  . GLU A 56 ? 0.1952 0.2460 0.1246 -0.0700 -0.0108 0.0723  56 GLU A CA  
433 C C   . GLU A 56 ? 0.1746 0.2297 0.1649 -0.0803 -0.0139 0.0448  56 GLU A C   
434 O O   . GLU A 56 ? 0.1675 0.2417 0.1788 -0.0708 -0.0184 0.0155  56 GLU A O   
435 C CB  . GLU A 56 ? 0.2049 0.2611 0.1488 -0.0595 -0.0232 0.0789  56 GLU A CB  
436 C CG  . GLU A 56 ? 0.2174 0.2372 0.1751 -0.0614 -0.0480 0.0779  56 GLU A CG  
437 C CD  . GLU A 56 ? 0.2732 0.2772 0.2079 -0.0509 -0.0577 0.0501  56 GLU A CD  
438 O OE1 . GLU A 56 ? 0.3088 0.2736 0.2605 -0.0177 -0.0814 0.0284  56 GLU A OE1 
439 O OE2 . GLU A 56 ? 0.2866 0.3256 0.1964 -0.0523 -0.0633 0.0498  56 GLU A OE2 
440 N N   . LEU A 57 ? 0.1672 0.2000 0.1525 -0.0833 -0.0139 0.0416  57 LEU A N   
441 C CA  . LEU A 57 ? 0.1804 0.1983 0.1480 -0.0874 -0.0017 0.0132  57 LEU A CA  
442 C C   . LEU A 57 ? 0.1675 0.2228 0.1359 -0.0435 0.0108  -0.0114 57 LEU A C   
443 O O   . LEU A 57 ? 0.1537 0.2287 0.1414 -0.0200 0.0136  0.0039  57 LEU A O   
444 C CB  . LEU A 57 ? 0.1889 0.2283 0.1513 -0.0805 -0.0217 0.0250  57 LEU A CB  
445 C CG  . LEU A 57 ? 0.2080 0.2478 0.1863 -0.0692 -0.0481 0.0138  57 LEU A CG  
446 C CD1 . LEU A 57 ? 0.1934 0.2465 0.2193 -0.1186 -0.0317 0.0530  57 LEU A CD1 
447 C CD2 . LEU A 57 ? 0.2750 0.1450 0.2007 -0.0243 -0.0656 -0.0020 57 LEU A CD2 
448 N N   . ALA A 58 ? 0.1510 0.2071 0.1019 0.0021  -0.0115 -0.0136 58 ALA A N   
449 C CA  . ALA A 58 ? 0.1636 0.2435 0.0786 -0.0164 0.0161  -0.0200 58 ALA A CA  
450 C C   . ALA A 58 ? 0.1476 0.2441 0.1284 -0.0130 0.0077  -0.0126 58 ALA A C   
451 O O   . ALA A 58 ? 0.1401 0.2253 0.1943 -0.0088 0.0012  0.0096  58 ALA A O   
452 C CB  . ALA A 58 ? 0.1797 0.2575 0.0964 -0.0151 0.0043  -0.0444 58 ALA A CB  
453 N N   . LYS A 59 ? 0.1558 0.2279 0.1320 -0.0370 0.0375  -0.0125 59 LYS A N   
454 C CA  . LYS A 59 ? 0.1891 0.2329 0.1521 -0.0292 0.0528  -0.0146 59 LYS A CA  
455 C C   . LYS A 59 ? 0.1711 0.2151 0.1636 -0.0268 0.0385  -0.0039 59 LYS A C   
456 O O   . LYS A 59 ? 0.1586 0.2614 0.1592 -0.0229 0.0431  -0.0142 59 LYS A O   
457 C CB  . LYS A 59 ? 0.2348 0.2207 0.2108 0.0189  0.0346  -0.0064 59 LYS A CB  
458 C CG  . LYS A 59 ? 0.2833 0.3075 0.2732 0.0180  0.0434  0.0138  59 LYS A CG  
459 C CD  . LYS A 59 ? 0.3338 0.3680 0.3527 0.0348  0.0462  0.0026  59 LYS A CD  
460 C CE  . LYS A 59 ? 0.3822 0.4544 0.3745 0.0644  0.0387  0.0039  59 LYS A CE  
461 N NZ  . LYS A 59 ? 0.3913 0.4742 0.3746 0.0853  0.0265  0.0212  59 LYS A NZ  
462 N N   . GLU A 60 ? 0.1807 0.1730 0.1423 -0.0383 0.0249  0.0023  60 GLU A N   
463 C CA  . GLU A 60 ? 0.1632 0.2113 0.1387 -0.0379 0.0167  0.0065  60 GLU A CA  
464 C C   . GLU A 60 ? 0.1730 0.1879 0.1559 -0.0402 0.0369  0.0037  60 GLU A C   
465 O O   . GLU A 60 ? 0.1687 0.2037 0.1541 -0.0063 0.0269  -0.0015 60 GLU A O   
466 C CB  . GLU A 60 ? 0.1615 0.2015 0.2020 -0.0588 0.0087  -0.0221 60 GLU A CB  
467 C CG  . GLU A 60 ? 0.1896 0.2636 0.2183 -0.0351 0.0179  -0.0503 60 GLU A CG  
468 C CD  . GLU A 60 ? 0.2214 0.2990 0.2154 -0.0381 0.0219  -0.0519 60 GLU A CD  
469 O OE1 . GLU A 60 ? 0.2309 0.3163 0.2263 -0.0346 0.0213  -0.0685 60 GLU A OE1 
470 O OE2 . GLU A 60 ? 0.2311 0.3464 0.2299 -0.0321 0.0245  -0.0674 60 GLU A OE2 
471 N N   . ALA A 61 ? 0.1640 0.1635 0.1393 -0.0301 0.0401  0.0148  61 ALA A N   
472 C CA  . ALA A 61 ? 0.1578 0.1932 0.1207 -0.0191 0.0417  0.0216  61 ALA A CA  
473 C C   . ALA A 61 ? 0.1570 0.2005 0.1458 -0.0035 0.0284  0.0031  61 ALA A C   
474 O O   . ALA A 61 ? 0.1434 0.2263 0.1621 0.0006  0.0361  0.0060  61 ALA A O   
475 C CB  . ALA A 61 ? 0.1451 0.2315 0.1420 0.0241  0.0295  0.0151  61 ALA A CB  
476 N N   . GLU A 62 ? 0.1577 0.1780 0.1306 -0.0063 0.0227  -0.0027 62 GLU A N   
477 C CA  . GLU A 62 ? 0.1482 0.1949 0.1563 -0.0209 0.0160  0.0054  62 GLU A CA  
478 C C   . GLU A 62 ? 0.1581 0.1991 0.1464 -0.0310 0.0233  0.0025  62 GLU A C   
479 O O   . GLU A 62 ? 0.1675 0.2524 0.1384 0.0103  0.0239  -0.0233 62 GLU A O   
480 C CB  . GLU A 62 ? 0.1308 0.2249 0.1908 -0.0165 -0.0193 0.0183  62 GLU A CB  
481 C CG  . GLU A 62 ? 0.1479 0.2248 0.2102 -0.0412 0.0061  0.0272  62 GLU A CG  
482 C CD  . GLU A 62 ? 0.1786 0.2840 0.2851 -0.0167 0.0051  -0.0225 62 GLU A CD  
483 O OE1 . GLU A 62 ? 0.1876 0.3017 0.3675 0.0017  -0.0093 -0.0529 62 GLU A OE1 
484 O OE2 . GLU A 62 ? 0.1926 0.2820 0.2973 -0.0184 0.0114  -0.0423 62 GLU A OE2 
485 N N   . ARG A 63 ? 0.1536 0.2115 0.1388 -0.0423 0.0359  -0.0031 63 ARG A N   
486 C CA  . ARG A 63 ? 0.1456 0.2243 0.1433 -0.0526 0.0489  0.0201  63 ARG A CA  
487 C C   . ARG A 63 ? 0.1544 0.2092 0.1465 -0.0144 0.0292  0.0079  63 ARG A C   
488 O O   . ARG A 63 ? 0.1491 0.2119 0.1866 -0.0254 0.0366  -0.0058 63 ARG A O   
489 C CB  . ARG A 63 ? 0.1494 0.2470 0.1784 -0.0480 0.0593  0.0386  63 ARG A CB  
490 C CG  . ARG A 63 ? 0.1839 0.2849 0.1566 -0.0316 0.0455  0.0382  63 ARG A CG  
491 C CD  . ARG A 63 ? 0.2047 0.3290 0.1677 -0.0365 0.0468  0.0103  63 ARG A CD  
492 N NE  . ARG A 63 ? 0.2140 0.3329 0.2126 -0.0323 0.0383  -0.0061 63 ARG A NE  
493 C CZ  . ARG A 63 ? 0.2058 0.3254 0.2114 -0.0273 0.0342  0.0130  63 ARG A CZ  
494 N NH1 . ARG A 63 ? 0.2216 0.3473 0.2272 -0.0127 0.0332  0.0053  63 ARG A NH1 
495 N NH2 . ARG A 63 ? 0.2070 0.3753 0.2049 -0.0356 0.0440  0.0093  63 ARG A NH2 
496 N N   . LEU A 64 ? 0.1675 0.1725 0.1464 -0.0074 0.0283  0.0036  64 LEU A N   
497 C CA  . LEU A 64 ? 0.1308 0.1777 0.1881 -0.0185 0.0201  -0.0041 64 LEU A CA  
498 C C   . LEU A 64 ? 0.1516 0.1955 0.1733 0.0177  0.0203  -0.0047 64 LEU A C   
499 O O   . LEU A 64 ? 0.1428 0.2200 0.2047 0.0077  0.0371  -0.0162 64 LEU A O   
500 C CB  . LEU A 64 ? 0.1114 0.2371 0.1962 -0.0283 0.0207  0.0058  64 LEU A CB  
501 C CG  . LEU A 64 ? 0.1340 0.2758 0.2037 -0.0059 0.0200  -0.0176 64 LEU A CG  
502 C CD1 . LEU A 64 ? 0.1051 0.2791 0.2256 -0.0257 0.0149  -0.0171 64 LEU A CD1 
503 C CD2 . LEU A 64 ? 0.1572 0.2526 0.2134 -0.0209 0.0530  -0.0451 64 LEU A CD2 
504 N N   . ALA A 65 ? 0.1618 0.2232 0.1298 -0.0038 0.0445  -0.0005 65 ALA A N   
505 C CA  . ALA A 65 ? 0.1699 0.2134 0.1251 0.0066  0.0448  -0.0095 65 ALA A CA  
506 C C   . ALA A 65 ? 0.1593 0.2114 0.1689 0.0083  0.0452  0.0056  65 ALA A C   
507 O O   . ALA A 65 ? 0.1633 0.2304 0.1946 0.0175  0.0538  0.0236  65 ALA A O   
508 C CB  . ALA A 65 ? 0.1702 0.2488 0.1306 -0.0159 0.0505  -0.0426 65 ALA A CB  
509 N N   . LYS A 66 ? 0.1534 0.2203 0.1642 -0.0164 0.0586  0.0038  66 LYS A N   
510 C CA  . LYS A 66 ? 0.1680 0.1958 0.1761 -0.0129 0.0434  -0.0092 66 LYS A CA  
511 C C   . LYS A 66 ? 0.1665 0.2140 0.1861 -0.0043 0.0301  -0.0057 66 LYS A C   
512 O O   . LYS A 66 ? 0.1701 0.2650 0.1994 -0.0009 0.0254  -0.0142 66 LYS A O   
513 C CB  . LYS A 66 ? 0.1672 0.1974 0.2151 -0.0236 0.0387  -0.0145 66 LYS A CB  
514 C CG  . LYS A 66 ? 0.1931 0.1797 0.2371 -0.0084 0.0194  -0.0122 66 LYS A CG  
515 C CD  . LYS A 66 ? 0.2010 0.1718 0.2709 -0.0154 0.0210  -0.0164 66 LYS A CD  
516 C CE  . LYS A 66 ? 0.2032 0.1627 0.3151 -0.0290 0.0238  -0.0271 66 LYS A CE  
517 N NZ  . LYS A 66 ? 0.2119 0.2139 0.3228 -0.0221 0.0231  -0.0324 66 LYS A NZ  
518 N N   . GLU A 67 ? 0.1500 0.2214 0.1776 -0.0082 0.0301  -0.0315 67 GLU A N   
519 C CA  . GLU A 67 ? 0.1718 0.2749 0.1865 0.0113  0.0276  -0.0437 67 GLU A CA  
520 C C   . GLU A 67 ? 0.1584 0.2396 0.2049 0.0025  0.0395  -0.0027 67 GLU A C   
521 O O   . GLU A 67 ? 0.1492 0.2517 0.2491 0.0095  0.0249  -0.0053 67 GLU A O   
522 C CB  . GLU A 67 ? 0.1732 0.3017 0.1505 0.0027  0.0323  -0.0336 67 GLU A CB  
523 C CG  . GLU A 67 ? 0.1947 0.3560 0.1509 0.0098  0.0412  -0.0550 67 GLU A CG  
524 C CD  . GLU A 67 ? 0.2165 0.3561 0.1699 -0.0008 0.0615  -0.0625 67 GLU A CD  
525 O OE1 . GLU A 67 ? 0.2120 0.3983 0.2101 -0.0223 0.0617  -0.0533 67 GLU A OE1 
526 O OE2 . GLU A 67 ? 0.2411 0.3280 0.2141 -0.0068 0.0852  -0.0650 67 GLU A OE2 
527 N N   . PHE A 68 ? 0.1647 0.2172 0.2127 -0.0135 0.0625  -0.0034 68 PHE A N   
528 C CA  . PHE A 68 ? 0.1859 0.2523 0.2125 0.0108  0.0654  -0.0159 68 PHE A CA  
529 C C   . PHE A 68 ? 0.2159 0.2828 0.2092 0.0363  0.0741  -0.0093 68 PHE A C   
530 O O   . PHE A 68 ? 0.2506 0.2522 0.2384 0.0592  0.0715  0.0204  68 PHE A O   
531 C CB  . PHE A 68 ? 0.1944 0.2431 0.2172 -0.0096 0.0659  -0.0399 68 PHE A CB  
532 C CG  . PHE A 68 ? 0.2205 0.2762 0.2611 -0.0174 0.0754  -0.0627 68 PHE A CG  
533 C CD1 . PHE A 68 ? 0.2301 0.3185 0.3206 -0.0153 0.0674  -0.0705 68 PHE A CD1 
534 C CD2 . PHE A 68 ? 0.2164 0.2589 0.2648 -0.0365 0.0895  -0.0685 68 PHE A CD2 
535 C CE1 . PHE A 68 ? 0.2470 0.3135 0.3101 -0.0072 0.0686  -0.0651 68 PHE A CE1 
536 C CE2 . PHE A 68 ? 0.2415 0.2077 0.2923 -0.0403 0.0957  -0.0798 68 PHE A CE2 
537 C CZ  . PHE A 68 ? 0.2639 0.2772 0.2909 -0.0020 0.0749  -0.0568 68 PHE A CZ  
538 N N   . GLY A 69 ? 0.1980 0.2915 0.1762 0.0172  0.0878  -0.0239 69 GLY A N   
539 C CA  . GLY A 69 ? 0.1993 0.3099 0.2033 0.0122  0.0763  -0.0048 69 GLY A CA  
540 C C   . GLY A 69 ? 0.2135 0.3007 0.1742 0.0394  0.0638  0.0089  69 GLY A C   
541 O O   . GLY A 69 ? 0.2345 0.2787 0.2250 0.0363  0.0769  0.0194  69 GLY A O   
542 N N   . ILE A 70 ? 0.1919 0.2298 0.1728 0.0382  0.0610  0.0115  70 ILE A N   
543 C CA  . ILE A 70 ? 0.1953 0.2205 0.1456 0.0406  0.0405  0.0119  70 ILE A CA  
544 C C   . ILE A 70 ? 0.1731 0.2052 0.1690 -0.0031 0.0495  0.0058  70 ILE A C   
545 O O   . ILE A 70 ? 0.1479 0.2346 0.1866 -0.0237 0.0513  -0.0030 70 ILE A O   
546 C CB  . ILE A 70 ? 0.2034 0.2317 0.1823 0.0133  0.0444  -0.0045 70 ILE A CB  
547 C CG1 . ILE A 70 ? 0.2019 0.2838 0.1879 -0.0179 0.0318  0.0186  70 ILE A CG1 
548 C CG2 . ILE A 70 ? 0.2077 0.2452 0.2210 0.0155  0.0359  -0.0267 70 ILE A CG2 
549 C CD1 . ILE A 70 ? 0.2217 0.3062 0.2187 -0.0197 0.0188  -0.0003 70 ILE A CD1 
550 N N   . THR A 71 ? 0.1511 0.2138 0.1815 -0.0007 0.0497  -0.0174 71 THR A N   
551 C CA  . THR A 71 ? 0.1385 0.2349 0.2106 0.0041  0.0422  -0.0075 71 THR A CA  
552 C C   . THR A 71 ? 0.1349 0.1956 0.2235 -0.0164 0.0569  0.0045  71 THR A C   
553 O O   . THR A 71 ? 0.1439 0.1560 0.2694 -0.0232 0.0595  -0.0088 71 THR A O   
554 C CB  . THR A 71 ? 0.1675 0.2650 0.2232 0.0438  0.0409  -0.0252 71 THR A CB  
555 O OG1 . THR A 71 ? 0.1722 0.2666 0.2314 0.0061  0.0591  -0.0011 71 THR A OG1 
556 C CG2 . THR A 71 ? 0.2131 0.2591 0.2369 0.0452  0.0631  -0.0466 71 THR A CG2 
557 N N   . VAL A 72 ? 0.1541 0.1814 0.1855 0.0155  0.0362  0.0101  72 VAL A N   
558 C CA  . VAL A 72 ? 0.1854 0.1454 0.1528 0.0113  0.0439  0.0000  72 VAL A CA  
559 C C   . VAL A 72 ? 0.1724 0.1430 0.1401 0.0053  0.0486  0.0006  72 VAL A C   
560 O O   . VAL A 72 ? 0.1684 0.1399 0.2032 -0.0151 0.0557  -0.0381 72 VAL A O   
561 C CB  . VAL A 72 ? 0.2063 0.1613 0.1679 -0.0116 0.0521  -0.0029 72 VAL A CB  
562 C CG1 . VAL A 72 ? 0.2203 0.2135 0.1720 0.0059  0.0263  -0.0135 72 VAL A CG1 
563 C CG2 . VAL A 72 ? 0.2168 0.1970 0.1951 0.0018  0.0570  -0.0168 72 VAL A CG2 
564 N N   . THR A 73 ? 0.1535 0.1394 0.1305 -0.0021 0.0353  0.0033  73 THR A N   
565 C CA  . THR A 73 ? 0.1447 0.1626 0.1204 0.0010  0.0077  0.0126  73 THR A CA  
566 C C   . THR A 73 ? 0.1418 0.1468 0.1728 -0.0169 0.0013  -0.0032 73 THR A C   
567 O O   . THR A 73 ? 0.1347 0.1410 0.1974 -0.0268 -0.0059 -0.0252 73 THR A O   
568 C CB  . THR A 73 ? 0.1479 0.1755 0.1502 -0.0132 -0.0045 0.0133  73 THR A CB  
569 O OG1 . THR A 73 ? 0.1768 0.2076 0.2032 -0.0592 0.0182  0.0301  73 THR A OG1 
570 C CG2 . THR A 73 ? 0.1731 0.2067 0.1461 0.0453  -0.0295 0.0173  73 THR A CG2 
571 N N   . ARG A 74 ? 0.1611 0.1720 0.1477 0.0457  -0.0349 0.0025  74 ARG A N   
572 C CA  . ARG A 74 ? 0.1774 0.1336 0.1492 0.0754  -0.0358 -0.0018 74 ARG A CA  
573 C C   . ARG A 74 ? 0.1576 0.1866 0.1316 0.0600  -0.0260 -0.0123 74 ARG A C   
574 O O   . ARG A 74 ? 0.1471 0.2072 0.1594 0.0230  -0.0380 -0.0451 74 ARG A O   
575 C CB  . ARG A 74 ? 0.1819 0.1804 0.1613 0.0617  -0.0324 0.0287  74 ARG A CB  
576 C CG  . ARG A 74 ? 0.2068 0.1937 0.1523 0.0774  -0.0311 0.0534  74 ARG A CG  
577 C CD  . ARG A 74 ? 0.2203 0.1770 0.1687 0.0941  -0.0429 0.0311  74 ARG A CD  
578 N NE  . ARG A 74 ? 0.2000 0.1952 0.1720 0.0642  -0.0404 0.0075  74 ARG A NE  
579 C CZ  . ARG A 74 ? 0.1979 0.2027 0.1495 0.0412  -0.0290 0.0433  74 ARG A CZ  
580 N NH1 . ARG A 74 ? 0.2228 0.2467 0.1717 -0.0084 0.0137  0.0338  74 ARG A NH1 
581 N NH2 . ARG A 74 ? 0.1709 0.2697 0.2179 0.0349  -0.0062 -0.0039 74 ARG A NH2 
582 N N   . THR A 75 ? 0.1491 0.1659 0.1340 0.0392  -0.0071 -0.0147 75 THR A N   
583 C CA  . THR A 75 ? 0.1296 0.1441 0.1650 -0.0238 0.0084  -0.0232 75 THR A CA  
584 C C   . THR A 75 ? 0.1431 0.1520 0.1689 -0.0140 -0.0024 -0.0254 75 THR A C   
585 O O   . THR A 75 ? 0.1871 0.1735 0.1507 0.0176  -0.0078 -0.0301 75 THR A O   
586 C CB  . THR A 75 ? 0.1407 0.1633 0.1794 -0.0226 0.0230  -0.0059 75 THR A CB  
587 O OG1 . THR A 75 ? 0.1827 0.1819 0.1395 0.0052  0.0071  -0.0010 75 THR A OG1 
588 C CG2 . THR A 75 ? 0.1454 0.2211 0.2082 -0.0086 0.0272  0.0127  75 THR A CG2 
589 N N   . ILE A 76 ? 0.1504 0.1434 0.1707 -0.0072 0.0014  -0.0207 76 ILE A N   
590 C CA  . ILE A 76 ? 0.1630 0.1592 0.1572 0.0247  -0.0275 -0.0300 76 ILE A CA  
591 C C   . ILE A 76 ? 0.1931 0.1726 0.1649 0.0471  -0.0066 -0.0069 76 ILE A C   
592 O O   . ILE A 76 ? 0.1915 0.1691 0.1863 0.0424  0.0044  -0.0161 76 ILE A O   
593 C CB  . ILE A 76 ? 0.1806 0.1649 0.2347 0.0190  -0.0386 -0.0780 76 ILE A CB  
594 C CG1 . ILE A 76 ? 0.1783 0.1751 0.2616 0.0048  -0.0225 -0.0812 76 ILE A CG1 
595 C CG2 . ILE A 76 ? 0.2105 0.2601 0.2530 0.0291  -0.0377 -0.0915 76 ILE A CG2 
596 C CD1 . ILE A 76 ? 0.2105 0.2676 0.2987 0.0186  -0.0137 -0.1019 76 ILE A CD1 
597 N N   . ARG A 77 ? 0.1942 0.1965 0.1942 0.0614  -0.0194 -0.0088 77 ARG A N   
598 C CA  . ARG A 77 ? 0.2375 0.2208 0.1832 0.1083  -0.0008 0.0194  77 ARG A CA  
599 C C   . ARG A 77 ? 0.2525 0.2393 0.2256 0.0753  0.0174  -0.0139 77 ARG A C   
600 O O   . ARG A 77 ? 0.2433 0.1863 0.2717 0.0589  0.0044  -0.0248 77 ARG A O   
601 C CB  . ARG A 77 ? 0.2627 0.2344 0.2083 0.1318  0.0026  0.0608  77 ARG A CB  
602 C CG  . ARG A 77 ? 0.2887 0.2824 0.2469 0.1542  0.0017  0.0690  77 ARG A CG  
603 C CD  . ARG A 77 ? 0.3140 0.3672 0.2232 0.1639  0.0138  0.1003  77 ARG A CD  
604 N NE  . ARG A 77 ? 0.3438 0.4730 0.2516 0.1958  0.0135  0.0854  77 ARG A NE  
605 C CZ  . ARG A 77 ? 0.3534 0.5813 0.2878 0.2116  0.0125  0.0420  77 ARG A CZ  
606 N NH1 . ARG A 77 ? 0.3696 0.6031 0.2926 0.2112  0.0159  0.0503  77 ARG A NH1 
607 N NH2 . ARG A 77 ? 0.3656 0.6495 0.3064 0.1933  0.0230  0.0069  77 ARG A NH2 
608 N N   . GLY A 78 ? 0.2558 0.2501 0.2018 0.0696  0.0393  0.0063  78 GLY A N   
609 C CA  . GLY A 78 ? 0.2600 0.2246 0.2247 0.0581  0.0468  -0.0031 78 GLY A CA  
610 C C   . GLY A 78 ? 0.2382 0.2169 0.2234 0.0526  0.0380  -0.0101 78 GLY A C   
611 O O   . GLY A 78 ? 0.2625 0.2530 0.2050 0.0678  0.0401  -0.0280 78 GLY A O   
612 N N   . SER A 79 ? 0.2142 0.1819 0.2238 0.0303  0.0293  -0.0189 79 SER A N   
613 C CA  . SER A 79 ? 0.1927 0.1510 0.2088 0.0213  0.0234  -0.0034 79 SER A CA  
614 C C   . SER A 79 ? 0.1768 0.2007 0.2234 0.0159  0.0208  -0.0201 79 SER A C   
615 O O   . SER A 79 ? 0.1709 0.3154 0.2436 0.0155  0.0134  -0.0637 79 SER A O   
616 C CB  . SER A 79 ? 0.1939 0.1638 0.1729 0.0364  -0.0007 -0.0219 79 SER A CB  
617 O OG  . SER A 79 ? 0.1605 0.2058 0.1771 0.0260  -0.0179 -0.0077 79 SER A OG  
618 N N   . TRP A 80 ? 0.1890 0.2203 0.2476 0.0085  0.0180  -0.0231 80 TRP A N   
619 C CA  . TRP A 80 ? 0.2310 0.2592 0.2945 -0.0322 0.0332  -0.0549 80 TRP A CA  
620 C C   . TRP A 80 ? 0.2475 0.3017 0.3232 -0.0360 0.0321  -0.0838 80 TRP A C   
621 O O   . TRP A 80 ? 0.2160 0.3587 0.3148 -0.0019 0.0053  -0.1019 80 TRP A O   
622 C CB  . TRP A 80 ? 0.2441 0.3190 0.3082 -0.0384 0.0447  -0.0180 80 TRP A CB  
623 C CG  . TRP A 80 ? 0.2820 0.3535 0.3353 -0.0691 0.0673  0.0009  80 TRP A CG  
624 C CD1 . TRP A 80 ? 0.2863 0.3783 0.3894 -0.0997 0.0792  -0.0192 80 TRP A CD1 
625 C CD2 . TRP A 80 ? 0.3137 0.4247 0.3991 -0.0678 0.0690  -0.0322 80 TRP A CD2 
626 N NE1 . TRP A 80 ? 0.3079 0.4394 0.4229 -0.0844 0.0730  -0.0282 80 TRP A NE1 
627 C CE2 . TRP A 80 ? 0.3129 0.4483 0.4331 -0.0904 0.0814  -0.0488 80 TRP A CE2 
628 C CE3 . TRP A 80 ? 0.3218 0.4395 0.4254 -0.0649 0.0703  -0.0423 80 TRP A CE3 
629 C CZ2 . TRP A 80 ? 0.3329 0.4999 0.4708 -0.0759 0.0768  -0.0752 80 TRP A CZ2 
630 C CZ3 . TRP A 80 ? 0.3384 0.4772 0.4526 -0.0723 0.0794  -0.0572 80 TRP A CZ3 
631 C CH2 . TRP A 80 ? 0.3423 0.5076 0.4721 -0.0687 0.0772  -0.0786 80 TRP A CH2 
632 N N   . SER A 81 ? 0.2707 0.2798 0.3297 -0.0582 0.0544  -0.0906 81 SER A N   
633 C CA  . SER A 81 ? 0.2910 0.3106 0.3226 -0.0598 0.0455  -0.0834 81 SER A CA  
634 C C   . SER A 81 ? 0.3314 0.3441 0.3194 -0.0491 0.0240  -0.0800 81 SER A C   
635 O O   . SER A 81 ? 0.3700 0.3499 0.3977 -0.0558 0.0290  -0.1253 81 SER A O   
636 C CB  . SER A 81 ? 0.2987 0.3301 0.3054 -0.0604 0.0655  -0.0717 81 SER A CB  
637 O OG  . SER A 81 ? 0.2722 0.3413 0.3195 -0.0781 0.0637  -0.0530 81 SER A OG  
638 N N   . LEU A 82 ? 0.3630 0.3343 0.2891 -0.0162 0.0004  -0.0631 82 LEU A N   
639 C CA  . LEU A 82 ? 0.4034 0.4051 0.3214 -0.0387 0.0152  -0.0762 82 LEU A CA  
640 C C   . LEU A 82 ? 0.4489 0.5364 0.3658 -0.0067 -0.0095 -0.0675 82 LEU A C   
641 O O   . LEU A 82 ? 0.4311 0.5532 0.3433 0.0061  -0.0434 -0.0571 82 LEU A O   
642 C CB  . LEU A 82 ? 0.4160 0.3745 0.3394 -0.0428 0.0369  -0.1054 82 LEU A CB  
643 C CG  . LEU A 82 ? 0.3934 0.3082 0.3662 -0.0631 0.0426  -0.1323 82 LEU A CG  
644 C CD1 . LEU A 82 ? 0.3650 0.3216 0.3731 -0.0631 0.0324  -0.1105 82 LEU A CD1 
645 C CD2 . LEU A 82 ? 0.4062 0.3504 0.3308 -0.0700 0.0554  -0.1206 82 LEU A CD2 
646 N N   . GLU A 83 ? 0.4906 0.6078 0.4476 -0.0035 -0.0046 -0.0661 83 GLU A N   
647 C CA  . GLU A 83 ? 0.5361 0.6505 0.5391 -0.0060 0.0011  -0.0733 83 GLU A CA  
648 C C   . GLU A 83 ? 0.5666 0.6859 0.5748 -0.0183 0.0108  -0.0865 83 GLU A C   
649 O O   . GLU A 83 ? 0.5661 0.7058 0.6098 -0.0209 0.0128  -0.1170 83 GLU A O   
650 C CB  . GLU A 83 ? 0.5486 0.6593 0.5897 0.0023  -0.0039 -0.0641 83 GLU A CB  
651 C CG  . GLU A 83 ? 0.5663 0.6844 0.6381 0.0047  0.0002  -0.0685 83 GLU A CG  
652 C CD  . GLU A 83 ? 0.5836 0.7197 0.6644 0.0108  0.0082  -0.0649 83 GLU A CD  
653 O OE1 . GLU A 83 ? 0.5900 0.7435 0.6530 0.0083  0.0135  -0.0511 83 GLU A OE1 
654 O OE2 . GLU A 83 ? 0.5890 0.7156 0.6916 0.0105  0.0101  -0.0686 83 GLU A OE2 
655 N N   . HIS A 84 ? 0.5980 0.6905 0.5590 -0.0225 0.0139  -0.0584 84 HIS A N   
656 C CA  . HIS A 84 ? 0.6241 0.7068 0.5913 -0.0288 0.0149  -0.0619 84 HIS A CA  
657 C C   . HIS A 84 ? 0.6522 0.7304 0.5906 -0.0347 0.0144  -0.0505 84 HIS A C   
658 O O   . HIS A 84 ? 0.6698 0.7610 0.5961 -0.0287 0.0125  -0.0496 84 HIS A O   
659 C CB  . HIS A 84 ? 0.6219 0.7087 0.6190 -0.0373 0.0218  -0.0632 84 HIS A CB  
660 C CG  . HIS A 84 ? 0.6174 0.7094 0.6451 -0.0468 0.0264  -0.0761 84 HIS A CG  
661 N ND1 . HIS A 84 ? 0.6170 0.7322 0.6495 -0.0438 0.0256  -0.0787 84 HIS A ND1 
662 C CD2 . HIS A 84 ? 0.6134 0.7176 0.6633 -0.0526 0.0237  -0.0818 84 HIS A CD2 
663 C CE1 . HIS A 84 ? 0.6185 0.7297 0.6596 -0.0446 0.0232  -0.0764 84 HIS A CE1 
664 N NE2 . HIS A 84 ? 0.6121 0.7274 0.6672 -0.0465 0.0203  -0.0784 84 HIS A NE2 
665 N N   . HIS A 85 ? 0.6630 0.7079 0.5672 -0.0614 0.0290  -0.0416 85 HIS A N   
666 C CA  . HIS A 85 ? 0.6644 0.6901 0.5709 -0.1021 0.0433  -0.0370 85 HIS A CA  
667 C C   . HIS A 85 ? 0.6717 0.6845 0.6023 -0.1019 0.0359  -0.0373 85 HIS A C   
668 O O   . HIS A 85 ? 0.6751 0.7014 0.6243 -0.1020 0.0327  -0.0382 85 HIS A O   
669 C CB  . HIS A 85 ? 0.6573 0.6789 0.5559 -0.1408 0.0603  -0.0510 85 HIS A CB  
670 C CG  . HIS A 85 ? 0.6564 0.6499 0.5136 -0.1730 0.0765  -0.0470 85 HIS A CG  
671 N ND1 . HIS A 85 ? 0.6549 0.6481 0.5198 -0.1876 0.0826  -0.0604 85 HIS A ND1 
672 C CD2 . HIS A 85 ? 0.6623 0.5842 0.4651 -0.1887 0.0871  -0.0352 85 HIS A CD2 
673 C CE1 . HIS A 85 ? 0.6529 0.6142 0.4832 -0.2066 0.0970  -0.0451 85 HIS A CE1 
674 N NE2 . HIS A 85 ? 0.6578 0.5653 0.4614 -0.2110 0.1005  -0.0370 85 HIS A NE2 
# 
loop_
_pdbx_poly_seq_scheme.asym_id 
_pdbx_poly_seq_scheme.entity_id 
_pdbx_poly_seq_scheme.seq_id 
_pdbx_poly_seq_scheme.mon_id 
_pdbx_poly_seq_scheme.ndb_seq_num 
_pdbx_poly_seq_scheme.pdb_seq_num 
_pdbx_poly_seq_scheme.auth_seq_num 
_pdbx_poly_seq_scheme.pdb_mon_id 
_pdbx_poly_seq_scheme.auth_mon_id 
_pdbx_poly_seq_scheme.pdb_strand_id 
_pdbx_poly_seq_scheme.pdb_ins_code 
_pdbx_poly_seq_scheme.hetero 
A 1 1  MET 1  1  1  MET MET A . n 
A 1 2  GLU 2  2  2  GLU GLU A . n 
A 1 3  MET 3  3  3  MET MET A . n 
A 1 4  ASP 4  4  4  ASP ASP A . n 
A 1 5  ILE 5  5  5  ILE ILE A . n 
A 1 6  ARG 6  6  6  ARG ARG A . n 
A 1 7  PHE 7  7  7  PHE PHE A . n 
A 1 8  ARG 8  8  8  ARG ARG A . n 
A 1 9  GLY 9  9  9  GLY GLY A . n 
A 1 10 ASP 10 10 10 ASP ASP A . n 
A 1 11 ASP 11 11 11 ASP ASP A . n 
A 1 12 LEU 12 12 12 LEU LEU A . n 
A 1 13 GLU 13 13 13 GLU GLU A . n 
A 1 14 ALA 14 14 14 ALA ALA A . n 
A 1 15 LEU 15 15 15 LEU LEU A . n 
A 1 16 LEU 16 16 16 LEU LEU A . n 
A 1 17 LYS 17 17 17 LYS LYS A . n 
A 1 18 ALA 18 18 18 ALA ALA A . n 
A 1 19 ALA 19 19 19 ALA ALA A . n 
A 1 20 ILE 20 20 20 ILE ILE A . n 
A 1 21 GLU 21 21 21 GLU GLU A . n 
A 1 22 MET 22 22 22 MET MET A . n 
A 1 23 ILE 23 23 23 ILE ILE A . n 
A 1 24 LYS 24 24 24 LYS LYS A . n 
A 1 25 GLN 25 25 25 GLN GLN A . n 
A 1 26 ALA 26 26 26 ALA ALA A . n 
A 1 27 LEU 27 27 27 LEU LEU A . n 
A 1 28 LYS 28 28 28 LYS LYS A . n 
A 1 29 PHE 29 29 29 PHE PHE A . n 
A 1 30 GLY 30 30 30 GLY GLY A . n 
A 1 31 ALA 31 31 31 ALA ALA A . n 
A 1 32 THR 32 32 32 THR THR A . n 
A 1 33 ILE 33 33 33 ILE ILE A . n 
A 1 34 THR 34 34 34 THR THR A . n 
A 1 35 LEU 35 35 35 LEU LEU A . n 
A 1 36 SER 36 36 36 SER SER A . n 
A 1 37 LEU 37 37 37 LEU LEU A . n 
A 1 38 ASP 38 38 38 ASP ASP A . n 
A 1 39 GLY 39 39 39 GLY GLY A . n 
A 1 40 ASN 40 40 40 ASN ASN A . n 
A 1 41 ASP 41 41 41 ASP ASP A . n 
A 1 42 LEU 42 42 42 LEU LEU A . n 
A 1 43 GLU 43 43 43 GLU GLU A . n 
A 1 44 ILE 44 44 44 ILE ILE A . n 
A 1 45 ARG 45 45 45 ARG ARG A . n 
A 1 46 ILE 46 46 46 ILE ILE A . n 
A 1 47 THR 47 47 47 THR THR A . n 
A 1 48 GLY 48 48 48 GLY GLY A . n 
A 1 49 VAL 49 49 49 VAL VAL A . n 
A 1 50 PRO 50 50 50 PRO PRO A . n 
A 1 51 GLU 51 51 51 GLU GLU A . n 
A 1 52 GLN 52 52 52 GLN GLN A . n 
A 1 53 VAL 53 53 53 VAL VAL A . n 
A 1 54 ARG 54 54 54 ARG ARG A . n 
A 1 55 LYS 55 55 55 LYS LYS A . n 
A 1 56 GLU 56 56 56 GLU GLU A . n 
A 1 57 LEU 57 57 57 LEU LEU A . n 
A 1 58 ALA 58 58 58 ALA ALA A . n 
A 1 59 LYS 59 59 59 LYS LYS A . n 
A 1 60 GLU 60 60 60 GLU GLU A . n 
A 1 61 ALA 61 61 61 ALA ALA A . n 
A 1 62 GLU 62 62 62 GLU GLU A . n 
A 1 63 ARG 63 63 63 ARG ARG A . n 
A 1 64 LEU 64 64 64 LEU LEU A . n 
A 1 65 ALA 65 65 65 ALA ALA A . n 
A 1 66 LYS 66 66 66 LYS LYS A . n 
A 1 67 GLU 67 67 67 GLU GLU A . n 
A 1 68 PHE 68 68 68 PHE PHE A . n 
A 1 69 GLY 69 69 69 GLY GLY A . n 
A 1 70 ILE 70 70 70 ILE ILE A . n 
A 1 71 THR 71 71 71 THR THR A . n 
A 1 72 VAL 72 72 72 VAL VAL A . n 
A 1 73 THR 73 73 73 THR THR A . n 
A 1 74 ARG 74 74 74 ARG ARG A . n 
A 1 75 THR 75 75 75 THR THR A . n 
A 1 76 ILE 76 76 76 ILE ILE A . n 
A 1 77 ARG 77 77 77 ARG ARG A . n 
A 1 78 GLY 78 78 78 GLY GLY A . n 
A 1 79 SER 79 79 79 SER SER A . n 
A 1 80 TRP 80 80 80 TRP TRP A . n 
A 1 81 SER 81 81 81 SER SER A . n 
A 1 82 LEU 82 82 82 LEU LEU A . n 
A 1 83 GLU 83 83 83 GLU GLU A . n 
A 1 84 HIS 84 84 84 HIS HIS A . n 
A 1 85 HIS 85 85 85 HIS HIS A . n 
A 1 86 HIS 86 86 ?  ?   ?   A . n 
A 1 87 HIS 87 87 ?  ?   ?   A . n 
A 1 88 HIS 88 88 ?  ?   ?   A . n 
A 1 89 HIS 89 89 ?  ?   ?   A . n 
# 
_pdbx_SG_project.id                    1 
_pdbx_SG_project.project_name          PSI:Biology 
_pdbx_SG_project.full_name_of_center   'Northeast Structural Genomics Consortium' 
_pdbx_SG_project.initial_of_center     NESG 
# 
loop_
_pdbx_nonpoly_scheme.asym_id 
_pdbx_nonpoly_scheme.entity_id 
_pdbx_nonpoly_scheme.mon_id 
_pdbx_nonpoly_scheme.ndb_seq_num 
_pdbx_nonpoly_scheme.pdb_seq_num 
_pdbx_nonpoly_scheme.auth_seq_num 
_pdbx_nonpoly_scheme.pdb_mon_id 
_pdbx_nonpoly_scheme.auth_mon_id 
_pdbx_nonpoly_scheme.pdb_strand_id 
_pdbx_nonpoly_scheme.pdb_ins_code 
B 2 PO4 1  301 301 PO4 PO4 A . 
C 3 ACY 1  302 401 ACY ACY A . 
D 3 ACY 1  303 402 ACY ACY A . 
E 3 ACY 1  304 403 ACY ACY A . 
F 4 HOH 1  501 501 HOH WAT A . 
F 4 HOH 2  502 502 HOH WAT A . 
F 4 HOH 3  503 503 HOH WAT A . 
F 4 HOH 4  504 504 HOH WAT A . 
F 4 HOH 5  505 505 HOH WAT A . 
F 4 HOH 6  506 506 HOH WAT A . 
F 4 HOH 7  507 507 HOH WAT A . 
F 4 HOH 8  508 508 HOH WAT A . 
F 4 HOH 9  509 509 HOH WAT A . 
F 4 HOH 10 510 510 HOH WAT A . 
F 4 HOH 11 511 511 HOH WAT A . 
F 4 HOH 12 512 513 HOH WAT A . 
F 4 HOH 13 513 514 HOH WAT A . 
F 4 HOH 14 514 515 HOH WAT A . 
F 4 HOH 15 515 516 HOH WAT A . 
F 4 HOH 16 516 517 HOH WAT A . 
F 4 HOH 17 517 518 HOH WAT A . 
F 4 HOH 18 518 519 HOH WAT A . 
F 4 HOH 19 519 520 HOH WAT A . 
F 4 HOH 20 520 521 HOH WAT A . 
F 4 HOH 21 521 522 HOH WAT A . 
F 4 HOH 22 522 523 HOH WAT A . 
F 4 HOH 23 523 524 HOH WAT A . 
F 4 HOH 24 524 525 HOH WAT A . 
F 4 HOH 25 525 526 HOH WAT A . 
F 4 HOH 26 526 528 HOH WAT A . 
F 4 HOH 27 527 529 HOH WAT A . 
F 4 HOH 28 528 530 HOH WAT A . 
F 4 HOH 29 529 531 HOH WAT A . 
F 4 HOH 30 530 532 HOH WAT A . 
F 4 HOH 31 531 533 HOH WAT A . 
F 4 HOH 32 532 534 HOH WAT A . 
F 4 HOH 33 533 535 HOH WAT A . 
F 4 HOH 34 534 536 HOH WAT A . 
F 4 HOH 35 535 537 HOH WAT A . 
F 4 HOH 36 536 538 HOH WAT A . 
F 4 HOH 37 537 539 HOH WAT A . 
F 4 HOH 38 538 540 HOH WAT A . 
F 4 HOH 39 539 541 HOH WAT A . 
F 4 HOH 40 540 542 HOH WAT A . 
F 4 HOH 41 541 543 HOH WAT A . 
F 4 HOH 42 542 544 HOH WAT A . 
F 4 HOH 43 543 545 HOH WAT A . 
F 4 HOH 44 544 546 HOH WAT A . 
F 4 HOH 45 545 547 HOH WAT A . 
F 4 HOH 46 546 548 HOH WAT A . 
F 4 HOH 47 547 549 HOH WAT A . 
F 4 HOH 48 548 550 HOH WAT A . 
F 4 HOH 49 549 551 HOH WAT A . 
F 4 HOH 50 550 552 HOH WAT A . 
F 4 HOH 51 551 553 HOH WAT A . 
F 4 HOH 52 552 554 HOH WAT A . 
F 4 HOH 53 553 555 HOH WAT A . 
F 4 HOH 54 554 556 HOH WAT A . 
F 4 HOH 55 555 557 HOH WAT A . 
F 4 HOH 56 556 558 HOH WAT A . 
F 4 HOH 57 557 559 HOH WAT A . 
F 4 HOH 58 558 560 HOH WAT A . 
F 4 HOH 59 559 561 HOH WAT A . 
F 4 HOH 60 560 562 HOH WAT A . 
F 4 HOH 61 561 563 HOH WAT A . 
F 4 HOH 62 562 564 HOH WAT A . 
F 4 HOH 63 563 566 HOH WAT A . 
F 4 HOH 64 564 567 HOH WAT A . 
F 4 HOH 65 565 568 HOH WAT A . 
F 4 HOH 66 566 569 HOH WAT A . 
F 4 HOH 67 567 570 HOH WAT A . 
F 4 HOH 68 568 571 HOH WAT A . 
F 4 HOH 69 569 572 HOH WAT A . 
F 4 HOH 70 570 573 HOH WAT A . 
F 4 HOH 71 571 574 HOH WAT A . 
F 4 HOH 72 572 575 HOH WAT A . 
F 4 HOH 73 573 576 HOH WAT A . 
F 4 HOH 74 574 577 HOH WAT A . 
F 4 HOH 75 575 578 HOH WAT A . 
F 4 HOH 76 576 579 HOH WAT A . 
F 4 HOH 77 577 580 HOH WAT A . 
F 4 HOH 78 578 581 HOH WAT A . 
F 4 HOH 79 579 582 HOH WAT A . 
F 4 HOH 80 580 583 HOH WAT A . 
F 4 HOH 81 581 584 HOH WAT A . 
F 4 HOH 82 582 585 HOH WAT A . 
F 4 HOH 83 583 586 HOH WAT A . 
F 4 HOH 84 584 587 HOH WAT A . 
F 4 HOH 85 585 588 HOH WAT A . 
F 4 HOH 86 586 589 HOH WAT A . 
F 4 HOH 87 587 590 HOH WAT A . 
F 4 HOH 88 588 591 HOH WAT A . 
F 4 HOH 89 589 592 HOH WAT A . 
F 4 HOH 90 590 593 HOH WAT A . 
F 4 HOH 91 591 594 HOH WAT A . 
F 4 HOH 92 592 595 HOH WAT A . 
F 4 HOH 93 593 601 HOH WAT A . 
F 4 HOH 94 594 602 HOH WAT A . 
F 4 HOH 95 595 603 HOH WAT A . 
F 4 HOH 96 596 604 HOH WAT A . 
# 
_pdbx_struct_assembly.id                   1 
_pdbx_struct_assembly.details              author_and_software_defined_assembly 
_pdbx_struct_assembly.method_details       PISA 
_pdbx_struct_assembly.oligomeric_details   dimeric 
_pdbx_struct_assembly.oligomeric_count     2 
# 
_pdbx_struct_assembly_gen.assembly_id       1 
_pdbx_struct_assembly_gen.oper_expression   1,2 
_pdbx_struct_assembly_gen.asym_id_list      A,B,C,D,E,F 
# 
loop_
_pdbx_struct_assembly_prop.biol_id 
_pdbx_struct_assembly_prop.type 
_pdbx_struct_assembly_prop.value 
_pdbx_struct_assembly_prop.details 
1 'ABSA (A^2)' 2360 ? 
1 MORE         -22  ? 
1 'SSA (A^2)'  8920 ? 
# 
loop_
_pdbx_struct_oper_list.id 
_pdbx_struct_oper_list.type 
_pdbx_struct_oper_list.name 
_pdbx_struct_oper_list.symmetry_operation 
_pdbx_struct_oper_list.matrix[1][1] 
_pdbx_struct_oper_list.matrix[1][2] 
_pdbx_struct_oper_list.matrix[1][3] 
_pdbx_struct_oper_list.vector[1] 
_pdbx_struct_oper_list.matrix[2][1] 
_pdbx_struct_oper_list.matrix[2][2] 
_pdbx_struct_oper_list.matrix[2][3] 
_pdbx_struct_oper_list.vector[2] 
_pdbx_struct_oper_list.matrix[3][1] 
_pdbx_struct_oper_list.matrix[3][2] 
_pdbx_struct_oper_list.matrix[3][3] 
_pdbx_struct_oper_list.vector[3] 
1 'identity operation'         1_555 x,y,z         1.0000000000  0.0000000000 0.0000000000  0.0000000000  0.0000000000 1.0000000000 0.0000000000  0.0000000000  0.0000000000  0.0000000000  1.0000000000  0.0000000000   
2 'crystal symmetry operation' 8_566 x,-y+1,-z+3/2 -0.9960659446 0.0787061316 -0.0407182869 -5.5027434175 0.0787061316 0.5746232572 -0.8146247340 -8.4789342891 -0.0407182869 -0.8146247340 -0.5785573126 -16.9209529255 
# 
loop_
_pdbx_struct_special_symmetry.id 
_pdbx_struct_special_symmetry.PDB_model_num 
_pdbx_struct_special_symmetry.auth_asym_id 
_pdbx_struct_special_symmetry.auth_comp_id 
_pdbx_struct_special_symmetry.auth_seq_id 
_pdbx_struct_special_symmetry.PDB_ins_code 
_pdbx_struct_special_symmetry.label_asym_id 
_pdbx_struct_special_symmetry.label_comp_id 
_pdbx_struct_special_symmetry.label_seq_id 
1 1 A HOH 502 ? F HOH . 
2 1 A HOH 571 ? F HOH . 
3 1 A HOH 593 ? F HOH . 
# 
loop_
_pdbx_audit_revision_history.ordinal 
_pdbx_audit_revision_history.data_content_type 
_pdbx_audit_revision_history.major_revision 
_pdbx_audit_revision_history.minor_revision 
_pdbx_audit_revision_history.revision_date 
1 'Structure model' 1 0 2014-04-09 
2 'Structure model' 1 1 2017-10-25 
3 'Structure model' 1 2 2023-09-20 
# 
_pdbx_audit_revision_details.ordinal             1 
_pdbx_audit_revision_details.revision_ordinal    1 
_pdbx_audit_revision_details.data_content_type   'Structure model' 
_pdbx_audit_revision_details.provider            repository 
_pdbx_audit_revision_details.type                'Initial release' 
_pdbx_audit_revision_details.description         ? 
_pdbx_audit_revision_details.details             ? 
# 
loop_
_pdbx_audit_revision_group.ordinal 
_pdbx_audit_revision_group.revision_ordinal 
_pdbx_audit_revision_group.data_content_type 
_pdbx_audit_revision_group.group 
1 2 'Structure model' 'Author supporting evidence' 
2 3 'Structure model' 'Data collection'            
3 3 'Structure model' 'Database references'        
4 3 'Structure model' 'Derived calculations'       
5 3 'Structure model' 'Refinement description'     
# 
loop_
_pdbx_audit_revision_category.ordinal 
_pdbx_audit_revision_category.revision_ordinal 
_pdbx_audit_revision_category.data_content_type 
_pdbx_audit_revision_category.category 
1 2 'Structure model' pdbx_struct_assembly_auth_evidence 
2 3 'Structure model' chem_comp_atom                     
3 3 'Structure model' chem_comp_bond                     
4 3 'Structure model' database_2                         
5 3 'Structure model' pdbx_initial_refinement_model      
6 3 'Structure model' struct_site                        
# 
loop_
_pdbx_audit_revision_item.ordinal 
_pdbx_audit_revision_item.revision_ordinal 
_pdbx_audit_revision_item.data_content_type 
_pdbx_audit_revision_item.item 
1 3 'Structure model' '_database_2.pdbx_DOI'                
2 3 'Structure model' '_database_2.pdbx_database_accession' 
3 3 'Structure model' '_struct_site.pdbx_auth_asym_id'      
4 3 'Structure model' '_struct_site.pdbx_auth_comp_id'      
5 3 'Structure model' '_struct_site.pdbx_auth_seq_id'       
# 
loop_
_software.pdbx_ordinal 
_software.name 
_software.version 
_software.date 
_software.type 
_software.contact_author 
_software.contact_author_email 
_software.classification 
_software.location 
_software.language 
_software.citation_id 
1 PHENIX      1.7.2_869 ?               package 'Paul D. Adams' PDAdams@lbl.gov       refinement        
http://www.phenix-online.org/             C++ ? 
2 PDB_EXTRACT 3.100     'Jan. 22, 2010' package PDB             help@deposit.rcsb.org 'data extraction' 
http://sw-tools.pdb.org/apps/PDB_EXTRACT/ C++ ? 
3 HKL-2000    .         ?               ?       ?               ?                     'data collection' ? ?   ? 
4 HKL-2000    .         ?               ?       ?               ?                     'data reduction'  ? ?   ? 
5 HKL-2000    .         ?               ?       ?               ?                     'data scaling'    ? ?   ? 
6 BALBES      .         ?               ?       ?               ?                     phasing           ? ?   ? 
# 
loop_
_pdbx_unobs_or_zero_occ_residues.id 
_pdbx_unobs_or_zero_occ_residues.PDB_model_num 
_pdbx_unobs_or_zero_occ_residues.polymer_flag 
_pdbx_unobs_or_zero_occ_residues.occupancy_flag 
_pdbx_unobs_or_zero_occ_residues.auth_asym_id 
_pdbx_unobs_or_zero_occ_residues.auth_comp_id 
_pdbx_unobs_or_zero_occ_residues.auth_seq_id 
_pdbx_unobs_or_zero_occ_residues.PDB_ins_code 
_pdbx_unobs_or_zero_occ_residues.label_asym_id 
_pdbx_unobs_or_zero_occ_residues.label_comp_id 
_pdbx_unobs_or_zero_occ_residues.label_seq_id 
1 1 Y 1 A HIS 86 ? A HIS 86 
2 1 Y 1 A HIS 87 ? A HIS 87 
3 1 Y 1 A HIS 88 ? A HIS 88 
4 1 Y 1 A HIS 89 ? A HIS 89 
# 
loop_
_chem_comp_atom.comp_id 
_chem_comp_atom.atom_id 
_chem_comp_atom.type_symbol 
_chem_comp_atom.pdbx_aromatic_flag 
_chem_comp_atom.pdbx_stereo_config 
_chem_comp_atom.pdbx_ordinal 
ACY C    C N N 1   
ACY O    O N N 2   
ACY OXT  O N N 3   
ACY CH3  C N N 4   
ACY HXT  H N N 5   
ACY H1   H N N 6   
ACY H2   H N N 7   
ACY H3   H N N 8   
ALA N    N N N 9   
ALA CA   C N S 10  
ALA C    C N N 11  
ALA O    O N N 12  
ALA CB   C N N 13  
ALA OXT  O N N 14  
ALA H    H N N 15  
ALA H2   H N N 16  
ALA HA   H N N 17  
ALA HB1  H N N 18  
ALA HB2  H N N 19  
ALA HB3  H N N 20  
ALA HXT  H N N 21  
ARG N    N N N 22  
ARG CA   C N S 23  
ARG C    C N N 24  
ARG O    O N N 25  
ARG CB   C N N 26  
ARG CG   C N N 27  
ARG CD   C N N 28  
ARG NE   N N N 29  
ARG CZ   C N N 30  
ARG NH1  N N N 31  
ARG NH2  N N N 32  
ARG OXT  O N N 33  
ARG H    H N N 34  
ARG H2   H N N 35  
ARG HA   H N N 36  
ARG HB2  H N N 37  
ARG HB3  H N N 38  
ARG HG2  H N N 39  
ARG HG3  H N N 40  
ARG HD2  H N N 41  
ARG HD3  H N N 42  
ARG HE   H N N 43  
ARG HH11 H N N 44  
ARG HH12 H N N 45  
ARG HH21 H N N 46  
ARG HH22 H N N 47  
ARG HXT  H N N 48  
ASN N    N N N 49  
ASN CA   C N S 50  
ASN C    C N N 51  
ASN O    O N N 52  
ASN CB   C N N 53  
ASN CG   C N N 54  
ASN OD1  O N N 55  
ASN ND2  N N N 56  
ASN OXT  O N N 57  
ASN H    H N N 58  
ASN H2   H N N 59  
ASN HA   H N N 60  
ASN HB2  H N N 61  
ASN HB3  H N N 62  
ASN HD21 H N N 63  
ASN HD22 H N N 64  
ASN HXT  H N N 65  
ASP N    N N N 66  
ASP CA   C N S 67  
ASP C    C N N 68  
ASP O    O N N 69  
ASP CB   C N N 70  
ASP CG   C N N 71  
ASP OD1  O N N 72  
ASP OD2  O N N 73  
ASP OXT  O N N 74  
ASP H    H N N 75  
ASP H2   H N N 76  
ASP HA   H N N 77  
ASP HB2  H N N 78  
ASP HB3  H N N 79  
ASP HD2  H N N 80  
ASP HXT  H N N 81  
GLN N    N N N 82  
GLN CA   C N S 83  
GLN C    C N N 84  
GLN O    O N N 85  
GLN CB   C N N 86  
GLN CG   C N N 87  
GLN CD   C N N 88  
GLN OE1  O N N 89  
GLN NE2  N N N 90  
GLN OXT  O N N 91  
GLN H    H N N 92  
GLN H2   H N N 93  
GLN HA   H N N 94  
GLN HB2  H N N 95  
GLN HB3  H N N 96  
GLN HG2  H N N 97  
GLN HG3  H N N 98  
GLN HE21 H N N 99  
GLN HE22 H N N 100 
GLN HXT  H N N 101 
GLU N    N N N 102 
GLU CA   C N S 103 
GLU C    C N N 104 
GLU O    O N N 105 
GLU CB   C N N 106 
GLU CG   C N N 107 
GLU CD   C N N 108 
GLU OE1  O N N 109 
GLU OE2  O N N 110 
GLU OXT  O N N 111 
GLU H    H N N 112 
GLU H2   H N N 113 
GLU HA   H N N 114 
GLU HB2  H N N 115 
GLU HB3  H N N 116 
GLU HG2  H N N 117 
GLU HG3  H N N 118 
GLU HE2  H N N 119 
GLU HXT  H N N 120 
GLY N    N N N 121 
GLY CA   C N N 122 
GLY C    C N N 123 
GLY O    O N N 124 
GLY OXT  O N N 125 
GLY H    H N N 126 
GLY H2   H N N 127 
GLY HA2  H N N 128 
GLY HA3  H N N 129 
GLY HXT  H N N 130 
HIS N    N N N 131 
HIS CA   C N S 132 
HIS C    C N N 133 
HIS O    O N N 134 
HIS CB   C N N 135 
HIS CG   C Y N 136 
HIS ND1  N Y N 137 
HIS CD2  C Y N 138 
HIS CE1  C Y N 139 
HIS NE2  N Y N 140 
HIS OXT  O N N 141 
HIS H    H N N 142 
HIS H2   H N N 143 
HIS HA   H N N 144 
HIS HB2  H N N 145 
HIS HB3  H N N 146 
HIS HD1  H N N 147 
HIS HD2  H N N 148 
HIS HE1  H N N 149 
HIS HE2  H N N 150 
HIS HXT  H N N 151 
HOH O    O N N 152 
HOH H1   H N N 153 
HOH H2   H N N 154 
ILE N    N N N 155 
ILE CA   C N S 156 
ILE C    C N N 157 
ILE O    O N N 158 
ILE CB   C N S 159 
ILE CG1  C N N 160 
ILE CG2  C N N 161 
ILE CD1  C N N 162 
ILE OXT  O N N 163 
ILE H    H N N 164 
ILE H2   H N N 165 
ILE HA   H N N 166 
ILE HB   H N N 167 
ILE HG12 H N N 168 
ILE HG13 H N N 169 
ILE HG21 H N N 170 
ILE HG22 H N N 171 
ILE HG23 H N N 172 
ILE HD11 H N N 173 
ILE HD12 H N N 174 
ILE HD13 H N N 175 
ILE HXT  H N N 176 
LEU N    N N N 177 
LEU CA   C N S 178 
LEU C    C N N 179 
LEU O    O N N 180 
LEU CB   C N N 181 
LEU CG   C N N 182 
LEU CD1  C N N 183 
LEU CD2  C N N 184 
LEU OXT  O N N 185 
LEU H    H N N 186 
LEU H2   H N N 187 
LEU HA   H N N 188 
LEU HB2  H N N 189 
LEU HB3  H N N 190 
LEU HG   H N N 191 
LEU HD11 H N N 192 
LEU HD12 H N N 193 
LEU HD13 H N N 194 
LEU HD21 H N N 195 
LEU HD22 H N N 196 
LEU HD23 H N N 197 
LEU HXT  H N N 198 
LYS N    N N N 199 
LYS CA   C N S 200 
LYS C    C N N 201 
LYS O    O N N 202 
LYS CB   C N N 203 
LYS CG   C N N 204 
LYS CD   C N N 205 
LYS CE   C N N 206 
LYS NZ   N N N 207 
LYS OXT  O N N 208 
LYS H    H N N 209 
LYS H2   H N N 210 
LYS HA   H N N 211 
LYS HB2  H N N 212 
LYS HB3  H N N 213 
LYS HG2  H N N 214 
LYS HG3  H N N 215 
LYS HD2  H N N 216 
LYS HD3  H N N 217 
LYS HE2  H N N 218 
LYS HE3  H N N 219 
LYS HZ1  H N N 220 
LYS HZ2  H N N 221 
LYS HZ3  H N N 222 
LYS HXT  H N N 223 
MET N    N N N 224 
MET CA   C N S 225 
MET C    C N N 226 
MET O    O N N 227 
MET CB   C N N 228 
MET CG   C N N 229 
MET SD   S N N 230 
MET CE   C N N 231 
MET OXT  O N N 232 
MET H    H N N 233 
MET H2   H N N 234 
MET HA   H N N 235 
MET HB2  H N N 236 
MET HB3  H N N 237 
MET HG2  H N N 238 
MET HG3  H N N 239 
MET HE1  H N N 240 
MET HE2  H N N 241 
MET HE3  H N N 242 
MET HXT  H N N 243 
PHE N    N N N 244 
PHE CA   C N S 245 
PHE C    C N N 246 
PHE O    O N N 247 
PHE CB   C N N 248 
PHE CG   C Y N 249 
PHE CD1  C Y N 250 
PHE CD2  C Y N 251 
PHE CE1  C Y N 252 
PHE CE2  C Y N 253 
PHE CZ   C Y N 254 
PHE OXT  O N N 255 
PHE H    H N N 256 
PHE H2   H N N 257 
PHE HA   H N N 258 
PHE HB2  H N N 259 
PHE HB3  H N N 260 
PHE HD1  H N N 261 
PHE HD2  H N N 262 
PHE HE1  H N N 263 
PHE HE2  H N N 264 
PHE HZ   H N N 265 
PHE HXT  H N N 266 
PO4 P    P N N 267 
PO4 O1   O N N 268 
PO4 O2   O N N 269 
PO4 O3   O N N 270 
PO4 O4   O N N 271 
PRO N    N N N 272 
PRO CA   C N S 273 
PRO C    C N N 274 
PRO O    O N N 275 
PRO CB   C N N 276 
PRO CG   C N N 277 
PRO CD   C N N 278 
PRO OXT  O N N 279 
PRO H    H N N 280 
PRO HA   H N N 281 
PRO HB2  H N N 282 
PRO HB3  H N N 283 
PRO HG2  H N N 284 
PRO HG3  H N N 285 
PRO HD2  H N N 286 
PRO HD3  H N N 287 
PRO HXT  H N N 288 
SER N    N N N 289 
SER CA   C N S 290 
SER C    C N N 291 
SER O    O N N 292 
SER CB   C N N 293 
SER OG   O N N 294 
SER OXT  O N N 295 
SER H    H N N 296 
SER H2   H N N 297 
SER HA   H N N 298 
SER HB2  H N N 299 
SER HB3  H N N 300 
SER HG   H N N 301 
SER HXT  H N N 302 
THR N    N N N 303 
THR CA   C N S 304 
THR C    C N N 305 
THR O    O N N 306 
THR CB   C N R 307 
THR OG1  O N N 308 
THR CG2  C N N 309 
THR OXT  O N N 310 
THR H    H N N 311 
THR H2   H N N 312 
THR HA   H N N 313 
THR HB   H N N 314 
THR HG1  H N N 315 
THR HG21 H N N 316 
THR HG22 H N N 317 
THR HG23 H N N 318 
THR HXT  H N N 319 
TRP N    N N N 320 
TRP CA   C N S 321 
TRP C    C N N 322 
TRP O    O N N 323 
TRP CB   C N N 324 
TRP CG   C Y N 325 
TRP CD1  C Y N 326 
TRP CD2  C Y N 327 
TRP NE1  N Y N 328 
TRP CE2  C Y N 329 
TRP CE3  C Y N 330 
TRP CZ2  C Y N 331 
TRP CZ3  C Y N 332 
TRP CH2  C Y N 333 
TRP OXT  O N N 334 
TRP H    H N N 335 
TRP H2   H N N 336 
TRP HA   H N N 337 
TRP HB2  H N N 338 
TRP HB3  H N N 339 
TRP HD1  H N N 340 
TRP HE1  H N N 341 
TRP HE3  H N N 342 
TRP HZ2  H N N 343 
TRP HZ3  H N N 344 
TRP HH2  H N N 345 
TRP HXT  H N N 346 
VAL N    N N N 347 
VAL CA   C N S 348 
VAL C    C N N 349 
VAL O    O N N 350 
VAL CB   C N N 351 
VAL CG1  C N N 352 
VAL CG2  C N N 353 
VAL OXT  O N N 354 
VAL H    H N N 355 
VAL H2   H N N 356 
VAL HA   H N N 357 
VAL HB   H N N 358 
VAL HG11 H N N 359 
VAL HG12 H N N 360 
VAL HG13 H N N 361 
VAL HG21 H N N 362 
VAL HG22 H N N 363 
VAL HG23 H N N 364 
VAL HXT  H N N 365 
# 
loop_
_chem_comp_bond.comp_id 
_chem_comp_bond.atom_id_1 
_chem_comp_bond.atom_id_2 
_chem_comp_bond.value_order 
_chem_comp_bond.pdbx_aromatic_flag 
_chem_comp_bond.pdbx_stereo_config 
_chem_comp_bond.pdbx_ordinal 
ACY C   O    doub N N 1   
ACY C   OXT  sing N N 2   
ACY C   CH3  sing N N 3   
ACY OXT HXT  sing N N 4   
ACY CH3 H1   sing N N 5   
ACY CH3 H2   sing N N 6   
ACY CH3 H3   sing N N 7   
ALA N   CA   sing N N 8   
ALA N   H    sing N N 9   
ALA N   H2   sing N N 10  
ALA CA  C    sing N N 11  
ALA CA  CB   sing N N 12  
ALA CA  HA   sing N N 13  
ALA C   O    doub N N 14  
ALA C   OXT  sing N N 15  
ALA CB  HB1  sing N N 16  
ALA CB  HB2  sing N N 17  
ALA CB  HB3  sing N N 18  
ALA OXT HXT  sing N N 19  
ARG N   CA   sing N N 20  
ARG N   H    sing N N 21  
ARG N   H2   sing N N 22  
ARG CA  C    sing N N 23  
ARG CA  CB   sing N N 24  
ARG CA  HA   sing N N 25  
ARG C   O    doub N N 26  
ARG C   OXT  sing N N 27  
ARG CB  CG   sing N N 28  
ARG CB  HB2  sing N N 29  
ARG CB  HB3  sing N N 30  
ARG CG  CD   sing N N 31  
ARG CG  HG2  sing N N 32  
ARG CG  HG3  sing N N 33  
ARG CD  NE   sing N N 34  
ARG CD  HD2  sing N N 35  
ARG CD  HD3  sing N N 36  
ARG NE  CZ   sing N N 37  
ARG NE  HE   sing N N 38  
ARG CZ  NH1  sing N N 39  
ARG CZ  NH2  doub N N 40  
ARG NH1 HH11 sing N N 41  
ARG NH1 HH12 sing N N 42  
ARG NH2 HH21 sing N N 43  
ARG NH2 HH22 sing N N 44  
ARG OXT HXT  sing N N 45  
ASN N   CA   sing N N 46  
ASN N   H    sing N N 47  
ASN N   H2   sing N N 48  
ASN CA  C    sing N N 49  
ASN CA  CB   sing N N 50  
ASN CA  HA   sing N N 51  
ASN C   O    doub N N 52  
ASN C   OXT  sing N N 53  
ASN CB  CG   sing N N 54  
ASN CB  HB2  sing N N 55  
ASN CB  HB3  sing N N 56  
ASN CG  OD1  doub N N 57  
ASN CG  ND2  sing N N 58  
ASN ND2 HD21 sing N N 59  
ASN ND2 HD22 sing N N 60  
ASN OXT HXT  sing N N 61  
ASP N   CA   sing N N 62  
ASP N   H    sing N N 63  
ASP N   H2   sing N N 64  
ASP CA  C    sing N N 65  
ASP CA  CB   sing N N 66  
ASP CA  HA   sing N N 67  
ASP C   O    doub N N 68  
ASP C   OXT  sing N N 69  
ASP CB  CG   sing N N 70  
ASP CB  HB2  sing N N 71  
ASP CB  HB3  sing N N 72  
ASP CG  OD1  doub N N 73  
ASP CG  OD2  sing N N 74  
ASP OD2 HD2  sing N N 75  
ASP OXT HXT  sing N N 76  
GLN N   CA   sing N N 77  
GLN N   H    sing N N 78  
GLN N   H2   sing N N 79  
GLN CA  C    sing N N 80  
GLN CA  CB   sing N N 81  
GLN CA  HA   sing N N 82  
GLN C   O    doub N N 83  
GLN C   OXT  sing N N 84  
GLN CB  CG   sing N N 85  
GLN CB  HB2  sing N N 86  
GLN CB  HB3  sing N N 87  
GLN CG  CD   sing N N 88  
GLN CG  HG2  sing N N 89  
GLN CG  HG3  sing N N 90  
GLN CD  OE1  doub N N 91  
GLN CD  NE2  sing N N 92  
GLN NE2 HE21 sing N N 93  
GLN NE2 HE22 sing N N 94  
GLN OXT HXT  sing N N 95  
GLU N   CA   sing N N 96  
GLU N   H    sing N N 97  
GLU N   H2   sing N N 98  
GLU CA  C    sing N N 99  
GLU CA  CB   sing N N 100 
GLU CA  HA   sing N N 101 
GLU C   O    doub N N 102 
GLU C   OXT  sing N N 103 
GLU CB  CG   sing N N 104 
GLU CB  HB2  sing N N 105 
GLU CB  HB3  sing N N 106 
GLU CG  CD   sing N N 107 
GLU CG  HG2  sing N N 108 
GLU CG  HG3  sing N N 109 
GLU CD  OE1  doub N N 110 
GLU CD  OE2  sing N N 111 
GLU OE2 HE2  sing N N 112 
GLU OXT HXT  sing N N 113 
GLY N   CA   sing N N 114 
GLY N   H    sing N N 115 
GLY N   H2   sing N N 116 
GLY CA  C    sing N N 117 
GLY CA  HA2  sing N N 118 
GLY CA  HA3  sing N N 119 
GLY C   O    doub N N 120 
GLY C   OXT  sing N N 121 
GLY OXT HXT  sing N N 122 
HIS N   CA   sing N N 123 
HIS N   H    sing N N 124 
HIS N   H2   sing N N 125 
HIS CA  C    sing N N 126 
HIS CA  CB   sing N N 127 
HIS CA  HA   sing N N 128 
HIS C   O    doub N N 129 
HIS C   OXT  sing N N 130 
HIS CB  CG   sing N N 131 
HIS CB  HB2  sing N N 132 
HIS CB  HB3  sing N N 133 
HIS CG  ND1  sing Y N 134 
HIS CG  CD2  doub Y N 135 
HIS ND1 CE1  doub Y N 136 
HIS ND1 HD1  sing N N 137 
HIS CD2 NE2  sing Y N 138 
HIS CD2 HD2  sing N N 139 
HIS CE1 NE2  sing Y N 140 
HIS CE1 HE1  sing N N 141 
HIS NE2 HE2  sing N N 142 
HIS OXT HXT  sing N N 143 
HOH O   H1   sing N N 144 
HOH O   H2   sing N N 145 
ILE N   CA   sing N N 146 
ILE N   H    sing N N 147 
ILE N   H2   sing N N 148 
ILE CA  C    sing N N 149 
ILE CA  CB   sing N N 150 
ILE CA  HA   sing N N 151 
ILE C   O    doub N N 152 
ILE C   OXT  sing N N 153 
ILE CB  CG1  sing N N 154 
ILE CB  CG2  sing N N 155 
ILE CB  HB   sing N N 156 
ILE CG1 CD1  sing N N 157 
ILE CG1 HG12 sing N N 158 
ILE CG1 HG13 sing N N 159 
ILE CG2 HG21 sing N N 160 
ILE CG2 HG22 sing N N 161 
ILE CG2 HG23 sing N N 162 
ILE CD1 HD11 sing N N 163 
ILE CD1 HD12 sing N N 164 
ILE CD1 HD13 sing N N 165 
ILE OXT HXT  sing N N 166 
LEU N   CA   sing N N 167 
LEU N   H    sing N N 168 
LEU N   H2   sing N N 169 
LEU CA  C    sing N N 170 
LEU CA  CB   sing N N 171 
LEU CA  HA   sing N N 172 
LEU C   O    doub N N 173 
LEU C   OXT  sing N N 174 
LEU CB  CG   sing N N 175 
LEU CB  HB2  sing N N 176 
LEU CB  HB3  sing N N 177 
LEU CG  CD1  sing N N 178 
LEU CG  CD2  sing N N 179 
LEU CG  HG   sing N N 180 
LEU CD1 HD11 sing N N 181 
LEU CD1 HD12 sing N N 182 
LEU CD1 HD13 sing N N 183 
LEU CD2 HD21 sing N N 184 
LEU CD2 HD22 sing N N 185 
LEU CD2 HD23 sing N N 186 
LEU OXT HXT  sing N N 187 
LYS N   CA   sing N N 188 
LYS N   H    sing N N 189 
LYS N   H2   sing N N 190 
LYS CA  C    sing N N 191 
LYS CA  CB   sing N N 192 
LYS CA  HA   sing N N 193 
LYS C   O    doub N N 194 
LYS C   OXT  sing N N 195 
LYS CB  CG   sing N N 196 
LYS CB  HB2  sing N N 197 
LYS CB  HB3  sing N N 198 
LYS CG  CD   sing N N 199 
LYS CG  HG2  sing N N 200 
LYS CG  HG3  sing N N 201 
LYS CD  CE   sing N N 202 
LYS CD  HD2  sing N N 203 
LYS CD  HD3  sing N N 204 
LYS CE  NZ   sing N N 205 
LYS CE  HE2  sing N N 206 
LYS CE  HE3  sing N N 207 
LYS NZ  HZ1  sing N N 208 
LYS NZ  HZ2  sing N N 209 
LYS NZ  HZ3  sing N N 210 
LYS OXT HXT  sing N N 211 
MET N   CA   sing N N 212 
MET N   H    sing N N 213 
MET N   H2   sing N N 214 
MET CA  C    sing N N 215 
MET CA  CB   sing N N 216 
MET CA  HA   sing N N 217 
MET C   O    doub N N 218 
MET C   OXT  sing N N 219 
MET CB  CG   sing N N 220 
MET CB  HB2  sing N N 221 
MET CB  HB3  sing N N 222 
MET CG  SD   sing N N 223 
MET CG  HG2  sing N N 224 
MET CG  HG3  sing N N 225 
MET SD  CE   sing N N 226 
MET CE  HE1  sing N N 227 
MET CE  HE2  sing N N 228 
MET CE  HE3  sing N N 229 
MET OXT HXT  sing N N 230 
PHE N   CA   sing N N 231 
PHE N   H    sing N N 232 
PHE N   H2   sing N N 233 
PHE CA  C    sing N N 234 
PHE CA  CB   sing N N 235 
PHE CA  HA   sing N N 236 
PHE C   O    doub N N 237 
PHE C   OXT  sing N N 238 
PHE CB  CG   sing N N 239 
PHE CB  HB2  sing N N 240 
PHE CB  HB3  sing N N 241 
PHE CG  CD1  doub Y N 242 
PHE CG  CD2  sing Y N 243 
PHE CD1 CE1  sing Y N 244 
PHE CD1 HD1  sing N N 245 
PHE CD2 CE2  doub Y N 246 
PHE CD2 HD2  sing N N 247 
PHE CE1 CZ   doub Y N 248 
PHE CE1 HE1  sing N N 249 
PHE CE2 CZ   sing Y N 250 
PHE CE2 HE2  sing N N 251 
PHE CZ  HZ   sing N N 252 
PHE OXT HXT  sing N N 253 
PO4 P   O1   doub N N 254 
PO4 P   O2   sing N N 255 
PO4 P   O3   sing N N 256 
PO4 P   O4   sing N N 257 
PRO N   CA   sing N N 258 
PRO N   CD   sing N N 259 
PRO N   H    sing N N 260 
PRO CA  C    sing N N 261 
PRO CA  CB   sing N N 262 
PRO CA  HA   sing N N 263 
PRO C   O    doub N N 264 
PRO C   OXT  sing N N 265 
PRO CB  CG   sing N N 266 
PRO CB  HB2  sing N N 267 
PRO CB  HB3  sing N N 268 
PRO CG  CD   sing N N 269 
PRO CG  HG2  sing N N 270 
PRO CG  HG3  sing N N 271 
PRO CD  HD2  sing N N 272 
PRO CD  HD3  sing N N 273 
PRO OXT HXT  sing N N 274 
SER N   CA   sing N N 275 
SER N   H    sing N N 276 
SER N   H2   sing N N 277 
SER CA  C    sing N N 278 
SER CA  CB   sing N N 279 
SER CA  HA   sing N N 280 
SER C   O    doub N N 281 
SER C   OXT  sing N N 282 
SER CB  OG   sing N N 283 
SER CB  HB2  sing N N 284 
SER CB  HB3  sing N N 285 
SER OG  HG   sing N N 286 
SER OXT HXT  sing N N 287 
THR N   CA   sing N N 288 
THR N   H    sing N N 289 
THR N   H2   sing N N 290 
THR CA  C    sing N N 291 
THR CA  CB   sing N N 292 
THR CA  HA   sing N N 293 
THR C   O    doub N N 294 
THR C   OXT  sing N N 295 
THR CB  OG1  sing N N 296 
THR CB  CG2  sing N N 297 
THR CB  HB   sing N N 298 
THR OG1 HG1  sing N N 299 
THR CG2 HG21 sing N N 300 
THR CG2 HG22 sing N N 301 
THR CG2 HG23 sing N N 302 
THR OXT HXT  sing N N 303 
TRP N   CA   sing N N 304 
TRP N   H    sing N N 305 
TRP N   H2   sing N N 306 
TRP CA  C    sing N N 307 
TRP CA  CB   sing N N 308 
TRP CA  HA   sing N N 309 
TRP C   O    doub N N 310 
TRP C   OXT  sing N N 311 
TRP CB  CG   sing N N 312 
TRP CB  HB2  sing N N 313 
TRP CB  HB3  sing N N 314 
TRP CG  CD1  doub Y N 315 
TRP CG  CD2  sing Y N 316 
TRP CD1 NE1  sing Y N 317 
TRP CD1 HD1  sing N N 318 
TRP CD2 CE2  doub Y N 319 
TRP CD2 CE3  sing Y N 320 
TRP NE1 CE2  sing Y N 321 
TRP NE1 HE1  sing N N 322 
TRP CE2 CZ2  sing Y N 323 
TRP CE3 CZ3  doub Y N 324 
TRP CE3 HE3  sing N N 325 
TRP CZ2 CH2  doub Y N 326 
TRP CZ2 HZ2  sing N N 327 
TRP CZ3 CH2  sing Y N 328 
TRP CZ3 HZ3  sing N N 329 
TRP CH2 HH2  sing N N 330 
TRP OXT HXT  sing N N 331 
VAL N   CA   sing N N 332 
VAL N   H    sing N N 333 
VAL N   H2   sing N N 334 
VAL CA  C    sing N N 335 
VAL CA  CB   sing N N 336 
VAL CA  HA   sing N N 337 
VAL C   O    doub N N 338 
VAL C   OXT  sing N N 339 
VAL CB  CG1  sing N N 340 
VAL CB  CG2  sing N N 341 
VAL CB  HB   sing N N 342 
VAL CG1 HG11 sing N N 343 
VAL CG1 HG12 sing N N 344 
VAL CG1 HG13 sing N N 345 
VAL CG2 HG21 sing N N 346 
VAL CG2 HG22 sing N N 347 
VAL CG2 HG23 sing N N 348 
VAL OXT HXT  sing N N 349 
# 
loop_
_pdbx_entity_nonpoly.entity_id 
_pdbx_entity_nonpoly.name 
_pdbx_entity_nonpoly.comp_id 
2 'PHOSPHATE ION' PO4 
3 'ACETIC ACID'   ACY 
4 water           HOH 
# 
_pdbx_initial_refinement_model.id               1 
_pdbx_initial_refinement_model.entity_id_list   ? 
_pdbx_initial_refinement_model.type             'experimental model' 
_pdbx_initial_refinement_model.source_name      PDB 
_pdbx_initial_refinement_model.accession_code   4KY3 
_pdbx_initial_refinement_model.details          'PDB ENTRY 4KY3' 
# 
_pdbx_struct_assembly_auth_evidence.id                     1 
_pdbx_struct_assembly_auth_evidence.assembly_id            1 
_pdbx_struct_assembly_auth_evidence.experimental_support   'light scattering' 
_pdbx_struct_assembly_auth_evidence.details                ? 
# 
